data_2JTK
#
_entry.id   2JTK
#
_cell.length_a   1.000
_cell.length_b   1.000
_cell.length_c   1.000
_cell.angle_alpha   90.00
_cell.angle_beta   90.00
_cell.angle_gamma   90.00
#
_symmetry.space_group_name_H-M   'P 1'
#
_entity_poly.entity_id   1
_entity_poly.type   'polypeptide(L)'
_entity_poly.pdbx_seq_one_letter_code
;GSMPHIKGHEGDPCLRSSDCIDGFCCARHFWTKICKPVLHQGEVCTKQRKKGSHGLEIFQRCDCAKGLSCKVWKDATYSS
KARLHVCQKI
;
_entity_poly.pdbx_strand_id   A
#
# COMPACT_ATOMS: atom_id res chain seq x y z
N MET A 3 -11.19 -19.06 -0.57
CA MET A 3 -10.55 -19.32 0.72
C MET A 3 -11.18 -18.45 1.82
N PRO A 4 -11.04 -18.90 3.07
CA PRO A 4 -11.57 -18.19 4.24
C PRO A 4 -10.83 -16.88 4.51
N HIS A 5 -11.17 -16.23 5.62
CA HIS A 5 -10.53 -14.98 6.00
C HIS A 5 -9.04 -15.17 6.24
N ILE A 6 -8.24 -14.84 5.23
CA ILE A 6 -6.79 -14.98 5.32
C ILE A 6 -6.16 -13.77 5.99
N LYS A 7 -5.41 -14.01 7.07
CA LYS A 7 -4.76 -12.93 7.79
C LYS A 7 -3.41 -12.60 7.17
N GLY A 8 -2.80 -11.51 7.64
CA GLY A 8 -1.51 -11.10 7.11
C GLY A 8 -0.35 -11.63 7.93
N HIS A 9 -0.13 -11.04 9.10
CA HIS A 9 0.95 -11.46 9.98
C HIS A 9 2.31 -11.18 9.35
N GLU A 10 2.32 -10.30 8.34
CA GLU A 10 3.55 -9.95 7.65
C GLU A 10 4.21 -11.18 7.06
N GLY A 11 3.72 -11.61 5.91
CA GLY A 11 4.28 -12.79 5.25
C GLY A 11 3.21 -13.78 4.82
N ASP A 12 2.06 -13.26 4.40
CA ASP A 12 0.96 -14.10 3.97
C ASP A 12 0.41 -13.64 2.62
N PRO A 13 0.13 -14.59 1.73
CA PRO A 13 -0.40 -14.31 0.39
C PRO A 13 -1.83 -13.78 0.44
N CYS A 14 -2.05 -12.65 -0.22
CA CYS A 14 -3.38 -12.03 -0.26
C CYS A 14 -3.86 -11.86 -1.70
N LEU A 15 -5.17 -11.81 -1.88
CA LEU A 15 -5.76 -11.64 -3.21
C LEU A 15 -7.05 -10.83 -3.13
N ARG A 16 -7.25 -10.14 -2.01
CA ARG A 16 -8.44 -9.32 -1.82
C ARG A 16 -8.06 -7.90 -1.45
N SER A 17 -9.06 -7.01 -1.43
CA SER A 17 -8.83 -5.61 -1.09
C SER A 17 -8.05 -5.49 0.22
N SER A 18 -8.17 -6.50 1.07
CA SER A 18 -7.48 -6.50 2.35
C SER A 18 -6.89 -7.87 2.65
N ASP A 19 -7.73 -8.79 3.10
CA ASP A 19 -7.30 -10.14 3.42
C ASP A 19 -6.08 -10.12 4.35
N CYS A 20 -6.14 -9.27 5.37
CA CYS A 20 -5.06 -9.15 6.32
C CYS A 20 -5.59 -8.89 7.72
N ILE A 21 -4.70 -8.94 8.71
CA ILE A 21 -5.08 -8.71 10.10
C ILE A 21 -5.90 -7.43 10.24
N ASP A 22 -6.69 -7.35 11.30
CA ASP A 22 -7.52 -6.18 11.54
C ASP A 22 -6.70 -4.89 11.41
N GLY A 23 -5.42 -4.97 11.74
CA GLY A 23 -4.56 -3.81 11.64
C GLY A 23 -3.47 -3.98 10.60
N PHE A 24 -3.78 -4.70 9.54
CA PHE A 24 -2.82 -4.94 8.47
C PHE A 24 -3.45 -4.69 7.11
N CYS A 25 -2.61 -4.48 6.10
CA CYS A 25 -3.08 -4.24 4.73
C CYS A 25 -2.28 -5.05 3.72
N CYS A 26 -2.96 -5.53 2.69
CA CYS A 26 -2.31 -6.31 1.65
C CYS A 26 -1.55 -5.42 0.68
N ALA A 27 -0.29 -5.75 0.42
CA ALA A 27 0.53 -4.98 -0.49
C ALA A 27 0.99 -5.83 -1.68
N ARG A 28 1.59 -5.18 -2.67
CA ARG A 28 2.06 -5.87 -3.86
C ARG A 28 3.58 -6.01 -3.83
N HIS A 29 4.06 -7.24 -4.01
CA HIS A 29 5.50 -7.51 -4.00
C HIS A 29 5.94 -8.12 -5.34
N PHE A 30 7.20 -7.88 -5.70
CA PHE A 30 7.74 -8.40 -6.95
C PHE A 30 7.43 -9.89 -7.10
N TRP A 31 8.05 -10.70 -6.24
CA TRP A 31 7.83 -12.15 -6.28
C TRP A 31 6.34 -12.48 -6.32
N THR A 32 5.62 -12.03 -5.30
CA THR A 32 4.19 -12.28 -5.22
C THR A 32 3.50 -11.31 -4.27
N LYS A 33 2.17 -11.31 -4.26
CA LYS A 33 1.41 -10.43 -3.39
C LYS A 33 1.38 -10.96 -1.96
N ILE A 34 1.90 -10.16 -1.04
CA ILE A 34 1.93 -10.56 0.37
C ILE A 34 1.23 -9.53 1.24
N CYS A 35 1.07 -9.85 2.52
CA CYS A 35 0.42 -8.94 3.47
C CYS A 35 1.45 -8.15 4.26
N LYS A 36 1.23 -6.85 4.37
CA LYS A 36 2.14 -5.97 5.11
C LYS A 36 1.38 -5.15 6.15
N PRO A 37 2.10 -4.71 7.18
CA PRO A 37 1.51 -3.91 8.27
C PRO A 37 1.14 -2.51 7.81
N VAL A 38 0.51 -1.74 8.70
CA VAL A 38 0.09 -0.39 8.39
C VAL A 38 1.26 0.58 8.45
N LEU A 39 1.11 1.73 7.80
CA LEU A 39 2.17 2.75 7.78
C LEU A 39 1.88 3.85 8.80
N HIS A 40 2.86 4.72 9.01
CA HIS A 40 2.72 5.82 9.95
C HIS A 40 3.24 7.12 9.35
N GLN A 41 3.02 8.22 10.06
CA GLN A 41 3.46 9.53 9.59
C GLN A 41 4.88 9.46 9.05
N GLY A 42 5.10 10.07 7.89
CA GLY A 42 6.42 10.07 7.28
C GLY A 42 6.57 8.99 6.22
N GLU A 43 5.75 7.94 6.32
CA GLU A 43 5.79 6.85 5.37
C GLU A 43 5.06 7.21 4.10
N VAL A 44 5.35 6.48 3.01
CA VAL A 44 4.73 6.72 1.73
C VAL A 44 3.23 6.42 1.79
N CYS A 45 2.43 7.23 1.09
CA CYS A 45 0.99 7.06 1.06
C CYS A 45 0.49 6.86 -0.36
N THR A 46 -0.66 6.21 -0.50
CA THR A 46 -1.25 5.96 -1.82
C THR A 46 -2.74 6.27 -1.82
N LYS A 47 -3.12 7.34 -2.51
CA LYS A 47 -4.51 7.73 -2.60
C LYS A 47 -5.01 7.68 -4.03
N GLN A 48 -4.12 7.32 -4.96
CA GLN A 48 -4.46 7.23 -6.37
C GLN A 48 -3.62 6.17 -7.07
N ARG A 49 -4.25 5.07 -7.44
CA ARG A 49 -3.57 3.98 -8.11
C ARG A 49 -4.44 3.39 -9.23
N LYS A 50 -3.88 3.32 -10.43
CA LYS A 50 -4.60 2.79 -11.58
C LYS A 50 -3.91 1.53 -12.12
N LYS A 51 -4.55 0.38 -11.93
CA LYS A 51 -4.00 -0.89 -12.40
C LYS A 51 -5.04 -1.67 -13.20
N GLY A 52 -4.68 -2.01 -14.44
CA GLY A 52 -5.59 -2.74 -15.29
C GLY A 52 -5.09 -2.86 -16.72
N SER A 53 -4.67 -1.74 -17.28
CA SER A 53 -4.17 -1.71 -18.66
C SER A 53 -2.82 -2.42 -18.74
N HIS A 54 -2.38 -2.67 -19.98
CA HIS A 54 -1.11 -3.35 -20.21
C HIS A 54 0.07 -2.44 -19.84
N GLY A 55 1.20 -3.04 -19.52
CA GLY A 55 2.38 -2.28 -19.15
C GLY A 55 2.12 -1.34 -17.99
N LEU A 56 1.88 -1.90 -16.81
CA LEU A 56 1.61 -1.11 -15.62
C LEU A 56 2.74 -1.25 -14.60
N GLU A 57 2.75 -0.36 -13.62
CA GLU A 57 3.77 -0.39 -12.58
C GLU A 57 3.22 -0.96 -11.28
N ILE A 58 4.04 -1.75 -10.60
CA ILE A 58 3.63 -2.37 -9.34
C ILE A 58 3.72 -1.37 -8.20
N PHE A 59 2.78 -1.48 -7.25
CA PHE A 59 2.76 -0.58 -6.10
C PHE A 59 2.92 -1.37 -4.80
N GLN A 60 4.08 -1.23 -4.17
CA GLN A 60 4.36 -1.92 -2.91
C GLN A 60 4.20 -0.98 -1.72
N ARG A 61 2.96 -0.74 -1.32
CA ARG A 61 2.68 0.14 -0.19
C ARG A 61 1.29 -0.11 0.37
N CYS A 62 1.00 0.48 1.52
CA CYS A 62 -0.30 0.32 2.16
C CYS A 62 -0.79 1.64 2.74
N ASP A 63 -2.04 1.66 3.19
CA ASP A 63 -2.63 2.86 3.76
C ASP A 63 -1.99 3.19 5.11
N CYS A 64 -2.16 4.43 5.56
CA CYS A 64 -1.59 4.87 6.83
C CYS A 64 -2.44 4.38 8.00
N ALA A 65 -1.88 4.47 9.20
CA ALA A 65 -2.59 4.04 10.40
C ALA A 65 -3.76 4.96 10.72
N LYS A 66 -4.68 4.49 11.55
CA LYS A 66 -5.85 5.27 11.93
C LYS A 66 -5.42 6.59 12.59
N GLY A 67 -5.95 7.69 12.08
CA GLY A 67 -5.62 9.00 12.63
C GLY A 67 -4.56 9.71 11.83
N LEU A 68 -4.36 9.27 10.58
CA LEU A 68 -3.37 9.88 9.71
C LEU A 68 -4.00 10.41 8.43
N SER A 69 -3.45 11.49 7.90
CA SER A 69 -3.99 12.10 6.68
C SER A 69 -3.02 11.89 5.51
N CYS A 70 -3.56 11.47 4.38
CA CYS A 70 -2.75 11.22 3.18
C CYS A 70 -2.51 12.52 2.43
N LYS A 71 -1.27 12.99 2.45
CA LYS A 71 -0.90 14.22 1.76
C LYS A 71 0.13 13.94 0.66
N VAL A 72 0.09 14.74 -0.40
CA VAL A 72 1.02 14.58 -1.51
C VAL A 72 2.44 14.93 -1.09
N TRP A 73 3.40 14.17 -1.60
CA TRP A 73 4.80 14.41 -1.28
C TRP A 73 5.65 14.41 -2.54
N LYS A 74 6.23 15.57 -2.85
CA LYS A 74 7.07 15.71 -4.03
C LYS A 74 8.46 15.14 -3.79
N ASP A 75 8.75 14.00 -4.40
CA ASP A 75 10.04 13.35 -4.24
C ASP A 75 10.50 12.72 -5.55
N ALA A 76 11.82 12.65 -5.75
CA ALA A 76 12.38 12.06 -6.95
C ALA A 76 12.06 10.58 -7.04
N THR A 77 10.84 10.25 -7.46
CA THR A 77 10.42 8.87 -7.59
C THR A 77 9.16 8.76 -8.44
N TYR A 78 8.26 9.73 -8.29
CA TYR A 78 7.01 9.74 -9.03
C TYR A 78 7.28 9.77 -10.54
N SER A 79 8.49 10.16 -10.90
CA SER A 79 8.89 10.25 -12.31
C SER A 79 8.53 8.97 -13.05
N SER A 80 8.48 7.86 -12.32
CA SER A 80 8.16 6.56 -12.89
C SER A 80 6.84 6.61 -13.64
N LYS A 81 5.80 7.11 -12.97
CA LYS A 81 4.47 7.21 -13.57
C LYS A 81 3.49 7.83 -12.59
N ALA A 82 3.20 7.14 -11.50
CA ALA A 82 2.28 7.63 -10.49
C ALA A 82 2.96 8.63 -9.57
N ARG A 83 2.15 9.38 -8.81
CA ARG A 83 2.68 10.38 -7.90
C ARG A 83 2.93 9.77 -6.52
N LEU A 84 3.93 10.29 -5.83
CA LEU A 84 4.29 9.81 -4.50
C LEU A 84 3.66 10.67 -3.41
N HIS A 85 3.18 10.03 -2.35
CA HIS A 85 2.56 10.74 -1.24
C HIS A 85 3.16 10.31 0.09
N VAL A 86 2.81 11.03 1.15
CA VAL A 86 3.32 10.72 2.49
C VAL A 86 2.19 10.74 3.52
N CYS A 87 2.44 10.10 4.66
CA CYS A 87 1.45 10.05 5.73
C CYS A 87 1.72 11.12 6.78
N GLN A 88 0.65 11.67 7.36
CA GLN A 88 0.79 12.70 8.38
C GLN A 88 -0.11 12.39 9.58
N LYS A 89 0.51 12.30 10.75
CA LYS A 89 -0.23 12.02 11.98
C LYS A 89 -1.11 13.20 12.37
N ILE A 90 -2.42 13.00 12.31
CA ILE A 90 -3.37 14.05 12.67
C ILE A 90 -3.32 14.37 14.16
N MET A 3 -14.27 -16.65 -0.68
CA MET A 3 -12.93 -17.15 -0.45
C MET A 3 -12.63 -17.22 1.05
N PRO A 4 -11.61 -18.01 1.41
CA PRO A 4 -11.20 -18.18 2.81
C PRO A 4 -10.54 -16.93 3.37
N HIS A 5 -10.86 -16.62 4.63
CA HIS A 5 -10.30 -15.44 5.29
C HIS A 5 -8.82 -15.65 5.61
N ILE A 6 -7.95 -15.05 4.81
CA ILE A 6 -6.52 -15.18 5.01
C ILE A 6 -5.95 -13.95 5.71
N LYS A 7 -5.18 -14.17 6.77
CA LYS A 7 -4.57 -13.09 7.52
C LYS A 7 -3.21 -12.72 6.95
N GLY A 8 -2.63 -11.62 7.44
CA GLY A 8 -1.33 -11.19 6.97
C GLY A 8 -0.21 -11.69 7.86
N HIS A 9 0.00 -10.99 8.98
CA HIS A 9 1.05 -11.36 9.92
C HIS A 9 2.43 -11.08 9.33
N GLU A 10 2.46 -10.29 8.26
CA GLU A 10 3.71 -9.95 7.59
C GLU A 10 4.38 -11.19 7.02
N GLY A 11 3.99 -11.56 5.81
CA GLY A 11 4.57 -12.73 5.16
C GLY A 11 3.51 -13.73 4.73
N ASP A 12 2.34 -13.23 4.34
CA ASP A 12 1.24 -14.08 3.90
C ASP A 12 0.68 -13.60 2.57
N PRO A 13 0.36 -14.56 1.68
CA PRO A 13 -0.19 -14.26 0.36
C PRO A 13 -1.62 -13.72 0.44
N CYS A 14 -1.88 -12.64 -0.29
CA CYS A 14 -3.20 -12.02 -0.30
C CYS A 14 -3.64 -11.71 -1.73
N LEU A 15 -4.95 -11.66 -1.94
CA LEU A 15 -5.51 -11.38 -3.26
C LEU A 15 -6.85 -10.65 -3.14
N ARG A 16 -7.09 -10.07 -1.97
CA ARG A 16 -8.34 -9.34 -1.73
C ARG A 16 -8.05 -7.89 -1.33
N SER A 17 -9.10 -7.09 -1.25
CA SER A 17 -8.96 -5.69 -0.89
C SER A 17 -8.13 -5.54 0.39
N SER A 18 -8.16 -6.58 1.23
CA SER A 18 -7.41 -6.56 2.47
C SER A 18 -6.84 -7.94 2.79
N ASP A 19 -7.69 -8.81 3.32
CA ASP A 19 -7.26 -10.17 3.66
C ASP A 19 -5.99 -10.15 4.51
N CYS A 20 -6.02 -9.38 5.59
CA CYS A 20 -4.87 -9.26 6.48
C CYS A 20 -5.32 -9.08 7.92
N ILE A 21 -4.37 -9.13 8.85
CA ILE A 21 -4.66 -8.96 10.26
C ILE A 21 -5.50 -7.71 10.51
N ASP A 22 -6.22 -7.69 11.63
CA ASP A 22 -7.05 -6.56 11.97
C ASP A 22 -6.31 -5.24 11.77
N GLY A 23 -5.00 -5.26 12.04
CA GLY A 23 -4.19 -4.07 11.87
C GLY A 23 -3.13 -4.24 10.80
N PHE A 24 -3.51 -4.83 9.68
CA PHE A 24 -2.57 -5.06 8.58
C PHE A 24 -3.24 -4.78 7.23
N CYS A 25 -2.43 -4.56 6.21
CA CYS A 25 -2.95 -4.30 4.87
C CYS A 25 -2.17 -5.08 3.82
N CYS A 26 -2.87 -5.54 2.78
CA CYS A 26 -2.25 -6.30 1.71
C CYS A 26 -1.54 -5.38 0.73
N ALA A 27 -0.26 -5.64 0.48
CA ALA A 27 0.52 -4.84 -0.45
C ALA A 27 1.06 -5.68 -1.60
N ARG A 28 1.62 -5.02 -2.60
CA ARG A 28 2.16 -5.71 -3.75
C ARG A 28 3.68 -5.84 -3.65
N HIS A 29 4.18 -7.06 -3.85
CA HIS A 29 5.62 -7.32 -3.77
C HIS A 29 6.13 -7.89 -5.10
N PHE A 30 7.41 -7.63 -5.38
CA PHE A 30 8.02 -8.12 -6.61
C PHE A 30 7.74 -9.60 -6.82
N TRP A 31 8.32 -10.43 -5.96
CA TRP A 31 8.13 -11.88 -6.05
C TRP A 31 6.65 -12.23 -6.17
N THR A 32 5.87 -11.82 -5.18
CA THR A 32 4.44 -12.09 -5.17
C THR A 32 3.71 -11.15 -4.22
N LYS A 33 2.37 -11.18 -4.26
CA LYS A 33 1.55 -10.33 -3.40
C LYS A 33 1.52 -10.88 -1.99
N ILE A 34 1.99 -10.07 -1.03
CA ILE A 34 2.01 -10.47 0.36
C ILE A 34 1.33 -9.43 1.24
N CYS A 35 1.15 -9.75 2.52
CA CYS A 35 0.50 -8.84 3.47
C CYS A 35 1.55 -8.09 4.28
N LYS A 36 1.33 -6.80 4.45
CA LYS A 36 2.26 -5.95 5.21
C LYS A 36 1.50 -5.14 6.25
N PRO A 37 2.23 -4.66 7.28
CA PRO A 37 1.65 -3.86 8.35
C PRO A 37 1.23 -2.47 7.89
N VAL A 38 0.58 -1.72 8.77
CA VAL A 38 0.12 -0.38 8.45
C VAL A 38 1.27 0.62 8.51
N LEU A 39 1.08 1.78 7.87
CA LEU A 39 2.10 2.82 7.84
C LEU A 39 1.75 3.93 8.83
N HIS A 40 2.70 4.85 9.05
CA HIS A 40 2.50 5.96 9.95
C HIS A 40 3.00 7.26 9.34
N GLN A 41 2.73 8.38 10.02
CA GLN A 41 3.16 9.69 9.54
C GLN A 41 4.62 9.64 9.07
N GLY A 42 4.87 10.18 7.89
CA GLY A 42 6.21 10.19 7.35
C GLY A 42 6.45 9.06 6.35
N GLU A 43 5.55 8.09 6.35
CA GLU A 43 5.67 6.95 5.44
C GLU A 43 4.99 7.24 4.11
N VAL A 44 5.34 6.47 3.08
CA VAL A 44 4.78 6.65 1.75
C VAL A 44 3.28 6.35 1.76
N CYS A 45 2.51 7.18 1.05
CA CYS A 45 1.07 7.01 0.97
C CYS A 45 0.63 6.81 -0.47
N THR A 46 -0.53 6.17 -0.65
CA THR A 46 -1.07 5.91 -1.98
C THR A 46 -2.55 6.22 -2.04
N LYS A 47 -2.91 7.29 -2.76
CA LYS A 47 -4.29 7.69 -2.90
C LYS A 47 -4.76 7.55 -4.34
N GLN A 48 -3.85 7.16 -5.22
CA GLN A 48 -4.16 6.97 -6.63
C GLN A 48 -3.28 5.90 -7.25
N ARG A 49 -3.89 4.76 -7.58
CA ARG A 49 -3.17 3.65 -8.17
C ARG A 49 -3.99 2.98 -9.27
N LYS A 50 -3.51 3.07 -10.50
CA LYS A 50 -4.21 2.47 -11.64
C LYS A 50 -3.89 0.98 -11.76
N LYS A 51 -4.92 0.15 -11.60
CA LYS A 51 -4.75 -1.29 -11.68
C LYS A 51 -5.92 -1.93 -12.42
N GLY A 52 -5.65 -2.42 -13.63
CA GLY A 52 -6.70 -3.06 -14.42
C GLY A 52 -6.34 -3.14 -15.88
N SER A 53 -5.78 -2.06 -16.42
CA SER A 53 -5.40 -2.01 -17.83
C SER A 53 -3.96 -2.49 -18.02
N HIS A 54 -3.60 -2.78 -19.27
CA HIS A 54 -2.24 -3.24 -19.57
C HIS A 54 -1.24 -2.10 -19.48
N GLY A 55 0.01 -2.45 -19.17
CA GLY A 55 1.04 -1.43 -19.05
C GLY A 55 0.98 -0.70 -17.72
N LEU A 56 0.94 -1.45 -16.63
CA LEU A 56 0.88 -0.86 -15.29
C LEU A 56 2.15 -1.14 -14.51
N GLU A 57 2.31 -0.46 -13.38
CA GLU A 57 3.48 -0.64 -12.54
C GLU A 57 3.10 -1.15 -11.16
N ILE A 58 3.94 -2.02 -10.60
CA ILE A 58 3.68 -2.58 -9.28
C ILE A 58 3.84 -1.52 -8.19
N PHE A 59 3.01 -1.61 -7.15
CA PHE A 59 3.06 -0.65 -6.05
C PHE A 59 3.19 -1.38 -4.71
N GLN A 60 4.37 -1.28 -4.10
CA GLN A 60 4.63 -1.93 -2.83
C GLN A 60 4.43 -0.95 -1.67
N ARG A 61 3.18 -0.73 -1.29
CA ARG A 61 2.87 0.18 -0.20
C ARG A 61 1.48 -0.09 0.35
N CYS A 62 1.21 0.41 1.56
CA CYS A 62 -0.08 0.22 2.20
C CYS A 62 -0.63 1.54 2.73
N ASP A 63 -1.89 1.52 3.16
CA ASP A 63 -2.53 2.73 3.69
C ASP A 63 -1.94 3.10 5.05
N CYS A 64 -2.16 4.35 5.45
CA CYS A 64 -1.65 4.84 6.73
C CYS A 64 -2.52 4.35 7.88
N ALA A 65 -2.02 4.51 9.10
CA ALA A 65 -2.74 4.08 10.29
C ALA A 65 -3.98 4.95 10.52
N LYS A 66 -4.92 4.44 11.31
CA LYS A 66 -6.14 5.17 11.61
C LYS A 66 -5.84 6.51 12.27
N GLY A 67 -6.36 7.59 11.68
CA GLY A 67 -6.13 8.91 12.24
C GLY A 67 -5.05 9.67 11.49
N LEU A 68 -4.73 9.20 10.28
CA LEU A 68 -3.70 9.85 9.46
C LEU A 68 -4.30 10.35 8.15
N SER A 69 -3.71 11.42 7.62
CA SER A 69 -4.17 12.01 6.37
C SER A 69 -3.16 11.79 5.25
N CYS A 70 -3.66 11.41 4.08
CA CYS A 70 -2.80 11.16 2.93
C CYS A 70 -2.55 12.45 2.16
N LYS A 71 -1.30 12.94 2.23
CA LYS A 71 -0.92 14.16 1.54
C LYS A 71 0.12 13.88 0.47
N VAL A 72 0.12 14.68 -0.59
CA VAL A 72 1.08 14.52 -1.68
C VAL A 72 2.48 14.92 -1.24
N TRP A 73 3.47 14.17 -1.70
CA TRP A 73 4.87 14.45 -1.35
C TRP A 73 5.74 14.45 -2.60
N LYS A 74 6.28 15.62 -2.94
CA LYS A 74 7.14 15.75 -4.11
C LYS A 74 8.55 15.24 -3.81
N ASP A 75 8.89 14.09 -4.38
CA ASP A 75 10.20 13.50 -4.17
C ASP A 75 10.71 12.84 -5.45
N ALA A 76 12.03 12.82 -5.62
CA ALA A 76 12.64 12.21 -6.81
C ALA A 76 12.37 10.71 -6.85
N THR A 77 11.17 10.34 -7.28
CA THR A 77 10.80 8.94 -7.38
C THR A 77 9.56 8.75 -8.25
N TYR A 78 8.62 9.69 -8.14
CA TYR A 78 7.39 9.64 -8.92
C TYR A 78 7.69 9.62 -10.41
N SER A 79 8.90 10.04 -10.78
CA SER A 79 9.32 10.08 -12.17
C SER A 79 9.03 8.76 -12.86
N SER A 80 9.01 7.68 -12.09
CA SER A 80 8.75 6.35 -12.62
C SER A 80 7.44 6.32 -13.39
N LYS A 81 6.36 6.76 -12.75
CA LYS A 81 5.05 6.78 -13.37
C LYS A 81 4.02 7.45 -12.46
N ALA A 82 3.72 6.79 -11.34
CA ALA A 82 2.75 7.31 -10.39
C ALA A 82 3.39 8.38 -9.50
N ARG A 83 2.55 9.12 -8.78
CA ARG A 83 3.02 10.17 -7.89
C ARG A 83 3.30 9.63 -6.50
N LEU A 84 4.26 10.23 -5.80
CA LEU A 84 4.63 9.81 -4.46
C LEU A 84 3.92 10.67 -3.41
N HIS A 85 3.38 10.01 -2.39
CA HIS A 85 2.69 10.70 -1.31
C HIS A 85 3.23 10.30 0.06
N VAL A 86 2.86 11.05 1.08
CA VAL A 86 3.32 10.77 2.44
C VAL A 86 2.15 10.80 3.43
N CYS A 87 2.35 10.18 4.59
CA CYS A 87 1.32 10.13 5.61
C CYS A 87 1.56 11.21 6.67
N GLN A 88 0.47 11.70 7.25
CA GLN A 88 0.57 12.74 8.28
C GLN A 88 -0.41 12.46 9.42
N LYS A 89 0.09 12.48 10.65
CA LYS A 89 -0.74 12.24 11.82
C LYS A 89 -1.72 13.38 12.05
N ILE A 90 -3.01 13.08 11.90
CA ILE A 90 -4.05 14.08 12.08
C ILE A 90 -4.09 14.57 13.53
N MET A 3 -12.11 -19.46 -1.29
CA MET A 3 -11.44 -18.20 -0.98
C MET A 3 -11.72 -17.76 0.45
N PRO A 4 -11.18 -18.52 1.42
CA PRO A 4 -11.37 -18.23 2.85
C PRO A 4 -10.63 -16.97 3.28
N HIS A 5 -11.18 -16.28 4.27
CA HIS A 5 -10.57 -15.05 4.78
C HIS A 5 -9.13 -15.30 5.21
N ILE A 6 -8.19 -14.80 4.44
CA ILE A 6 -6.77 -14.97 4.73
C ILE A 6 -6.21 -13.74 5.45
N LYS A 7 -5.50 -13.98 6.54
CA LYS A 7 -4.90 -12.90 7.31
C LYS A 7 -3.50 -12.58 6.81
N GLY A 8 -2.92 -11.48 7.32
CA GLY A 8 -1.58 -11.09 6.90
C GLY A 8 -0.52 -11.60 7.85
N HIS A 9 -0.34 -10.91 8.97
CA HIS A 9 0.66 -11.30 9.96
C HIS A 9 2.07 -11.07 9.42
N GLU A 10 2.17 -10.29 8.35
CA GLU A 10 3.46 -9.99 7.74
C GLU A 10 4.11 -11.25 7.18
N GLY A 11 3.75 -11.59 5.95
CA GLY A 11 4.30 -12.78 5.32
C GLY A 11 3.23 -13.74 4.86
N ASP A 12 2.10 -13.20 4.41
CA ASP A 12 1.00 -14.03 3.95
C ASP A 12 0.49 -13.56 2.59
N PRO A 13 0.21 -14.51 1.69
CA PRO A 13 -0.28 -14.21 0.34
C PRO A 13 -1.70 -13.66 0.35
N CYS A 14 -1.90 -12.54 -0.33
CA CYS A 14 -3.22 -11.91 -0.40
C CYS A 14 -3.67 -11.75 -1.85
N LEU A 15 -4.97 -11.62 -2.05
CA LEU A 15 -5.52 -11.46 -3.39
C LEU A 15 -6.80 -10.64 -3.35
N ARG A 16 -6.98 -9.89 -2.26
CA ARG A 16 -8.17 -9.05 -2.11
C ARG A 16 -7.77 -7.63 -1.69
N SER A 17 -8.75 -6.73 -1.70
CA SER A 17 -8.50 -5.33 -1.33
C SER A 17 -7.76 -5.25 0.01
N SER A 18 -7.95 -6.27 0.84
CA SER A 18 -7.32 -6.30 2.15
C SER A 18 -6.77 -7.70 2.46
N ASP A 19 -7.65 -8.58 2.92
CA ASP A 19 -7.27 -9.95 3.25
C ASP A 19 -6.06 -9.96 4.17
N CYS A 20 -6.11 -9.16 5.24
CA CYS A 20 -5.01 -9.08 6.18
C CYS A 20 -5.52 -8.85 7.60
N ILE A 21 -4.63 -8.93 8.58
CA ILE A 21 -5.00 -8.72 9.97
C ILE A 21 -5.80 -7.44 10.14
N ASP A 22 -6.58 -7.38 11.21
CA ASP A 22 -7.40 -6.21 11.49
C ASP A 22 -6.59 -4.93 11.32
N GLY A 23 -5.31 -4.98 11.69
CA GLY A 23 -4.45 -3.82 11.57
C GLY A 23 -3.34 -4.03 10.55
N PHE A 24 -3.70 -4.63 9.41
CA PHE A 24 -2.73 -4.88 8.35
C PHE A 24 -3.33 -4.61 6.98
N CYS A 25 -2.47 -4.41 5.99
CA CYS A 25 -2.93 -4.14 4.63
C CYS A 25 -2.12 -4.95 3.62
N CYS A 26 -2.80 -5.44 2.58
CA CYS A 26 -2.15 -6.22 1.54
C CYS A 26 -1.38 -5.33 0.57
N ALA A 27 -0.12 -5.66 0.34
CA ALA A 27 0.72 -4.89 -0.57
C ALA A 27 1.21 -5.75 -1.73
N ARG A 28 1.81 -5.11 -2.73
CA ARG A 28 2.33 -5.81 -3.89
C ARG A 28 3.85 -5.96 -3.82
N HIS A 29 4.33 -7.19 -3.97
CA HIS A 29 5.75 -7.46 -3.92
C HIS A 29 6.23 -8.08 -5.23
N PHE A 30 7.50 -7.86 -5.56
CA PHE A 30 8.08 -8.39 -6.79
C PHE A 30 7.76 -9.87 -6.93
N TRP A 31 8.35 -10.68 -6.07
CA TRP A 31 8.13 -12.13 -6.10
C TRP A 31 6.65 -12.45 -6.18
N THR A 32 5.89 -12.00 -5.18
CA THR A 32 4.46 -12.24 -5.14
C THR A 32 3.76 -11.25 -4.21
N LYS A 33 2.43 -11.25 -4.24
CA LYS A 33 1.65 -10.36 -3.39
C LYS A 33 1.57 -10.88 -1.97
N ILE A 34 2.07 -10.10 -1.02
CA ILE A 34 2.06 -10.48 0.37
C ILE A 34 1.36 -9.43 1.23
N CYS A 35 1.16 -9.74 2.51
CA CYS A 35 0.50 -8.84 3.43
C CYS A 35 1.51 -8.05 4.24
N LYS A 36 1.31 -6.74 4.35
CA LYS A 36 2.21 -5.87 5.09
C LYS A 36 1.44 -5.06 6.13
N PRO A 37 2.14 -4.62 7.18
CA PRO A 37 1.55 -3.81 8.25
C PRO A 37 1.18 -2.42 7.79
N VAL A 38 0.54 -1.66 8.69
CA VAL A 38 0.13 -0.29 8.37
C VAL A 38 1.31 0.67 8.43
N LEU A 39 1.17 1.83 7.81
CA LEU A 39 2.22 2.83 7.80
C LEU A 39 1.93 3.94 8.81
N HIS A 40 2.91 4.81 9.04
CA HIS A 40 2.75 5.91 9.99
C HIS A 40 3.27 7.21 9.39
N GLN A 41 3.03 8.31 10.09
CA GLN A 41 3.48 9.62 9.63
C GLN A 41 4.91 9.56 9.10
N GLY A 42 5.14 10.14 7.93
CA GLY A 42 6.46 10.14 7.35
C GLY A 42 6.64 9.04 6.31
N GLU A 43 5.76 8.06 6.35
CA GLU A 43 5.82 6.94 5.42
C GLU A 43 5.10 7.27 4.11
N VAL A 44 5.40 6.50 3.07
CA VAL A 44 4.77 6.71 1.77
C VAL A 44 3.27 6.46 1.82
N CYS A 45 2.50 7.31 1.15
CA CYS A 45 1.05 7.17 1.13
C CYS A 45 0.54 6.99 -0.31
N THR A 46 -0.64 6.39 -0.44
CA THR A 46 -1.23 6.16 -1.75
C THR A 46 -2.71 6.51 -1.75
N LYS A 47 -3.05 7.59 -2.44
CA LYS A 47 -4.44 8.03 -2.53
C LYS A 47 -4.98 7.89 -3.95
N GLN A 48 -4.14 7.36 -4.84
CA GLN A 48 -4.53 7.16 -6.23
C GLN A 48 -3.81 5.97 -6.83
N ARG A 49 -4.56 4.90 -7.09
CA ARG A 49 -3.99 3.69 -7.67
C ARG A 49 -4.92 3.09 -8.70
N LYS A 50 -4.46 2.99 -9.94
CA LYS A 50 -5.27 2.44 -11.02
C LYS A 50 -4.71 1.09 -11.47
N LYS A 51 -5.56 0.09 -11.52
CA LYS A 51 -5.16 -1.25 -11.92
C LYS A 51 -6.22 -1.90 -12.82
N GLY A 52 -5.90 -2.05 -14.10
CA GLY A 52 -6.83 -2.65 -15.03
C GLY A 52 -6.17 -3.11 -16.32
N SER A 53 -5.31 -2.26 -16.86
CA SER A 53 -4.60 -2.58 -18.10
C SER A 53 -3.37 -3.44 -17.82
N HIS A 54 -2.77 -3.97 -18.88
CA HIS A 54 -1.59 -4.81 -18.75
C HIS A 54 -0.32 -4.00 -18.99
N GLY A 55 0.71 -4.26 -18.18
CA GLY A 55 1.96 -3.55 -18.31
C GLY A 55 2.08 -2.39 -17.35
N LEU A 56 1.30 -2.44 -16.27
CA LEU A 56 1.32 -1.38 -15.27
C LEU A 56 2.52 -1.54 -14.33
N GLU A 57 2.75 -0.52 -13.50
CA GLU A 57 3.87 -0.56 -12.56
C GLU A 57 3.41 -1.09 -11.21
N ILE A 58 4.27 -1.90 -10.59
CA ILE A 58 3.97 -2.48 -9.28
C ILE A 58 4.00 -1.43 -8.19
N PHE A 59 3.12 -1.56 -7.21
CA PHE A 59 3.05 -0.62 -6.10
C PHE A 59 3.17 -1.35 -4.76
N GLN A 60 4.31 -1.18 -4.11
CA GLN A 60 4.55 -1.82 -2.81
C GLN A 60 4.36 -0.83 -1.66
N ARG A 61 3.10 -0.60 -1.30
CA ARG A 61 2.77 0.32 -0.22
C ARG A 61 1.39 0.02 0.35
N CYS A 62 1.08 0.64 1.48
CA CYS A 62 -0.22 0.44 2.14
C CYS A 62 -0.72 1.75 2.74
N ASP A 63 -1.97 1.74 3.20
CA ASP A 63 -2.57 2.92 3.80
C ASP A 63 -1.93 3.23 5.15
N CYS A 64 -2.09 4.46 5.61
CA CYS A 64 -1.52 4.89 6.88
C CYS A 64 -2.36 4.39 8.05
N ALA A 65 -1.82 4.52 9.26
CA ALA A 65 -2.53 4.09 10.46
C ALA A 65 -3.74 4.98 10.75
N LYS A 66 -4.66 4.47 11.55
CA LYS A 66 -5.86 5.22 11.90
C LYS A 66 -5.51 6.54 12.58
N GLY A 67 -6.02 7.65 12.04
CA GLY A 67 -5.74 8.95 12.61
C GLY A 67 -4.68 9.70 11.83
N LEU A 68 -4.40 9.23 10.62
CA LEU A 68 -3.39 9.87 9.77
C LEU A 68 -4.01 10.41 8.49
N SER A 69 -3.42 11.46 7.95
CA SER A 69 -3.92 12.08 6.71
C SER A 69 -2.95 11.85 5.57
N CYS A 70 -3.50 11.56 4.39
CA CYS A 70 -2.69 11.32 3.20
C CYS A 70 -2.43 12.63 2.46
N LYS A 71 -1.17 13.08 2.49
CA LYS A 71 -0.79 14.31 1.82
C LYS A 71 0.22 14.03 0.71
N VAL A 72 0.16 14.82 -0.35
CA VAL A 72 1.07 14.65 -1.48
C VAL A 72 2.50 15.02 -1.09
N TRP A 73 3.46 14.26 -1.60
CA TRP A 73 4.87 14.52 -1.30
C TRP A 73 5.70 14.51 -2.58
N LYS A 74 6.25 15.68 -2.93
CA LYS A 74 7.07 15.81 -4.12
C LYS A 74 8.48 15.28 -3.88
N ASP A 75 8.77 14.13 -4.47
CA ASP A 75 10.08 13.50 -4.32
C ASP A 75 10.53 12.84 -5.62
N ALA A 76 11.84 12.80 -5.84
CA ALA A 76 12.38 12.19 -7.05
C ALA A 76 12.10 10.69 -7.10
N THR A 77 10.87 10.35 -7.49
CA THR A 77 10.46 8.95 -7.57
C THR A 77 9.19 8.80 -8.39
N TYR A 78 8.28 9.75 -8.25
CA TYR A 78 7.02 9.72 -8.97
C TYR A 78 7.25 9.72 -10.48
N SER A 79 8.46 10.11 -10.88
CA SER A 79 8.82 10.15 -12.30
C SER A 79 8.50 8.83 -12.98
N SER A 80 8.48 7.76 -12.20
CA SER A 80 8.19 6.42 -12.73
C SER A 80 6.85 6.42 -13.45
N LYS A 81 5.80 6.81 -12.75
CA LYS A 81 4.46 6.86 -13.32
C LYS A 81 3.48 7.54 -12.38
N ALA A 82 3.19 6.90 -11.26
CA ALA A 82 2.27 7.45 -10.27
C ALA A 82 2.96 8.51 -9.41
N ARG A 83 2.17 9.25 -8.65
CA ARG A 83 2.71 10.30 -7.78
C ARG A 83 3.03 9.74 -6.40
N LEU A 84 4.03 10.34 -5.75
CA LEU A 84 4.43 9.89 -4.42
C LEU A 84 3.79 10.77 -3.34
N HIS A 85 3.30 10.13 -2.28
CA HIS A 85 2.67 10.84 -1.18
C HIS A 85 3.25 10.40 0.17
N VAL A 86 2.92 11.15 1.22
CA VAL A 86 3.42 10.83 2.56
C VAL A 86 2.29 10.85 3.58
N CYS A 87 2.52 10.22 4.72
CA CYS A 87 1.52 10.16 5.77
C CYS A 87 1.80 11.22 6.85
N GLN A 88 0.74 11.71 7.48
CA GLN A 88 0.87 12.73 8.51
C GLN A 88 -0.07 12.43 9.67
N LYS A 89 0.48 12.43 10.89
CA LYS A 89 -0.32 12.17 12.08
C LYS A 89 -1.28 13.33 12.36
N ILE A 90 -2.57 13.06 12.24
CA ILE A 90 -3.59 14.07 12.47
C ILE A 90 -3.60 14.50 13.93
N MET A 3 -12.45 -17.13 -1.81
CA MET A 3 -11.43 -17.73 -0.97
C MET A 3 -11.72 -17.46 0.50
N PRO A 4 -11.12 -18.27 1.39
CA PRO A 4 -11.30 -18.13 2.84
C PRO A 4 -10.63 -16.88 3.38
N HIS A 5 -11.04 -16.46 4.59
CA HIS A 5 -10.48 -15.28 5.22
C HIS A 5 -9.01 -15.51 5.60
N ILE A 6 -8.11 -14.96 4.79
CA ILE A 6 -6.68 -15.11 5.05
C ILE A 6 -6.11 -13.87 5.72
N LYS A 7 -5.38 -14.09 6.82
CA LYS A 7 -4.78 -12.99 7.56
C LYS A 7 -3.39 -12.66 7.02
N GLY A 8 -2.82 -11.56 7.51
CA GLY A 8 -1.49 -11.17 7.06
C GLY A 8 -0.40 -11.65 7.98
N HIS A 9 -0.21 -10.95 9.10
CA HIS A 9 0.82 -11.32 10.07
C HIS A 9 2.21 -11.06 9.51
N GLU A 10 2.28 -10.30 8.42
CA GLU A 10 3.55 -9.97 7.79
C GLU A 10 4.22 -11.23 7.24
N GLY A 11 3.85 -11.59 6.01
CA GLY A 11 4.42 -12.77 5.39
C GLY A 11 3.37 -13.77 4.95
N ASP A 12 2.22 -13.27 4.53
CA ASP A 12 1.12 -14.12 4.08
C ASP A 12 0.58 -13.65 2.73
N PRO A 13 0.28 -14.62 1.85
CA PRO A 13 -0.24 -14.34 0.51
C PRO A 13 -1.67 -13.80 0.55
N CYS A 14 -1.90 -12.71 -0.18
CA CYS A 14 -3.22 -12.09 -0.23
C CYS A 14 -3.66 -11.87 -1.66
N LEU A 15 -4.97 -11.80 -1.88
CA LEU A 15 -5.52 -11.59 -3.21
C LEU A 15 -6.83 -10.81 -3.14
N ARG A 16 -7.06 -10.15 -2.01
CA ARG A 16 -8.27 -9.36 -1.81
C ARG A 16 -7.92 -7.92 -1.44
N SER A 17 -8.93 -7.05 -1.42
CA SER A 17 -8.75 -5.66 -1.08
C SER A 17 -7.96 -5.51 0.21
N SER A 18 -8.06 -6.51 1.07
CA SER A 18 -7.36 -6.50 2.36
C SER A 18 -6.81 -7.88 2.69
N ASP A 19 -7.68 -8.76 3.18
CA ASP A 19 -7.27 -10.12 3.54
C ASP A 19 -6.03 -10.10 4.42
N CYS A 20 -6.08 -9.30 5.49
CA CYS A 20 -4.96 -9.19 6.41
C CYS A 20 -5.45 -8.95 7.83
N ILE A 21 -4.53 -9.01 8.78
CA ILE A 21 -4.87 -8.80 10.18
C ILE A 21 -5.69 -7.52 10.37
N ASP A 22 -6.45 -7.47 11.46
CA ASP A 22 -7.27 -6.30 11.76
C ASP A 22 -6.48 -5.01 11.55
N GLY A 23 -5.19 -5.06 11.88
CA GLY A 23 -4.35 -3.88 11.73
C GLY A 23 -3.27 -4.08 10.68
N PHE A 24 -3.63 -4.70 9.57
CA PHE A 24 -2.67 -4.96 8.49
C PHE A 24 -3.31 -4.71 7.13
N CYS A 25 -2.48 -4.52 6.11
CA CYS A 25 -2.96 -4.26 4.77
C CYS A 25 -2.16 -5.07 3.74
N CYS A 26 -2.85 -5.57 2.73
CA CYS A 26 -2.21 -6.35 1.68
C CYS A 26 -1.48 -5.46 0.69
N ALA A 27 -0.21 -5.78 0.43
CA ALA A 27 0.60 -5.00 -0.50
C ALA A 27 1.09 -5.86 -1.66
N ARG A 28 1.66 -5.21 -2.67
CA ARG A 28 2.16 -5.92 -3.84
C ARG A 28 3.68 -6.05 -3.79
N HIS A 29 4.17 -7.27 -3.95
CA HIS A 29 5.60 -7.54 -3.92
C HIS A 29 6.07 -8.15 -5.23
N PHE A 30 7.32 -7.91 -5.58
CA PHE A 30 7.89 -8.44 -6.82
C PHE A 30 7.61 -9.93 -6.95
N TRP A 31 8.22 -10.73 -6.09
CA TRP A 31 8.04 -12.18 -6.11
C TRP A 31 6.56 -12.53 -6.16
N THR A 32 5.81 -12.09 -5.14
CA THR A 32 4.38 -12.35 -5.07
C THR A 32 3.68 -11.37 -4.14
N LYS A 33 2.35 -11.39 -4.14
CA LYS A 33 1.57 -10.50 -3.30
C LYS A 33 1.53 -11.02 -1.87
N ILE A 34 2.03 -10.20 -0.94
CA ILE A 34 2.05 -10.58 0.47
C ILE A 34 1.35 -9.53 1.33
N CYS A 35 1.17 -9.83 2.61
CA CYS A 35 0.51 -8.91 3.53
C CYS A 35 1.54 -8.11 4.32
N LYS A 36 1.30 -6.80 4.42
CA LYS A 36 2.20 -5.91 5.15
C LYS A 36 1.44 -5.11 6.19
N PRO A 37 2.16 -4.65 7.22
CA PRO A 37 1.58 -3.86 8.30
C PRO A 37 1.16 -2.47 7.85
N VAL A 38 0.54 -1.71 8.75
CA VAL A 38 0.09 -0.36 8.45
C VAL A 38 1.26 0.63 8.47
N LEU A 39 1.05 1.78 7.84
CA LEU A 39 2.08 2.81 7.79
C LEU A 39 1.83 3.89 8.84
N HIS A 40 2.79 4.79 9.00
CA HIS A 40 2.68 5.88 9.97
C HIS A 40 3.22 7.18 9.38
N GLN A 41 3.01 8.27 10.11
CA GLN A 41 3.47 9.59 9.67
C GLN A 41 4.90 9.51 9.15
N GLY A 42 5.12 10.04 7.95
CA GLY A 42 6.45 10.02 7.36
C GLY A 42 6.60 8.91 6.32
N GLU A 43 5.66 7.97 6.33
CA GLU A 43 5.71 6.86 5.39
C GLU A 43 5.00 7.22 4.08
N VAL A 44 5.29 6.47 3.02
CA VAL A 44 4.69 6.71 1.72
C VAL A 44 3.18 6.47 1.76
N CYS A 45 2.42 7.36 1.14
CA CYS A 45 0.97 7.24 1.10
C CYS A 45 0.48 7.09 -0.33
N THR A 46 -0.70 6.48 -0.48
CA THR A 46 -1.29 6.27 -1.80
C THR A 46 -2.77 6.61 -1.80
N LYS A 47 -3.12 7.70 -2.46
CA LYS A 47 -4.51 8.13 -2.55
C LYS A 47 -5.04 8.01 -3.98
N GLN A 48 -4.20 7.51 -4.87
CA GLN A 48 -4.58 7.34 -6.27
C GLN A 48 -3.85 6.15 -6.90
N ARG A 49 -4.59 5.09 -7.18
CA ARG A 49 -4.02 3.89 -7.78
C ARG A 49 -4.96 3.31 -8.84
N LYS A 50 -4.55 3.39 -10.09
CA LYS A 50 -5.34 2.87 -11.19
C LYS A 50 -4.59 1.78 -11.95
N LYS A 51 -5.18 0.60 -12.02
CA LYS A 51 -4.57 -0.53 -12.72
C LYS A 51 -5.61 -1.32 -13.50
N GLY A 52 -5.22 -1.76 -14.70
CA GLY A 52 -6.14 -2.53 -15.53
C GLY A 52 -5.43 -3.25 -16.66
N SER A 53 -5.13 -2.52 -17.73
CA SER A 53 -4.46 -3.10 -18.89
C SER A 53 -3.01 -3.44 -18.55
N HIS A 54 -2.36 -4.18 -19.45
CA HIS A 54 -0.97 -4.57 -19.26
C HIS A 54 -0.04 -3.37 -19.39
N GLY A 55 1.22 -3.56 -19.03
CA GLY A 55 2.19 -2.48 -19.12
C GLY A 55 2.04 -1.48 -18.00
N LEU A 56 1.78 -1.97 -16.79
CA LEU A 56 1.62 -1.10 -15.63
C LEU A 56 2.75 -1.33 -14.63
N GLU A 57 2.83 -0.44 -13.64
CA GLU A 57 3.86 -0.54 -12.62
C GLU A 57 3.30 -1.09 -11.32
N ILE A 58 4.07 -1.94 -10.65
CA ILE A 58 3.64 -2.54 -9.39
C ILE A 58 3.67 -1.52 -8.25
N PHE A 59 2.70 -1.62 -7.36
CA PHE A 59 2.62 -0.70 -6.22
C PHE A 59 2.78 -1.45 -4.91
N GLN A 60 3.91 -1.25 -4.26
CA GLN A 60 4.20 -1.90 -2.99
C GLN A 60 4.06 -0.93 -1.82
N ARG A 61 2.83 -0.68 -1.41
CA ARG A 61 2.56 0.24 -0.31
C ARG A 61 1.18 0.00 0.28
N CYS A 62 0.96 0.49 1.50
CA CYS A 62 -0.31 0.32 2.18
C CYS A 62 -0.79 1.65 2.77
N ASP A 63 -2.03 1.66 3.24
CA ASP A 63 -2.61 2.86 3.83
C ASP A 63 -1.96 3.17 5.17
N CYS A 64 -2.10 4.42 5.61
CA CYS A 64 -1.52 4.85 6.88
C CYS A 64 -2.38 4.39 8.06
N ALA A 65 -1.84 4.51 9.26
CA ALA A 65 -2.55 4.11 10.46
C ALA A 65 -3.74 5.02 10.73
N LYS A 66 -4.68 4.54 11.55
CA LYS A 66 -5.86 5.32 11.87
C LYS A 66 -5.48 6.64 12.55
N GLY A 67 -6.03 7.73 12.05
CA GLY A 67 -5.74 9.04 12.62
C GLY A 67 -4.67 9.78 11.83
N LEU A 68 -4.38 9.31 10.63
CA LEU A 68 -3.38 9.93 9.78
C LEU A 68 -4.01 10.48 8.50
N SER A 69 -3.38 11.49 7.92
CA SER A 69 -3.88 12.11 6.70
C SER A 69 -2.92 11.88 5.54
N CYS A 70 -3.46 11.70 4.35
CA CYS A 70 -2.66 11.47 3.16
C CYS A 70 -2.36 12.79 2.45
N LYS A 71 -1.09 13.21 2.50
CA LYS A 71 -0.68 14.44 1.85
C LYS A 71 0.34 14.17 0.75
N VAL A 72 0.20 14.88 -0.37
CA VAL A 72 1.10 14.71 -1.49
C VAL A 72 2.54 15.06 -1.11
N TRP A 73 3.49 14.30 -1.61
CA TRP A 73 4.91 14.53 -1.32
C TRP A 73 5.74 14.51 -2.61
N LYS A 74 6.30 15.67 -2.95
CA LYS A 74 7.12 15.79 -4.15
C LYS A 74 8.52 15.23 -3.91
N ASP A 75 8.80 14.07 -4.49
CA ASP A 75 10.09 13.43 -4.35
C ASP A 75 10.53 12.76 -5.65
N ALA A 76 11.83 12.69 -5.87
CA ALA A 76 12.37 12.07 -7.08
C ALA A 76 12.05 10.58 -7.12
N THR A 77 10.83 10.26 -7.50
CA THR A 77 10.39 8.87 -7.59
C THR A 77 9.11 8.73 -8.41
N TYR A 78 8.22 9.71 -8.26
CA TYR A 78 6.95 9.69 -8.99
C TYR A 78 7.19 9.68 -10.49
N SER A 79 8.40 10.05 -10.90
CA SER A 79 8.75 10.09 -12.32
C SER A 79 8.41 8.77 -12.99
N SER A 80 8.39 7.69 -12.20
CA SER A 80 8.08 6.37 -12.73
C SER A 80 6.74 6.36 -13.45
N LYS A 81 5.69 6.74 -12.73
CA LYS A 81 4.35 6.78 -13.30
C LYS A 81 3.39 7.52 -12.38
N ALA A 82 3.07 6.89 -11.25
CA ALA A 82 2.16 7.49 -10.27
C ALA A 82 2.87 8.52 -9.42
N ARG A 83 2.10 9.29 -8.65
CA ARG A 83 2.66 10.32 -7.79
C ARG A 83 2.98 9.75 -6.41
N LEU A 84 3.97 10.36 -5.75
CA LEU A 84 4.37 9.92 -4.42
C LEU A 84 3.76 10.80 -3.34
N HIS A 85 3.29 10.17 -2.27
CA HIS A 85 2.67 10.90 -1.16
C HIS A 85 3.27 10.45 0.18
N VAL A 86 2.95 11.19 1.24
CA VAL A 86 3.44 10.87 2.58
C VAL A 86 2.31 10.89 3.59
N CYS A 87 2.53 10.23 4.72
CA CYS A 87 1.53 10.17 5.79
C CYS A 87 1.83 11.20 6.86
N GLN A 88 0.77 11.70 7.50
CA GLN A 88 0.91 12.70 8.56
C GLN A 88 -0.05 12.42 9.70
N LYS A 89 0.48 12.39 10.92
CA LYS A 89 -0.33 12.13 12.10
C LYS A 89 -1.26 13.30 12.39
N ILE A 90 -2.56 13.05 12.23
CA ILE A 90 -3.57 14.09 12.46
C ILE A 90 -3.61 14.49 13.94
N MET A 3 -9.81 -22.82 5.43
CA MET A 3 -10.98 -21.96 5.56
C MET A 3 -10.78 -20.66 4.79
N PRO A 4 -11.90 -19.97 4.49
CA PRO A 4 -11.87 -18.70 3.76
C PRO A 4 -11.28 -17.57 4.61
N HIS A 5 -11.16 -16.39 3.99
CA HIS A 5 -10.61 -15.23 4.68
C HIS A 5 -9.16 -15.47 5.10
N ILE A 6 -8.23 -14.89 4.34
CA ILE A 6 -6.82 -15.04 4.63
C ILE A 6 -6.26 -13.81 5.33
N LYS A 7 -5.54 -14.04 6.43
CA LYS A 7 -4.95 -12.96 7.20
C LYS A 7 -3.54 -12.62 6.70
N GLY A 8 -2.98 -11.53 7.19
CA GLY A 8 -1.65 -11.14 6.78
C GLY A 8 -0.57 -11.64 7.73
N HIS A 9 -0.40 -10.96 8.85
CA HIS A 9 0.61 -11.35 9.83
C HIS A 9 2.02 -11.08 9.30
N GLU A 10 2.09 -10.31 8.22
CA GLU A 10 3.38 -9.99 7.61
C GLU A 10 4.06 -11.24 7.06
N GLY A 11 3.72 -11.59 5.82
CA GLY A 11 4.30 -12.76 5.20
C GLY A 11 3.25 -13.76 4.74
N ASP A 12 2.11 -13.25 4.29
CA ASP A 12 1.02 -14.09 3.82
C ASP A 12 0.50 -13.62 2.47
N PRO A 13 0.21 -14.59 1.59
CA PRO A 13 -0.30 -14.29 0.24
C PRO A 13 -1.71 -13.73 0.26
N CYS A 14 -1.93 -12.66 -0.49
CA CYS A 14 -3.24 -12.02 -0.56
C CYS A 14 -3.63 -11.73 -2.01
N LEU A 15 -4.93 -11.65 -2.26
CA LEU A 15 -5.44 -11.38 -3.60
C LEU A 15 -6.75 -10.61 -3.54
N ARG A 16 -7.00 -9.95 -2.41
CA ARG A 16 -8.22 -9.19 -2.23
C ARG A 16 -7.90 -7.75 -1.83
N SER A 17 -8.92 -6.90 -1.80
CA SER A 17 -8.76 -5.50 -1.44
C SER A 17 -8.00 -5.37 -0.12
N SER A 18 -8.10 -6.40 0.72
CA SER A 18 -7.44 -6.40 2.02
C SER A 18 -6.91 -7.80 2.36
N ASP A 19 -7.80 -8.65 2.84
CA ASP A 19 -7.43 -10.01 3.20
C ASP A 19 -6.20 -10.02 4.10
N CYS A 20 -6.25 -9.24 5.18
CA CYS A 20 -5.14 -9.15 6.11
C CYS A 20 -5.64 -8.93 7.54
N ILE A 21 -4.73 -9.00 8.50
CA ILE A 21 -5.07 -8.80 9.90
C ILE A 21 -5.88 -7.53 10.10
N ASP A 22 -6.65 -7.48 11.18
CA ASP A 22 -7.48 -6.32 11.48
C ASP A 22 -6.69 -5.03 11.29
N GLY A 23 -5.39 -5.08 11.61
CA GLY A 23 -4.55 -3.91 11.48
C GLY A 23 -3.45 -4.11 10.45
N PHE A 24 -3.79 -4.71 9.32
CA PHE A 24 -2.83 -4.96 8.26
C PHE A 24 -3.45 -4.69 6.89
N CYS A 25 -2.59 -4.50 5.89
CA CYS A 25 -3.04 -4.23 4.54
C CYS A 25 -2.24 -5.04 3.52
N CYS A 26 -2.92 -5.51 2.48
CA CYS A 26 -2.27 -6.30 1.44
C CYS A 26 -1.51 -5.40 0.47
N ALA A 27 -0.25 -5.73 0.24
CA ALA A 27 0.59 -4.96 -0.67
C ALA A 27 1.08 -5.81 -1.84
N ARG A 28 1.69 -5.16 -2.82
CA ARG A 28 2.19 -5.86 -4.00
C ARG A 28 3.71 -6.01 -3.93
N HIS A 29 4.19 -7.24 -4.10
CA HIS A 29 5.63 -7.50 -4.05
C HIS A 29 6.10 -8.12 -5.36
N PHE A 30 7.37 -7.89 -5.70
CA PHE A 30 7.94 -8.42 -6.93
C PHE A 30 7.63 -9.91 -7.07
N TRP A 31 8.24 -10.72 -6.20
CA TRP A 31 8.03 -12.16 -6.24
C TRP A 31 6.54 -12.49 -6.30
N THR A 32 5.79 -12.04 -5.31
CA THR A 32 4.35 -12.29 -5.25
C THR A 32 3.65 -11.31 -4.32
N LYS A 33 2.33 -11.31 -4.36
CA LYS A 33 1.54 -10.41 -3.52
C LYS A 33 1.48 -10.94 -2.08
N ILE A 34 1.97 -10.14 -1.15
CA ILE A 34 1.97 -10.51 0.26
C ILE A 34 1.26 -9.47 1.11
N CYS A 35 1.05 -9.78 2.39
CA CYS A 35 0.39 -8.87 3.30
C CYS A 35 1.42 -8.08 4.12
N LYS A 36 1.20 -6.77 4.21
CA LYS A 36 2.09 -5.89 4.97
C LYS A 36 1.33 -5.10 6.01
N PRO A 37 2.03 -4.65 7.06
CA PRO A 37 1.44 -3.88 8.15
C PRO A 37 1.04 -2.48 7.70
N VAL A 38 0.40 -1.73 8.61
CA VAL A 38 -0.04 -0.37 8.31
C VAL A 38 1.14 0.61 8.36
N LEU A 39 0.95 1.77 7.75
CA LEU A 39 1.99 2.80 7.73
C LEU A 39 1.71 3.87 8.78
N HIS A 40 2.68 4.77 8.97
CA HIS A 40 2.54 5.85 9.94
C HIS A 40 3.10 7.15 9.38
N GLN A 41 2.87 8.24 10.10
CA GLN A 41 3.34 9.56 9.68
C GLN A 41 4.79 9.48 9.19
N GLY A 42 5.03 10.02 8.00
CA GLY A 42 6.37 10.00 7.44
C GLY A 42 6.54 8.90 6.40
N GLU A 43 5.62 7.96 6.38
CA GLU A 43 5.67 6.85 5.43
C GLU A 43 5.00 7.22 4.11
N VAL A 44 5.32 6.48 3.06
CA VAL A 44 4.74 6.73 1.74
C VAL A 44 3.23 6.49 1.75
N CYS A 45 2.49 7.38 1.10
CA CYS A 45 1.04 7.26 1.03
C CYS A 45 0.58 7.11 -0.42
N THR A 46 -0.59 6.49 -0.59
CA THR A 46 -1.14 6.28 -1.93
C THR A 46 -2.62 6.63 -1.97
N LYS A 47 -2.95 7.69 -2.68
CA LYS A 47 -4.34 8.14 -2.81
C LYS A 47 -4.81 8.05 -4.25
N GLN A 48 -3.91 7.65 -5.14
CA GLN A 48 -4.23 7.53 -6.56
C GLN A 48 -3.40 6.43 -7.21
N ARG A 49 -4.06 5.34 -7.58
CA ARG A 49 -3.38 4.21 -8.21
C ARG A 49 -4.24 3.63 -9.33
N LYS A 50 -3.64 3.49 -10.51
CA LYS A 50 -4.34 2.93 -11.66
C LYS A 50 -4.04 1.44 -11.82
N LYS A 51 -5.08 0.61 -11.75
CA LYS A 51 -4.92 -0.83 -11.88
C LYS A 51 -6.05 -1.42 -12.71
N GLY A 52 -5.72 -1.87 -13.93
CA GLY A 52 -6.72 -2.45 -14.80
C GLY A 52 -6.25 -2.56 -16.23
N SER A 53 -5.31 -1.68 -16.61
CA SER A 53 -4.78 -1.68 -17.96
C SER A 53 -3.52 -2.55 -18.06
N HIS A 54 -3.15 -2.90 -19.29
CA HIS A 54 -1.97 -3.73 -19.52
C HIS A 54 -0.70 -2.88 -19.53
N GLY A 55 0.35 -3.39 -18.90
CA GLY A 55 1.61 -2.67 -18.85
C GLY A 55 1.60 -1.58 -17.79
N LEU A 56 1.38 -1.97 -16.54
CA LEU A 56 1.35 -1.01 -15.43
C LEU A 56 2.53 -1.24 -14.49
N GLU A 57 2.75 -0.28 -13.59
CA GLU A 57 3.84 -0.38 -12.64
C GLU A 57 3.35 -0.95 -11.30
N ILE A 58 4.15 -1.81 -10.70
CA ILE A 58 3.80 -2.42 -9.42
C ILE A 58 3.85 -1.39 -8.29
N PHE A 59 2.95 -1.55 -7.33
CA PHE A 59 2.89 -0.63 -6.19
C PHE A 59 3.04 -1.40 -4.87
N GLN A 60 4.19 -1.24 -4.23
CA GLN A 60 4.45 -1.91 -2.96
C GLN A 60 4.27 -0.95 -1.79
N ARG A 61 3.03 -0.70 -1.39
CA ARG A 61 2.73 0.19 -0.29
C ARG A 61 1.33 -0.06 0.25
N CYS A 62 1.03 0.50 1.42
CA CYS A 62 -0.26 0.33 2.05
C CYS A 62 -0.76 1.66 2.64
N ASP A 63 -2.01 1.67 3.07
CA ASP A 63 -2.61 2.87 3.65
C ASP A 63 -1.99 3.18 5.01
N CYS A 64 -2.14 4.42 5.46
CA CYS A 64 -1.60 4.84 6.75
C CYS A 64 -2.49 4.36 7.89
N ALA A 65 -1.97 4.47 9.12
CA ALA A 65 -2.72 4.05 10.30
C ALA A 65 -3.91 4.97 10.55
N LYS A 66 -4.87 4.48 11.32
CA LYS A 66 -6.07 5.26 11.64
C LYS A 66 -5.69 6.58 12.34
N GLY A 67 -6.23 7.68 11.83
CA GLY A 67 -5.94 8.97 12.41
C GLY A 67 -4.86 9.73 11.66
N LEU A 68 -4.54 9.26 10.46
CA LEU A 68 -3.51 9.88 9.64
C LEU A 68 -4.11 10.44 8.36
N SER A 69 -3.47 11.47 7.80
CA SER A 69 -3.94 12.09 6.57
C SER A 69 -2.94 11.88 5.44
N CYS A 70 -3.46 11.72 4.23
CA CYS A 70 -2.62 11.50 3.06
C CYS A 70 -2.30 12.82 2.37
N LYS A 71 -1.04 13.24 2.45
CA LYS A 71 -0.60 14.49 1.83
C LYS A 71 0.45 14.22 0.75
N VAL A 72 0.32 14.92 -0.37
CA VAL A 72 1.26 14.77 -1.48
C VAL A 72 2.69 15.10 -1.04
N TRP A 73 3.65 14.34 -1.54
CA TRP A 73 5.05 14.56 -1.21
C TRP A 73 5.92 14.55 -2.46
N LYS A 74 6.50 15.70 -2.78
CA LYS A 74 7.36 15.83 -3.95
C LYS A 74 8.74 15.26 -3.68
N ASP A 75 9.03 14.10 -4.28
CA ASP A 75 10.32 13.44 -4.10
C ASP A 75 10.78 12.79 -5.39
N ALA A 76 12.09 12.71 -5.58
CA ALA A 76 12.66 12.11 -6.78
C ALA A 76 12.34 10.62 -6.85
N THR A 77 11.11 10.31 -7.28
CA THR A 77 10.67 8.92 -7.40
C THR A 77 9.41 8.81 -8.25
N TYR A 78 8.53 9.79 -8.12
CA TYR A 78 7.29 9.81 -8.88
C TYR A 78 7.56 9.81 -10.38
N SER A 79 8.78 10.18 -10.74
CA SER A 79 9.18 10.24 -12.15
C SER A 79 8.85 8.93 -12.85
N SER A 80 8.78 7.84 -12.09
CA SER A 80 8.49 6.53 -12.64
C SER A 80 7.17 6.55 -13.40
N LYS A 81 6.10 6.95 -12.72
CA LYS A 81 4.77 7.02 -13.33
C LYS A 81 3.79 7.75 -12.41
N ALA A 82 3.44 7.09 -11.29
CA ALA A 82 2.52 7.67 -10.34
C ALA A 82 3.21 8.69 -9.45
N ARG A 83 2.42 9.45 -8.69
CA ARG A 83 2.96 10.46 -7.79
C ARG A 83 3.24 9.88 -6.41
N LEU A 84 4.21 10.45 -5.71
CA LEU A 84 4.58 9.98 -4.37
C LEU A 84 3.93 10.86 -3.30
N HIS A 85 3.41 10.22 -2.25
CA HIS A 85 2.78 10.94 -1.15
C HIS A 85 3.33 10.48 0.19
N VAL A 86 3.00 11.20 1.25
CA VAL A 86 3.46 10.86 2.59
C VAL A 86 2.30 10.88 3.59
N CYS A 87 2.50 10.22 4.72
CA CYS A 87 1.48 10.15 5.76
C CYS A 87 1.75 11.18 6.85
N GLN A 88 0.69 11.68 7.47
CA GLN A 88 0.81 12.67 8.53
C GLN A 88 -0.18 12.39 9.65
N LYS A 89 0.33 12.35 10.88
CA LYS A 89 -0.51 12.08 12.05
C LYS A 89 -1.45 13.25 12.31
N ILE A 90 -2.75 13.02 12.14
CA ILE A 90 -3.75 14.04 12.36
C ILE A 90 -3.83 14.43 13.83
N MET A 3 -15.02 -18.15 -0.09
CA MET A 3 -14.55 -16.86 0.38
C MET A 3 -13.89 -16.97 1.75
N PRO A 4 -12.71 -17.60 1.80
CA PRO A 4 -11.96 -17.79 3.05
C PRO A 4 -11.41 -16.48 3.60
N HIS A 5 -10.84 -16.54 4.80
CA HIS A 5 -10.27 -15.36 5.43
C HIS A 5 -8.81 -15.59 5.80
N ILE A 6 -7.91 -15.05 4.97
CA ILE A 6 -6.48 -15.20 5.20
C ILE A 6 -5.91 -13.96 5.88
N LYS A 7 -5.13 -14.19 6.94
CA LYS A 7 -4.51 -13.10 7.69
C LYS A 7 -3.15 -12.74 7.10
N GLY A 8 -2.58 -11.65 7.59
CA GLY A 8 -1.27 -11.22 7.11
C GLY A 8 -0.14 -11.68 8.01
N HIS A 9 0.07 -10.96 9.10
CA HIS A 9 1.13 -11.30 10.04
C HIS A 9 2.51 -11.02 9.44
N GLU A 10 2.53 -10.27 8.34
CA GLU A 10 3.77 -9.94 7.66
C GLU A 10 4.43 -11.19 7.10
N GLY A 11 4.05 -11.55 5.88
CA GLY A 11 4.61 -12.73 5.24
C GLY A 11 3.54 -13.73 4.83
N ASP A 12 2.37 -13.22 4.46
CA ASP A 12 1.27 -14.09 4.05
C ASP A 12 0.66 -13.59 2.73
N PRO A 13 0.35 -14.54 1.84
CA PRO A 13 -0.24 -14.23 0.53
C PRO A 13 -1.67 -13.71 0.65
N CYS A 14 -1.95 -12.61 -0.04
CA CYS A 14 -3.27 -12.00 -0.02
C CYS A 14 -3.87 -11.93 -1.42
N LEU A 15 -5.17 -12.19 -1.52
CA LEU A 15 -5.86 -12.18 -2.80
C LEU A 15 -6.95 -11.11 -2.81
N ARG A 16 -7.36 -10.68 -1.62
CA ARG A 16 -8.39 -9.66 -1.50
C ARG A 16 -7.78 -8.28 -1.25
N SER A 17 -8.61 -7.25 -1.31
CA SER A 17 -8.15 -5.89 -1.10
C SER A 17 -7.42 -5.76 0.24
N SER A 18 -7.76 -6.64 1.17
CA SER A 18 -7.14 -6.62 2.49
C SER A 18 -6.59 -8.00 2.84
N ASP A 19 -7.46 -8.87 3.34
CA ASP A 19 -7.06 -10.22 3.72
C ASP A 19 -5.82 -10.19 4.59
N CYS A 20 -5.85 -9.38 5.63
CA CYS A 20 -4.71 -9.25 6.54
C CYS A 20 -5.19 -9.06 7.98
N ILE A 21 -4.26 -9.11 8.92
CA ILE A 21 -4.59 -8.94 10.33
C ILE A 21 -5.43 -7.69 10.55
N ASP A 22 -6.17 -7.67 11.66
CA ASP A 22 -7.02 -6.53 11.99
C ASP A 22 -6.26 -5.22 11.79
N GLY A 23 -4.97 -5.24 12.08
CA GLY A 23 -4.16 -4.04 11.93
C GLY A 23 -3.07 -4.21 10.88
N PHE A 24 -3.42 -4.82 9.76
CA PHE A 24 -2.48 -5.04 8.67
C PHE A 24 -3.13 -4.78 7.32
N CYS A 25 -2.30 -4.56 6.30
CA CYS A 25 -2.79 -4.31 4.95
C CYS A 25 -2.01 -5.11 3.92
N CYS A 26 -2.69 -5.56 2.88
CA CYS A 26 -2.05 -6.34 1.82
C CYS A 26 -1.26 -5.44 0.87
N ALA A 27 -0.03 -5.82 0.59
CA ALA A 27 0.82 -5.05 -0.30
C ALA A 27 1.23 -5.87 -1.52
N ARG A 28 1.86 -5.21 -2.50
CA ARG A 28 2.29 -5.88 -3.71
C ARG A 28 3.81 -6.05 -3.72
N HIS A 29 4.25 -7.29 -3.93
CA HIS A 29 5.69 -7.58 -3.96
C HIS A 29 6.09 -8.17 -5.30
N PHE A 30 7.35 -7.95 -5.70
CA PHE A 30 7.84 -8.46 -6.96
C PHE A 30 7.50 -9.95 -7.13
N TRP A 31 8.11 -10.78 -6.30
CA TRP A 31 7.87 -12.23 -6.35
C TRP A 31 6.38 -12.52 -6.36
N THR A 32 5.67 -12.07 -5.33
CA THR A 32 4.24 -12.30 -5.21
C THR A 32 3.61 -11.32 -4.24
N LYS A 33 2.28 -11.30 -4.20
CA LYS A 33 1.55 -10.41 -3.31
C LYS A 33 1.56 -10.94 -1.87
N ILE A 34 2.04 -10.13 -0.95
CA ILE A 34 2.11 -10.52 0.45
C ILE A 34 1.42 -9.49 1.35
N CYS A 35 1.29 -9.82 2.63
CA CYS A 35 0.66 -8.92 3.58
C CYS A 35 1.71 -8.13 4.37
N LYS A 36 1.45 -6.85 4.56
CA LYS A 36 2.37 -5.99 5.30
C LYS A 36 1.64 -5.16 6.35
N PRO A 37 2.38 -4.65 7.34
CA PRO A 37 1.81 -3.84 8.42
C PRO A 37 1.34 -2.48 7.93
N VAL A 38 0.70 -1.73 8.83
CA VAL A 38 0.20 -0.40 8.49
C VAL A 38 1.31 0.63 8.50
N LEU A 39 1.07 1.77 7.87
CA LEU A 39 2.05 2.84 7.81
C LEU A 39 1.75 3.92 8.83
N HIS A 40 2.68 4.86 8.99
CA HIS A 40 2.51 5.96 9.94
C HIS A 40 3.03 7.27 9.35
N GLN A 41 2.76 8.37 10.06
CA GLN A 41 3.20 9.68 9.61
C GLN A 41 4.64 9.63 9.10
N GLY A 42 4.86 10.15 7.89
CA GLY A 42 6.19 10.16 7.31
C GLY A 42 6.37 9.08 6.27
N GLU A 43 5.55 8.02 6.36
CA GLU A 43 5.63 6.91 5.41
C GLU A 43 4.92 7.27 4.11
N VAL A 44 5.21 6.49 3.06
CA VAL A 44 4.59 6.72 1.76
C VAL A 44 3.10 6.48 1.81
N CYS A 45 2.34 7.27 1.06
CA CYS A 45 0.89 7.14 1.01
C CYS A 45 0.41 6.94 -0.42
N THR A 46 -0.77 6.33 -0.56
CA THR A 46 -1.34 6.08 -1.87
C THR A 46 -2.82 6.45 -1.90
N LYS A 47 -3.17 7.42 -2.74
CA LYS A 47 -4.56 7.87 -2.87
C LYS A 47 -5.02 7.76 -4.32
N GLN A 48 -4.12 7.37 -5.20
CA GLN A 48 -4.44 7.23 -6.62
C GLN A 48 -3.59 6.15 -7.27
N ARG A 49 -4.23 5.04 -7.62
CA ARG A 49 -3.53 3.92 -8.25
C ARG A 49 -4.38 3.30 -9.36
N LYS A 50 -3.79 3.17 -10.54
CA LYS A 50 -4.49 2.59 -11.68
C LYS A 50 -3.79 1.33 -12.18
N LYS A 51 -4.43 0.18 -12.01
CA LYS A 51 -3.86 -1.09 -12.44
C LYS A 51 -4.89 -1.91 -13.20
N GLY A 52 -4.67 -2.07 -14.51
CA GLY A 52 -5.59 -2.83 -15.32
C GLY A 52 -5.23 -2.79 -16.79
N SER A 53 -5.00 -1.59 -17.30
CA SER A 53 -4.65 -1.42 -18.71
C SER A 53 -3.25 -1.95 -18.99
N HIS A 54 -2.90 -2.04 -20.27
CA HIS A 54 -1.59 -2.53 -20.68
C HIS A 54 -0.50 -1.53 -20.32
N GLY A 55 0.51 -2.00 -19.58
CA GLY A 55 1.60 -1.13 -19.19
C GLY A 55 1.38 -0.51 -17.82
N LEU A 56 1.35 -1.35 -16.79
CA LEU A 56 1.14 -0.88 -15.43
C LEU A 56 2.40 -1.10 -14.58
N GLU A 57 2.45 -0.43 -13.43
CA GLU A 57 3.60 -0.55 -12.54
C GLU A 57 3.16 -1.08 -11.17
N ILE A 58 3.99 -1.92 -10.57
CA ILE A 58 3.68 -2.49 -9.26
C ILE A 58 3.86 -1.46 -8.16
N PHE A 59 3.00 -1.53 -7.14
CA PHE A 59 3.06 -0.60 -6.03
C PHE A 59 3.17 -1.35 -4.71
N GLN A 60 4.35 -1.27 -4.08
CA GLN A 60 4.58 -1.95 -2.82
C GLN A 60 4.40 -0.98 -1.64
N ARG A 61 3.15 -0.75 -1.28
CA ARG A 61 2.84 0.15 -0.17
C ARG A 61 1.45 -0.13 0.39
N CYS A 62 1.17 0.40 1.57
CA CYS A 62 -0.13 0.20 2.22
C CYS A 62 -0.67 1.51 2.77
N ASP A 63 -1.92 1.49 3.23
CA ASP A 63 -2.55 2.68 3.78
C ASP A 63 -1.94 3.05 5.12
N CYS A 64 -2.14 4.30 5.53
CA CYS A 64 -1.60 4.79 6.80
C CYS A 64 -2.46 4.31 7.97
N ALA A 65 -1.94 4.47 9.18
CA ALA A 65 -2.65 4.06 10.38
C ALA A 65 -3.88 4.95 10.62
N LYS A 66 -4.81 4.45 11.42
CA LYS A 66 -6.03 5.19 11.73
C LYS A 66 -5.69 6.53 12.38
N GLY A 67 -6.28 7.60 11.84
CA GLY A 67 -6.03 8.93 12.38
C GLY A 67 -4.96 9.68 11.62
N LEU A 68 -4.66 9.22 10.40
CA LEU A 68 -3.66 9.85 9.57
C LEU A 68 -4.27 10.35 8.26
N SER A 69 -3.67 11.39 7.70
CA SER A 69 -4.16 11.97 6.45
C SER A 69 -3.17 11.73 5.31
N CYS A 70 -3.70 11.56 4.11
CA CYS A 70 -2.86 11.32 2.94
C CYS A 70 -2.56 12.62 2.20
N LYS A 71 -1.31 13.06 2.26
CA LYS A 71 -0.90 14.30 1.61
C LYS A 71 0.15 14.02 0.53
N VAL A 72 0.08 14.76 -0.57
CA VAL A 72 1.03 14.59 -1.66
C VAL A 72 2.45 14.94 -1.22
N TRP A 73 3.41 14.17 -1.70
CA TRP A 73 4.81 14.40 -1.35
C TRP A 73 5.69 14.38 -2.60
N LYS A 74 6.27 15.53 -2.92
CA LYS A 74 7.14 15.65 -4.09
C LYS A 74 8.53 15.08 -3.80
N ASP A 75 8.82 13.92 -4.39
CA ASP A 75 10.11 13.28 -4.19
C ASP A 75 10.58 12.62 -5.49
N ALA A 76 11.89 12.54 -5.66
CA ALA A 76 12.47 11.93 -6.85
C ALA A 76 12.15 10.44 -6.92
N THR A 77 10.94 10.12 -7.36
CA THR A 77 10.51 8.73 -7.46
C THR A 77 9.26 8.62 -8.33
N TYR A 78 8.36 9.59 -8.20
CA TYR A 78 7.12 9.59 -8.98
C TYR A 78 7.42 9.60 -10.48
N SER A 79 8.65 9.97 -10.83
CA SER A 79 9.05 10.03 -12.23
C SER A 79 8.71 8.73 -12.95
N SER A 80 8.65 7.64 -12.19
CA SER A 80 8.34 6.33 -12.75
C SER A 80 7.02 6.37 -13.52
N LYS A 81 5.98 6.87 -12.88
CA LYS A 81 4.66 6.97 -13.50
C LYS A 81 3.67 7.63 -12.56
N ALA A 82 3.35 6.95 -11.46
CA ALA A 82 2.40 7.48 -10.48
C ALA A 82 3.08 8.50 -9.56
N ARG A 83 2.26 9.26 -8.83
CA ARG A 83 2.78 10.27 -7.93
C ARG A 83 3.02 9.68 -6.53
N LEU A 84 4.01 10.23 -5.84
CA LEU A 84 4.35 9.75 -4.50
C LEU A 84 3.71 10.65 -3.44
N HIS A 85 3.20 10.02 -2.38
CA HIS A 85 2.56 10.75 -1.29
C HIS A 85 3.13 10.32 0.06
N VAL A 86 2.76 11.06 1.10
CA VAL A 86 3.23 10.76 2.45
C VAL A 86 2.09 10.79 3.46
N CYS A 87 2.30 10.15 4.60
CA CYS A 87 1.28 10.11 5.65
C CYS A 87 1.54 11.17 6.71
N GLN A 88 0.47 11.67 7.32
CA GLN A 88 0.58 12.70 8.35
C GLN A 88 -0.39 12.42 9.50
N LYS A 89 0.13 12.44 10.72
CA LYS A 89 -0.69 12.19 11.91
C LYS A 89 -1.66 13.35 12.15
N ILE A 90 -2.95 13.06 12.00
CA ILE A 90 -3.97 14.08 12.20
C ILE A 90 -4.02 14.52 13.66
N MET A 3 -8.59 -21.61 4.62
CA MET A 3 -9.57 -21.15 5.61
C MET A 3 -10.22 -19.85 5.15
N PRO A 4 -11.37 -19.53 5.74
CA PRO A 4 -12.12 -18.31 5.41
C PRO A 4 -11.42 -17.05 5.91
N HIS A 5 -11.37 -16.04 5.06
CA HIS A 5 -10.73 -14.78 5.41
C HIS A 5 -9.25 -14.99 5.72
N ILE A 6 -8.40 -14.75 4.71
CA ILE A 6 -6.96 -14.91 4.87
C ILE A 6 -6.35 -13.70 5.57
N LYS A 7 -5.56 -13.97 6.61
CA LYS A 7 -4.91 -12.90 7.36
C LYS A 7 -3.54 -12.58 6.77
N GLY A 8 -2.92 -11.51 7.27
CA GLY A 8 -1.62 -11.11 6.78
C GLY A 8 -0.50 -11.65 7.64
N HIS A 9 -0.30 -11.06 8.81
CA HIS A 9 0.75 -11.49 9.72
C HIS A 9 2.13 -11.20 9.13
N GLU A 10 2.16 -10.38 8.09
CA GLU A 10 3.42 -10.02 7.43
C GLU A 10 4.09 -11.26 6.83
N GLY A 11 3.67 -11.63 5.64
CA GLY A 11 4.24 -12.79 4.97
C GLY A 11 3.17 -13.78 4.52
N ASP A 12 2.01 -13.26 4.13
CA ASP A 12 0.92 -14.10 3.66
C ASP A 12 0.36 -13.59 2.34
N PRO A 13 0.04 -14.51 1.44
CA PRO A 13 -0.50 -14.19 0.11
C PRO A 13 -1.92 -13.63 0.19
N CYS A 14 -2.17 -12.53 -0.52
CA CYS A 14 -3.48 -11.90 -0.52
C CYS A 14 -4.05 -11.86 -1.93
N LEU A 15 -5.37 -12.07 -2.04
CA LEU A 15 -6.04 -12.06 -3.34
C LEU A 15 -7.07 -10.95 -3.39
N ARG A 16 -7.53 -10.50 -2.22
CA ARG A 16 -8.53 -9.44 -2.15
C ARG A 16 -7.87 -8.09 -1.86
N SER A 17 -8.65 -7.02 -1.99
CA SER A 17 -8.14 -5.67 -1.73
C SER A 17 -7.45 -5.59 -0.38
N SER A 18 -7.87 -6.45 0.54
CA SER A 18 -7.29 -6.48 1.88
C SER A 18 -6.71 -7.84 2.20
N ASP A 19 -7.60 -8.78 2.54
CA ASP A 19 -7.18 -10.14 2.87
C ASP A 19 -6.03 -10.13 3.87
N CYS A 20 -6.08 -9.19 4.80
CA CYS A 20 -5.03 -9.07 5.82
C CYS A 20 -5.64 -8.83 7.20
N ILE A 21 -4.79 -8.88 8.23
CA ILE A 21 -5.25 -8.67 9.60
C ILE A 21 -6.06 -7.38 9.71
N ASP A 22 -6.90 -7.31 10.74
CA ASP A 22 -7.73 -6.14 10.97
C ASP A 22 -6.90 -4.86 10.90
N GLY A 23 -5.63 -4.97 11.27
CA GLY A 23 -4.74 -3.81 11.25
C GLY A 23 -3.62 -3.96 10.24
N PHE A 24 -3.88 -4.73 9.19
CA PHE A 24 -2.88 -4.95 8.15
C PHE A 24 -3.46 -4.67 6.76
N CYS A 25 -2.58 -4.46 5.79
CA CYS A 25 -3.01 -4.18 4.42
C CYS A 25 -2.19 -4.99 3.43
N CYS A 26 -2.84 -5.44 2.37
CA CYS A 26 -2.18 -6.23 1.33
C CYS A 26 -1.39 -5.33 0.39
N ALA A 27 -0.14 -5.69 0.13
CA ALA A 27 0.72 -4.92 -0.77
C ALA A 27 1.16 -5.76 -1.96
N ARG A 28 1.79 -5.11 -2.93
CA ARG A 28 2.26 -5.79 -4.13
C ARG A 28 3.77 -5.97 -4.08
N HIS A 29 4.23 -7.21 -4.27
CA HIS A 29 5.65 -7.52 -4.25
C HIS A 29 6.10 -8.12 -5.58
N PHE A 30 7.36 -7.91 -5.92
CA PHE A 30 7.91 -8.43 -7.17
C PHE A 30 7.55 -9.91 -7.35
N TRP A 31 8.12 -10.76 -6.50
CA TRP A 31 7.86 -12.20 -6.56
C TRP A 31 6.37 -12.47 -6.63
N THR A 32 5.64 -12.02 -5.61
CA THR A 32 4.20 -12.22 -5.54
C THR A 32 3.55 -11.25 -4.56
N LYS A 33 2.22 -11.22 -4.57
CA LYS A 33 1.48 -10.33 -3.68
C LYS A 33 1.45 -10.89 -2.25
N ILE A 34 1.89 -10.08 -1.30
CA ILE A 34 1.90 -10.49 0.10
C ILE A 34 1.20 -9.46 0.98
N CYS A 35 1.04 -9.80 2.26
CA CYS A 35 0.39 -8.91 3.21
C CYS A 35 1.41 -8.13 4.01
N LYS A 36 1.18 -6.83 4.16
CA LYS A 36 2.08 -5.96 4.91
C LYS A 36 1.32 -5.17 5.97
N PRO A 37 2.04 -4.74 7.02
CA PRO A 37 1.46 -3.96 8.11
C PRO A 37 1.05 -2.56 7.67
N VAL A 38 0.42 -1.82 8.60
CA VAL A 38 -0.01 -0.45 8.30
C VAL A 38 1.15 0.52 8.36
N LEU A 39 0.97 1.70 7.77
CA LEU A 39 2.00 2.72 7.75
C LEU A 39 1.73 3.80 8.81
N HIS A 40 2.68 4.69 9.00
CA HIS A 40 2.55 5.76 9.99
C HIS A 40 3.11 7.07 9.43
N GLN A 41 2.87 8.16 10.17
CA GLN A 41 3.35 9.47 9.75
C GLN A 41 4.79 9.40 9.25
N GLY A 42 5.03 9.96 8.07
CA GLY A 42 6.37 9.94 7.50
C GLY A 42 6.52 8.89 6.41
N GLU A 43 5.68 7.85 6.47
CA GLU A 43 5.73 6.78 5.49
C GLU A 43 5.02 7.19 4.20
N VAL A 44 5.28 6.44 3.12
CA VAL A 44 4.67 6.72 1.84
C VAL A 44 3.16 6.51 1.89
N CYS A 45 2.42 7.36 1.17
CA CYS A 45 0.97 7.27 1.13
C CYS A 45 0.47 7.11 -0.30
N THR A 46 -0.72 6.54 -0.45
CA THR A 46 -1.31 6.34 -1.76
C THR A 46 -2.78 6.74 -1.78
N LYS A 47 -3.09 7.83 -2.47
CA LYS A 47 -4.45 8.32 -2.57
C LYS A 47 -4.95 8.27 -4.01
N GLN A 48 -4.09 7.81 -4.91
CA GLN A 48 -4.44 7.72 -6.32
C GLN A 48 -3.70 6.56 -6.99
N ARG A 49 -4.44 5.52 -7.34
CA ARG A 49 -3.85 4.35 -7.99
C ARG A 49 -4.76 3.82 -9.09
N LYS A 50 -4.20 3.64 -10.29
CA LYS A 50 -4.96 3.15 -11.43
C LYS A 50 -4.36 1.84 -11.94
N LYS A 51 -5.19 0.80 -11.98
CA LYS A 51 -4.74 -0.51 -12.46
C LYS A 51 -5.81 -1.16 -13.32
N GLY A 52 -5.44 -1.57 -14.52
CA GLY A 52 -6.38 -2.22 -15.42
C GLY A 52 -5.69 -3.10 -16.45
N SER A 53 -5.40 -2.53 -17.62
CA SER A 53 -4.75 -3.28 -18.69
C SER A 53 -3.30 -3.57 -18.34
N HIS A 54 -2.69 -4.51 -19.06
CA HIS A 54 -1.31 -4.89 -18.83
C HIS A 54 -0.36 -3.77 -19.26
N GLY A 55 0.77 -3.67 -18.56
CA GLY A 55 1.74 -2.63 -18.87
C GLY A 55 1.76 -1.52 -17.85
N LEU A 56 1.52 -1.87 -16.58
CA LEU A 56 1.52 -0.89 -15.51
C LEU A 56 2.68 -1.11 -14.56
N GLU A 57 2.91 -0.15 -13.66
CA GLU A 57 4.00 -0.24 -12.70
C GLU A 57 3.50 -0.80 -11.37
N ILE A 58 4.30 -1.67 -10.76
CA ILE A 58 3.94 -2.27 -9.48
C ILE A 58 3.99 -1.24 -8.36
N PHE A 59 3.10 -1.40 -7.38
CA PHE A 59 3.03 -0.48 -6.25
C PHE A 59 3.10 -1.25 -4.93
N GLN A 60 4.23 -1.12 -4.24
CA GLN A 60 4.42 -1.79 -2.96
C GLN A 60 4.23 -0.83 -1.80
N ARG A 61 2.98 -0.52 -1.49
CA ARG A 61 2.67 0.40 -0.39
C ARG A 61 1.27 0.11 0.18
N CYS A 62 1.03 0.58 1.40
CA CYS A 62 -0.26 0.38 2.05
C CYS A 62 -0.77 1.68 2.66
N ASP A 63 -2.02 1.66 3.11
CA ASP A 63 -2.63 2.84 3.71
C ASP A 63 -2.00 3.15 5.07
N CYS A 64 -2.14 4.39 5.51
CA CYS A 64 -1.58 4.80 6.80
C CYS A 64 -2.46 4.34 7.95
N ALA A 65 -1.94 4.45 9.17
CA ALA A 65 -2.68 4.04 10.36
C ALA A 65 -3.86 4.96 10.61
N LYS A 66 -4.83 4.48 11.39
CA LYS A 66 -6.01 5.26 11.72
C LYS A 66 -5.64 6.56 12.42
N GLY A 67 -6.19 7.66 11.92
CA GLY A 67 -5.90 8.97 12.52
C GLY A 67 -4.83 9.72 11.76
N LEU A 68 -4.50 9.24 10.56
CA LEU A 68 -3.48 9.88 9.75
C LEU A 68 -4.09 10.46 8.47
N SER A 69 -3.43 11.47 7.91
CA SER A 69 -3.91 12.11 6.70
C SER A 69 -2.94 11.90 5.54
N CYS A 70 -3.48 11.70 4.35
CA CYS A 70 -2.66 11.48 3.16
C CYS A 70 -2.34 12.80 2.46
N LYS A 71 -1.08 13.20 2.54
CA LYS A 71 -0.64 14.44 1.91
C LYS A 71 0.40 14.18 0.83
N VAL A 72 0.31 14.91 -0.26
CA VAL A 72 1.26 14.74 -1.36
C VAL A 72 2.69 15.06 -0.92
N TRP A 73 3.64 14.28 -1.43
CA TRP A 73 5.04 14.48 -1.08
C TRP A 73 5.91 14.48 -2.33
N LYS A 74 6.52 15.63 -2.62
CA LYS A 74 7.38 15.76 -3.80
C LYS A 74 8.76 15.16 -3.52
N ASP A 75 9.03 14.01 -4.12
CA ASP A 75 10.31 13.34 -3.95
C ASP A 75 10.77 12.70 -5.25
N ALA A 76 12.08 12.60 -5.44
CA ALA A 76 12.65 12.00 -6.64
C ALA A 76 12.30 10.52 -6.73
N THR A 77 11.07 10.24 -7.18
CA THR A 77 10.61 8.86 -7.31
C THR A 77 9.37 8.79 -8.18
N TYR A 78 8.49 9.78 -8.04
CA TYR A 78 7.26 9.81 -8.81
C TYR A 78 7.54 9.83 -10.31
N SER A 79 8.77 10.20 -10.65
CA SER A 79 9.19 10.26 -12.06
C SER A 79 8.84 8.97 -12.78
N SER A 80 8.77 7.87 -12.03
CA SER A 80 8.44 6.57 -12.61
C SER A 80 7.13 6.62 -13.38
N LYS A 81 6.08 7.07 -12.71
CA LYS A 81 4.76 7.16 -13.33
C LYS A 81 3.78 7.88 -12.41
N ALA A 82 3.40 7.22 -11.32
CA ALA A 82 2.47 7.79 -10.36
C ALA A 82 3.18 8.78 -9.44
N ARG A 83 2.38 9.53 -8.67
CA ARG A 83 2.94 10.51 -7.75
C ARG A 83 3.18 9.89 -6.38
N LEU A 84 4.15 10.44 -5.65
CA LEU A 84 4.49 9.94 -4.32
C LEU A 84 3.87 10.81 -3.24
N HIS A 85 3.35 10.18 -2.20
CA HIS A 85 2.73 10.90 -1.09
C HIS A 85 3.29 10.42 0.25
N VAL A 86 2.95 11.14 1.31
CA VAL A 86 3.42 10.79 2.65
C VAL A 86 2.27 10.82 3.66
N CYS A 87 2.47 10.15 4.79
CA CYS A 87 1.46 10.10 5.83
C CYS A 87 1.75 11.12 6.93
N GLN A 88 0.68 11.64 7.55
CA GLN A 88 0.83 12.64 8.61
C GLN A 88 -0.15 12.35 9.74
N LYS A 89 0.38 12.31 10.97
CA LYS A 89 -0.45 12.05 12.14
C LYS A 89 -1.39 13.22 12.42
N ILE A 90 -2.67 13.00 12.19
CA ILE A 90 -3.68 14.04 12.42
C ILE A 90 -3.73 14.43 13.89
N MET A 3 -12.97 -18.70 0.21
CA MET A 3 -12.01 -18.98 1.26
C MET A 3 -12.28 -18.12 2.49
N PRO A 4 -11.75 -18.54 3.65
CA PRO A 4 -11.92 -17.81 4.92
C PRO A 4 -11.16 -16.49 4.93
N HIS A 5 -11.22 -15.79 6.07
CA HIS A 5 -10.53 -14.51 6.21
C HIS A 5 -9.04 -14.73 6.43
N ILE A 6 -8.27 -14.69 5.36
CA ILE A 6 -6.83 -14.88 5.43
C ILE A 6 -6.15 -13.64 6.03
N LYS A 7 -5.40 -13.85 7.10
CA LYS A 7 -4.69 -12.77 7.76
C LYS A 7 -3.32 -12.53 7.13
N GLY A 8 -2.67 -11.45 7.51
CA GLY A 8 -1.36 -11.14 6.98
C GLY A 8 -0.23 -11.62 7.86
N HIS A 9 -0.10 -11.00 9.04
CA HIS A 9 0.95 -11.37 9.98
C HIS A 9 2.34 -11.07 9.41
N GLU A 10 2.37 -10.28 8.34
CA GLU A 10 3.63 -9.92 7.70
C GLU A 10 4.31 -11.16 7.13
N GLY A 11 3.90 -11.55 5.92
CA GLY A 11 4.48 -12.71 5.28
C GLY A 11 3.44 -13.72 4.85
N ASP A 12 2.27 -13.23 4.45
CA ASP A 12 1.19 -14.09 4.00
C ASP A 12 0.63 -13.62 2.66
N PRO A 13 0.33 -14.58 1.77
CA PRO A 13 -0.21 -14.28 0.44
C PRO A 13 -1.64 -13.78 0.50
N CYS A 14 -1.90 -12.66 -0.17
CA CYS A 14 -3.23 -12.08 -0.20
C CYS A 14 -3.81 -12.09 -1.60
N LEU A 15 -5.11 -12.33 -1.71
CA LEU A 15 -5.79 -12.37 -3.00
C LEU A 15 -6.84 -11.28 -3.10
N ARG A 16 -7.30 -10.81 -1.94
CA ARG A 16 -8.32 -9.75 -1.91
C ARG A 16 -7.67 -8.39 -1.65
N SER A 17 -8.45 -7.33 -1.80
CA SER A 17 -7.96 -5.97 -1.59
C SER A 17 -7.28 -5.84 -0.22
N SER A 18 -7.71 -6.68 0.72
CA SER A 18 -7.15 -6.66 2.06
C SER A 18 -6.52 -8.01 2.41
N ASP A 19 -7.37 -8.99 2.72
CA ASP A 19 -6.90 -10.32 3.07
C ASP A 19 -5.75 -10.25 4.08
N CYS A 20 -5.83 -9.28 4.98
CA CYS A 20 -4.80 -9.09 6.00
C CYS A 20 -5.43 -8.85 7.37
N ILE A 21 -4.58 -8.83 8.40
CA ILE A 21 -5.05 -8.61 9.76
C ILE A 21 -6.00 -7.42 9.83
N ASP A 22 -6.83 -7.39 10.87
CA ASP A 22 -7.79 -6.30 11.06
C ASP A 22 -7.09 -4.94 10.94
N GLY A 23 -5.81 -4.92 11.28
CA GLY A 23 -5.06 -3.68 11.22
C GLY A 23 -3.91 -3.75 10.24
N PHE A 24 -4.00 -4.67 9.29
CA PHE A 24 -2.95 -4.85 8.29
C PHE A 24 -3.51 -4.64 6.89
N CYS A 25 -2.62 -4.38 5.94
CA CYS A 25 -3.02 -4.15 4.55
C CYS A 25 -2.15 -4.97 3.60
N CYS A 26 -2.77 -5.49 2.53
CA CYS A 26 -2.05 -6.28 1.55
C CYS A 26 -1.27 -5.38 0.59
N ALA A 27 -0.02 -5.74 0.34
CA ALA A 27 0.83 -4.97 -0.55
C ALA A 27 1.30 -5.83 -1.74
N ARG A 28 1.91 -5.17 -2.72
CA ARG A 28 2.40 -5.87 -3.90
C ARG A 28 3.92 -6.00 -3.87
N HIS A 29 4.41 -7.22 -4.04
CA HIS A 29 5.85 -7.48 -4.02
C HIS A 29 6.31 -8.07 -5.36
N PHE A 30 7.56 -7.83 -5.72
CA PHE A 30 8.12 -8.34 -6.96
C PHE A 30 7.81 -9.83 -7.12
N TRP A 31 8.43 -10.65 -6.28
CA TRP A 31 8.22 -12.09 -6.32
C TRP A 31 6.74 -12.42 -6.38
N THR A 32 6.00 -11.99 -5.37
CA THR A 32 4.56 -12.25 -5.30
C THR A 32 3.88 -11.29 -4.33
N LYS A 33 2.55 -11.31 -4.34
CA LYS A 33 1.77 -10.44 -3.46
C LYS A 33 1.75 -10.98 -2.04
N ILE A 34 2.15 -10.15 -1.08
CA ILE A 34 2.17 -10.54 0.32
C ILE A 34 1.45 -9.52 1.20
N CYS A 35 1.29 -9.84 2.47
CA CYS A 35 0.63 -8.95 3.41
C CYS A 35 1.65 -8.14 4.21
N LYS A 36 1.40 -6.84 4.33
CA LYS A 36 2.30 -5.96 5.07
C LYS A 36 1.52 -5.14 6.09
N PRO A 37 2.23 -4.67 7.14
CA PRO A 37 1.63 -3.87 8.21
C PRO A 37 1.23 -2.48 7.74
N VAL A 38 0.56 -1.74 8.61
CA VAL A 38 0.13 -0.38 8.28
C VAL A 38 1.29 0.60 8.38
N LEU A 39 1.13 1.76 7.74
CA LEU A 39 2.16 2.79 7.76
C LEU A 39 1.84 3.88 8.77
N HIS A 40 2.79 4.77 9.01
CA HIS A 40 2.61 5.86 9.96
C HIS A 40 3.13 7.17 9.39
N GLN A 41 2.88 8.27 10.09
CA GLN A 41 3.33 9.59 9.65
C GLN A 41 4.77 9.53 9.15
N GLY A 42 5.00 10.12 7.98
CA GLY A 42 6.33 10.12 7.41
C GLY A 42 6.53 9.04 6.37
N GLU A 43 5.68 8.01 6.43
CA GLU A 43 5.76 6.90 5.48
C GLU A 43 5.04 7.25 4.18
N VAL A 44 5.30 6.46 3.14
CA VAL A 44 4.67 6.68 1.85
C VAL A 44 3.16 6.46 1.92
N CYS A 45 2.42 7.29 1.20
CA CYS A 45 0.96 7.18 1.19
C CYS A 45 0.45 6.96 -0.23
N THR A 46 -0.74 6.37 -0.34
CA THR A 46 -1.34 6.11 -1.64
C THR A 46 -2.81 6.49 -1.65
N LYS A 47 -3.14 7.55 -2.38
CA LYS A 47 -4.52 8.02 -2.48
C LYS A 47 -5.02 7.92 -3.92
N GLN A 48 -4.16 7.46 -4.82
CA GLN A 48 -4.53 7.33 -6.23
C GLN A 48 -3.75 6.19 -6.87
N ARG A 49 -4.46 5.10 -7.19
CA ARG A 49 -3.84 3.94 -7.82
C ARG A 49 -4.74 3.36 -8.90
N LYS A 50 -4.23 3.30 -10.13
CA LYS A 50 -4.99 2.77 -11.25
C LYS A 50 -4.37 1.48 -11.75
N LYS A 51 -5.19 0.43 -11.86
CA LYS A 51 -4.73 -0.86 -12.33
C LYS A 51 -5.73 -1.50 -13.28
N GLY A 52 -5.24 -1.97 -14.43
CA GLY A 52 -6.13 -2.58 -15.41
C GLY A 52 -5.63 -2.40 -16.83
N SER A 53 -4.94 -1.29 -17.08
CA SER A 53 -4.41 -0.99 -18.41
C SER A 53 -3.24 -1.91 -18.74
N HIS A 54 -2.87 -1.94 -20.02
CA HIS A 54 -1.76 -2.77 -20.46
C HIS A 54 -0.43 -2.20 -20.00
N GLY A 55 0.46 -3.07 -19.52
CA GLY A 55 1.75 -2.63 -19.05
C GLY A 55 1.65 -1.62 -17.92
N LEU A 56 1.48 -2.11 -16.71
CA LEU A 56 1.36 -1.24 -15.54
C LEU A 56 2.55 -1.42 -14.61
N GLU A 57 2.70 -0.50 -13.66
CA GLU A 57 3.80 -0.56 -12.70
C GLU A 57 3.33 -1.09 -11.35
N ILE A 58 4.17 -1.90 -10.72
CA ILE A 58 3.85 -2.48 -9.43
C ILE A 58 3.89 -1.43 -8.33
N PHE A 59 2.99 -1.55 -7.36
CA PHE A 59 2.94 -0.61 -6.24
C PHE A 59 3.07 -1.34 -4.91
N GLN A 60 4.21 -1.16 -4.26
CA GLN A 60 4.46 -1.80 -2.97
C GLN A 60 4.27 -0.82 -1.82
N ARG A 61 3.01 -0.58 -1.45
CA ARG A 61 2.69 0.34 -0.37
C ARG A 61 1.31 0.05 0.21
N CYS A 62 1.03 0.61 1.38
CA CYS A 62 -0.26 0.40 2.04
C CYS A 62 -0.77 1.71 2.65
N ASP A 63 -2.01 1.68 3.11
CA ASP A 63 -2.62 2.87 3.71
C ASP A 63 -1.98 3.17 5.07
N CYS A 64 -2.16 4.40 5.53
CA CYS A 64 -1.60 4.83 6.81
C CYS A 64 -2.45 4.33 7.97
N ALA A 65 -1.92 4.46 9.18
CA ALA A 65 -2.64 4.01 10.38
C ALA A 65 -3.85 4.89 10.65
N LYS A 66 -4.77 4.38 11.44
CA LYS A 66 -5.99 5.12 11.78
C LYS A 66 -5.65 6.45 12.46
N GLY A 67 -6.18 7.53 11.92
CA GLY A 67 -5.93 8.84 12.48
C GLY A 67 -4.85 9.60 11.73
N LEU A 68 -4.57 9.16 10.51
CA LEU A 68 -3.54 9.80 9.68
C LEU A 68 -4.15 10.33 8.38
N SER A 69 -3.55 11.39 7.84
CA SER A 69 -4.03 11.99 6.61
C SER A 69 -3.04 11.75 5.47
N CYS A 70 -3.57 11.63 4.26
CA CYS A 70 -2.74 11.39 3.08
C CYS A 70 -2.43 12.71 2.36
N LYS A 71 -1.17 13.13 2.43
CA LYS A 71 -0.74 14.36 1.78
C LYS A 71 0.30 14.08 0.71
N VAL A 72 0.18 14.77 -0.42
CA VAL A 72 1.10 14.60 -1.53
C VAL A 72 2.53 14.94 -1.11
N TRP A 73 3.49 14.17 -1.60
CA TRP A 73 4.90 14.39 -1.27
C TRP A 73 5.76 14.37 -2.52
N LYS A 74 6.34 15.51 -2.86
CA LYS A 74 7.18 15.63 -4.04
C LYS A 74 8.58 15.05 -3.77
N ASP A 75 8.86 13.89 -4.34
CA ASP A 75 10.16 13.24 -4.16
C ASP A 75 10.60 12.57 -5.46
N ALA A 76 11.92 12.48 -5.64
CA ALA A 76 12.48 11.87 -6.84
C ALA A 76 12.15 10.38 -6.89
N THR A 77 10.94 10.06 -7.31
CA THR A 77 10.49 8.68 -7.41
C THR A 77 9.24 8.55 -8.26
N TYR A 78 8.34 9.53 -8.14
CA TYR A 78 7.10 9.53 -8.89
C TYR A 78 7.38 9.53 -10.39
N SER A 79 8.60 9.89 -10.77
CA SER A 79 8.99 9.93 -12.17
C SER A 79 8.64 8.63 -12.86
N SER A 80 8.58 7.55 -12.09
CA SER A 80 8.26 6.23 -12.63
C SER A 80 6.94 6.26 -13.40
N LYS A 81 5.90 6.77 -12.74
CA LYS A 81 4.58 6.85 -13.34
C LYS A 81 3.59 7.55 -12.41
N ALA A 82 3.27 6.89 -11.30
CA ALA A 82 2.35 7.43 -10.31
C ALA A 82 3.03 8.46 -9.43
N ARG A 83 2.24 9.22 -8.69
CA ARG A 83 2.77 10.25 -7.79
C ARG A 83 3.04 9.66 -6.40
N LEU A 84 4.04 10.23 -5.72
CA LEU A 84 4.39 9.77 -4.39
C LEU A 84 3.77 10.66 -3.32
N HIS A 85 3.26 10.03 -2.26
CA HIS A 85 2.63 10.77 -1.17
C HIS A 85 3.21 10.33 0.18
N VAL A 86 2.86 11.08 1.23
CA VAL A 86 3.34 10.77 2.57
C VAL A 86 2.20 10.79 3.58
N CYS A 87 2.42 10.15 4.72
CA CYS A 87 1.40 10.09 5.77
C CYS A 87 1.67 11.15 6.85
N GLN A 88 0.60 11.64 7.46
CA GLN A 88 0.72 12.66 8.50
C GLN A 88 -0.25 12.37 9.64
N LYS A 89 0.27 12.36 10.86
CA LYS A 89 -0.54 12.10 12.04
C LYS A 89 -1.50 13.26 12.31
N ILE A 90 -2.78 12.99 12.19
CA ILE A 90 -3.81 14.01 12.42
C ILE A 90 -3.85 14.42 13.88
N MET A 3 -10.83 -22.64 2.27
CA MET A 3 -10.02 -21.74 3.09
C MET A 3 -10.47 -20.29 2.89
N PRO A 4 -11.65 -19.96 3.42
CA PRO A 4 -12.22 -18.61 3.32
C PRO A 4 -11.44 -17.60 4.14
N HIS A 5 -11.34 -16.37 3.63
CA HIS A 5 -10.63 -15.31 4.33
C HIS A 5 -9.15 -15.65 4.48
N ILE A 6 -8.36 -14.67 4.90
CA ILE A 6 -6.92 -14.87 5.08
C ILE A 6 -6.29 -13.67 5.77
N LYS A 7 -5.52 -13.93 6.82
CA LYS A 7 -4.84 -12.88 7.56
C LYS A 7 -3.49 -12.55 6.94
N GLY A 8 -2.86 -11.48 7.43
CA GLY A 8 -1.57 -11.08 6.90
C GLY A 8 -0.42 -11.59 7.74
N HIS A 9 -0.22 -10.98 8.91
CA HIS A 9 0.86 -11.38 9.80
C HIS A 9 2.22 -11.08 9.19
N GLU A 10 2.22 -10.28 8.14
CA GLU A 10 3.46 -9.91 7.47
C GLU A 10 4.14 -11.14 6.88
N GLY A 11 3.71 -11.54 5.68
CA GLY A 11 4.29 -12.69 5.02
C GLY A 11 3.24 -13.70 4.60
N ASP A 12 2.06 -13.20 4.23
CA ASP A 12 0.96 -14.07 3.79
C ASP A 12 0.38 -13.58 2.47
N PRO A 13 0.06 -14.53 1.58
CA PRO A 13 -0.52 -14.22 0.27
C PRO A 13 -1.94 -13.69 0.36
N CYS A 14 -2.20 -12.58 -0.32
CA CYS A 14 -3.52 -11.97 -0.31
C CYS A 14 -4.16 -12.02 -1.69
N LEU A 15 -5.48 -12.16 -1.72
CA LEU A 15 -6.22 -12.25 -2.98
C LEU A 15 -7.20 -11.09 -3.11
N ARG A 16 -7.67 -10.58 -1.97
CA ARG A 16 -8.61 -9.48 -1.96
C ARG A 16 -7.89 -8.16 -1.69
N SER A 17 -8.62 -7.05 -1.85
CA SER A 17 -8.05 -5.73 -1.64
C SER A 17 -7.36 -5.64 -0.28
N SER A 18 -7.85 -6.45 0.67
CA SER A 18 -7.28 -6.47 2.01
C SER A 18 -6.72 -7.84 2.36
N ASP A 19 -7.60 -8.78 2.69
CA ASP A 19 -7.20 -10.12 3.04
C ASP A 19 -6.03 -10.12 4.01
N CYS A 20 -6.07 -9.19 4.98
CA CYS A 20 -5.02 -9.06 5.97
C CYS A 20 -5.61 -8.82 7.36
N ILE A 21 -4.75 -8.87 8.37
CA ILE A 21 -5.19 -8.65 9.75
C ILE A 21 -6.02 -7.38 9.87
N ASP A 22 -6.85 -7.32 10.91
CA ASP A 22 -7.69 -6.15 11.14
C ASP A 22 -6.88 -4.86 11.06
N GLY A 23 -5.60 -4.95 11.41
CA GLY A 23 -4.74 -3.79 11.37
C GLY A 23 -3.61 -3.93 10.36
N PHE A 24 -3.87 -4.69 9.30
CA PHE A 24 -2.88 -4.91 8.25
C PHE A 24 -3.47 -4.64 6.87
N CYS A 25 -2.60 -4.43 5.89
CA CYS A 25 -3.03 -4.16 4.53
C CYS A 25 -2.21 -4.97 3.52
N CYS A 26 -2.87 -5.46 2.48
CA CYS A 26 -2.21 -6.25 1.46
C CYS A 26 -1.44 -5.35 0.49
N ALA A 27 -0.19 -5.72 0.22
CA ALA A 27 0.65 -4.94 -0.69
C ALA A 27 1.07 -5.78 -1.89
N ARG A 28 1.67 -5.13 -2.88
CA ARG A 28 2.13 -5.82 -4.09
C ARG A 28 3.64 -5.99 -4.07
N HIS A 29 4.09 -7.22 -4.28
CA HIS A 29 5.52 -7.51 -4.30
C HIS A 29 5.93 -8.11 -5.65
N PHE A 30 7.19 -7.89 -6.02
CA PHE A 30 7.71 -8.41 -7.28
C PHE A 30 7.35 -9.89 -7.46
N TRP A 31 7.94 -10.73 -6.62
CA TRP A 31 7.68 -12.17 -6.68
C TRP A 31 6.18 -12.45 -6.71
N THR A 32 5.49 -12.01 -5.67
CA THR A 32 4.04 -12.21 -5.56
C THR A 32 3.42 -11.24 -4.57
N LYS A 33 2.09 -11.22 -4.53
CA LYS A 33 1.36 -10.34 -3.63
C LYS A 33 1.37 -10.89 -2.21
N ILE A 34 1.81 -10.07 -1.26
CA ILE A 34 1.85 -10.48 0.14
C ILE A 34 1.17 -9.47 1.04
N CYS A 35 1.03 -9.81 2.31
CA CYS A 35 0.39 -8.92 3.28
C CYS A 35 1.44 -8.13 4.07
N LYS A 36 1.20 -6.82 4.20
CA LYS A 36 2.12 -5.96 4.93
C LYS A 36 1.37 -5.15 5.99
N PRO A 37 2.10 -4.69 7.01
CA PRO A 37 1.53 -3.90 8.10
C PRO A 37 1.12 -2.51 7.65
N VAL A 38 0.48 -1.76 8.55
CA VAL A 38 0.03 -0.41 8.25
C VAL A 38 1.19 0.59 8.30
N LEU A 39 1.00 1.74 7.68
CA LEU A 39 2.02 2.78 7.66
C LEU A 39 1.76 3.84 8.72
N HIS A 40 2.73 4.73 8.92
CA HIS A 40 2.60 5.79 9.90
C HIS A 40 3.17 7.10 9.37
N GLN A 41 2.96 8.18 10.11
CA GLN A 41 3.46 9.49 9.71
C GLN A 41 4.90 9.40 9.21
N GLY A 42 5.13 9.96 8.03
CA GLY A 42 6.47 9.94 7.46
C GLY A 42 6.63 8.84 6.41
N GLU A 43 5.65 7.94 6.34
CA GLU A 43 5.69 6.85 5.39
C GLU A 43 5.01 7.24 4.07
N VAL A 44 5.31 6.51 3.01
CA VAL A 44 4.73 6.78 1.70
C VAL A 44 3.22 6.55 1.71
N CYS A 45 2.48 7.47 1.10
CA CYS A 45 1.03 7.35 1.04
C CYS A 45 0.55 7.24 -0.41
N THR A 46 -0.62 6.65 -0.59
CA THR A 46 -1.19 6.47 -1.92
C THR A 46 -2.67 6.82 -1.93
N LYS A 47 -3.00 7.93 -2.59
CA LYS A 47 -4.39 8.39 -2.69
C LYS A 47 -4.88 8.31 -4.12
N GLN A 48 -4.01 7.91 -5.03
CA GLN A 48 -4.35 7.80 -6.44
C GLN A 48 -3.56 6.69 -7.12
N ARG A 49 -4.25 5.61 -7.48
CA ARG A 49 -3.60 4.48 -8.13
C ARG A 49 -4.47 3.93 -9.26
N LYS A 50 -3.84 3.28 -10.23
CA LYS A 50 -4.55 2.72 -11.37
C LYS A 50 -4.37 1.20 -11.42
N LYS A 51 -5.48 0.47 -11.39
CA LYS A 51 -5.44 -0.98 -11.44
C LYS A 51 -6.31 -1.51 -12.58
N GLY A 52 -5.65 -2.05 -13.60
CA GLY A 52 -6.37 -2.59 -14.74
C GLY A 52 -5.71 -3.83 -15.32
N SER A 53 -5.01 -3.65 -16.44
CA SER A 53 -4.34 -4.77 -17.09
C SER A 53 -2.84 -4.73 -16.81
N HIS A 54 -2.16 -5.82 -17.16
CA HIS A 54 -0.71 -5.91 -16.94
C HIS A 54 0.04 -5.00 -17.90
N GLY A 55 0.82 -4.08 -17.35
CA GLY A 55 1.58 -3.16 -18.17
C GLY A 55 2.07 -1.96 -17.40
N LEU A 56 1.26 -1.50 -16.44
CA LEU A 56 1.62 -0.35 -15.63
C LEU A 56 2.60 -0.74 -14.52
N GLU A 57 3.16 0.26 -13.85
CA GLU A 57 4.11 0.01 -12.76
C GLU A 57 3.39 -0.53 -11.53
N ILE A 58 4.01 -1.52 -10.89
CA ILE A 58 3.43 -2.13 -9.69
C ILE A 58 3.48 -1.15 -8.52
N PHE A 59 2.48 -1.26 -7.64
CA PHE A 59 2.40 -0.39 -6.47
C PHE A 59 2.62 -1.20 -5.19
N GLN A 60 3.77 -1.00 -4.55
CA GLN A 60 4.09 -1.70 -3.32
C GLN A 60 3.99 -0.77 -2.12
N ARG A 61 2.76 -0.53 -1.67
CA ARG A 61 2.53 0.34 -0.52
C ARG A 61 1.15 0.11 0.08
N CYS A 62 0.95 0.58 1.31
CA CYS A 62 -0.33 0.40 1.99
C CYS A 62 -0.80 1.73 2.58
N ASP A 63 -2.04 1.74 3.06
CA ASP A 63 -2.62 2.94 3.65
C ASP A 63 -1.99 3.24 5.00
N CYS A 64 -2.12 4.49 5.46
CA CYS A 64 -1.57 4.90 6.74
C CYS A 64 -2.45 4.42 7.89
N ALA A 65 -1.90 4.49 9.11
CA ALA A 65 -2.63 4.06 10.30
C ALA A 65 -3.79 5.01 10.59
N LYS A 66 -4.74 4.55 11.39
CA LYS A 66 -5.90 5.35 11.75
C LYS A 66 -5.48 6.64 12.44
N GLY A 67 -6.02 7.76 11.98
CA GLY A 67 -5.68 9.06 12.56
C GLY A 67 -4.59 9.76 11.79
N LEU A 68 -4.38 9.36 10.54
CA LEU A 68 -3.36 9.96 9.70
C LEU A 68 -3.97 10.55 8.43
N SER A 69 -3.35 11.60 7.91
CA SER A 69 -3.84 12.25 6.70
C SER A 69 -2.86 12.05 5.54
N CYS A 70 -3.40 11.80 4.35
CA CYS A 70 -2.59 11.58 3.16
C CYS A 70 -2.27 12.90 2.47
N LYS A 71 -1.01 13.31 2.54
CA LYS A 71 -0.59 14.57 1.92
C LYS A 71 0.45 14.30 0.83
N VAL A 72 0.35 15.05 -0.26
CA VAL A 72 1.29 14.90 -1.37
C VAL A 72 2.72 15.22 -0.95
N TRP A 73 3.67 14.46 -1.46
CA TRP A 73 5.08 14.67 -1.13
C TRP A 73 5.93 14.68 -2.39
N LYS A 74 6.52 15.83 -2.69
CA LYS A 74 7.37 15.97 -3.86
C LYS A 74 8.76 15.40 -3.61
N ASP A 75 9.03 14.24 -4.22
CA ASP A 75 10.33 13.59 -4.07
C ASP A 75 10.78 12.95 -5.38
N ALA A 76 12.09 12.87 -5.57
CA ALA A 76 12.64 12.29 -6.78
C ALA A 76 12.31 10.80 -6.88
N THR A 77 11.08 10.49 -7.30
CA THR A 77 10.65 9.11 -7.44
C THR A 77 9.38 9.02 -8.28
N TYR A 78 8.50 10.00 -8.13
CA TYR A 78 7.25 10.02 -8.89
C TYR A 78 7.52 10.06 -10.39
N SER A 79 8.74 10.43 -10.75
CA SER A 79 9.13 10.50 -12.15
C SER A 79 8.79 9.20 -12.88
N SER A 80 8.74 8.10 -12.13
CA SER A 80 8.43 6.80 -12.70
C SER A 80 7.11 6.84 -13.46
N LYS A 81 6.06 7.28 -12.77
CA LYS A 81 4.73 7.36 -13.37
C LYS A 81 3.75 8.05 -12.44
N ALA A 82 3.42 7.38 -11.34
CA ALA A 82 2.48 7.94 -10.36
C ALA A 82 3.18 8.94 -9.45
N ARG A 83 2.39 9.68 -8.68
CA ARG A 83 2.94 10.68 -7.76
C ARG A 83 3.21 10.07 -6.40
N LEU A 84 4.18 10.64 -5.68
CA LEU A 84 4.55 10.14 -4.36
C LEU A 84 3.93 11.00 -3.27
N HIS A 85 3.42 10.35 -2.22
CA HIS A 85 2.80 11.06 -1.11
C HIS A 85 3.36 10.57 0.23
N VAL A 86 3.04 11.30 1.30
CA VAL A 86 3.51 10.93 2.63
C VAL A 86 2.37 10.94 3.63
N CYS A 87 2.56 10.25 4.75
CA CYS A 87 1.55 10.18 5.79
C CYS A 87 1.83 11.18 6.90
N GLN A 88 0.77 11.75 7.47
CA GLN A 88 0.91 12.73 8.54
C GLN A 88 -0.03 12.41 9.70
N LYS A 89 0.54 12.26 10.89
CA LYS A 89 -0.24 11.95 12.08
C LYS A 89 -1.11 13.14 12.49
N ILE A 90 -2.43 12.96 12.36
CA ILE A 90 -3.37 14.02 12.72
C ILE A 90 -3.36 14.28 14.22
N MET A 3 -13.33 -17.27 -1.19
CA MET A 3 -12.10 -17.79 -0.59
C MET A 3 -12.14 -17.64 0.93
N PRO A 4 -11.29 -18.41 1.62
CA PRO A 4 -11.20 -18.38 3.09
C PRO A 4 -10.60 -17.08 3.61
N HIS A 5 -10.73 -16.85 4.91
CA HIS A 5 -10.19 -15.65 5.53
C HIS A 5 -8.72 -15.83 5.88
N ILE A 6 -7.85 -15.26 5.06
CA ILE A 6 -6.41 -15.36 5.29
C ILE A 6 -5.87 -14.10 5.94
N LYS A 7 -5.13 -14.28 7.02
CA LYS A 7 -4.55 -13.15 7.76
C LYS A 7 -3.18 -12.79 7.20
N GLY A 8 -2.63 -11.67 7.66
CA GLY A 8 -1.32 -11.23 7.19
C GLY A 8 -0.20 -11.70 8.09
N HIS A 9 -0.01 -11.01 9.21
CA HIS A 9 1.04 -11.36 10.17
C HIS A 9 2.41 -11.04 9.59
N GLU A 10 2.44 -10.27 8.51
CA GLU A 10 3.69 -9.90 7.86
C GLU A 10 4.39 -11.13 7.29
N GLY A 11 4.02 -11.50 6.07
CA GLY A 11 4.63 -12.66 5.43
C GLY A 11 3.60 -13.70 5.02
N ASP A 12 2.42 -13.23 4.61
CA ASP A 12 1.35 -14.12 4.17
C ASP A 12 0.78 -13.68 2.83
N PRO A 13 0.52 -14.66 1.95
CA PRO A 13 -0.03 -14.40 0.62
C PRO A 13 -1.47 -13.91 0.67
N CYS A 14 -1.76 -12.81 -0.03
CA CYS A 14 -3.10 -12.25 -0.05
C CYS A 14 -3.57 -12.05 -1.49
N LEU A 15 -4.89 -12.02 -1.68
CA LEU A 15 -5.47 -11.83 -3.00
C LEU A 15 -6.80 -11.10 -2.92
N ARG A 16 -7.04 -10.44 -1.79
CA ARG A 16 -8.27 -9.69 -1.58
C ARG A 16 -7.97 -8.24 -1.21
N SER A 17 -9.02 -7.42 -1.18
CA SER A 17 -8.87 -6.00 -0.85
C SER A 17 -8.08 -5.83 0.43
N SER A 18 -8.14 -6.84 1.30
CA SER A 18 -7.42 -6.79 2.58
C SER A 18 -6.81 -8.14 2.91
N ASP A 19 -7.65 -9.06 3.41
CA ASP A 19 -7.19 -10.39 3.77
C ASP A 19 -5.93 -10.33 4.63
N CYS A 20 -5.99 -9.52 5.68
CA CYS A 20 -4.86 -9.37 6.59
C CYS A 20 -5.34 -9.14 8.03
N ILE A 21 -4.39 -9.16 8.97
CA ILE A 21 -4.71 -8.95 10.37
C ILE A 21 -5.56 -7.70 10.56
N ASP A 22 -6.31 -7.65 11.66
CA ASP A 22 -7.15 -6.51 11.96
C ASP A 22 -6.40 -5.20 11.75
N GLY A 23 -5.10 -5.21 12.05
CA GLY A 23 -4.29 -4.02 11.88
C GLY A 23 -3.23 -4.19 10.81
N PHE A 24 -3.60 -4.83 9.71
CA PHE A 24 -2.66 -5.06 8.61
C PHE A 24 -3.34 -4.83 7.26
N CYS A 25 -2.53 -4.62 6.23
CA CYS A 25 -3.05 -4.39 4.88
C CYS A 25 -2.25 -5.17 3.85
N CYS A 26 -2.95 -5.70 2.85
CA CYS A 26 -2.30 -6.47 1.80
C CYS A 26 -1.67 -5.56 0.76
N ALA A 27 -0.37 -5.75 0.51
CA ALA A 27 0.35 -4.95 -0.46
C ALA A 27 0.91 -5.82 -1.59
N ARG A 28 1.42 -5.16 -2.62
CA ARG A 28 1.99 -5.87 -3.77
C ARG A 28 3.51 -5.93 -3.68
N HIS A 29 4.07 -7.14 -3.81
CA HIS A 29 5.50 -7.32 -3.74
C HIS A 29 6.03 -7.94 -5.04
N PHE A 30 7.30 -7.65 -5.35
CA PHE A 30 7.92 -8.16 -6.56
C PHE A 30 7.66 -9.66 -6.71
N TRP A 31 8.32 -10.46 -5.87
CA TRP A 31 8.18 -11.91 -5.92
C TRP A 31 6.70 -12.30 -6.00
N THR A 32 5.93 -11.90 -5.00
CA THR A 32 4.50 -12.20 -4.97
C THR A 32 3.76 -11.26 -4.03
N LYS A 33 2.43 -11.34 -4.06
CA LYS A 33 1.60 -10.50 -3.21
C LYS A 33 1.60 -11.01 -1.78
N ILE A 34 2.08 -10.17 -0.85
CA ILE A 34 2.13 -10.54 0.56
C ILE A 34 1.39 -9.52 1.42
N CYS A 35 1.24 -9.84 2.70
CA CYS A 35 0.56 -8.95 3.64
C CYS A 35 1.56 -8.12 4.43
N LYS A 36 1.30 -6.82 4.53
CA LYS A 36 2.18 -5.93 5.26
C LYS A 36 1.39 -5.11 6.28
N PRO A 37 2.09 -4.64 7.32
CA PRO A 37 1.48 -3.84 8.40
C PRO A 37 1.05 -2.45 7.91
N VAL A 38 0.43 -1.69 8.80
CA VAL A 38 -0.03 -0.35 8.47
C VAL A 38 1.13 0.64 8.49
N LEU A 39 0.92 1.79 7.86
CA LEU A 39 1.95 2.82 7.80
C LEU A 39 1.68 3.92 8.82
N HIS A 40 2.63 4.83 8.98
CA HIS A 40 2.50 5.93 9.92
C HIS A 40 3.06 7.22 9.33
N GLN A 41 2.83 8.33 10.03
CA GLN A 41 3.31 9.63 9.59
C GLN A 41 4.74 9.53 9.07
N GLY A 42 4.97 10.04 7.86
CA GLY A 42 6.29 10.00 7.28
C GLY A 42 6.45 8.90 6.25
N GLU A 43 5.55 7.92 6.30
CA GLU A 43 5.59 6.80 5.35
C GLU A 43 4.89 7.17 4.05
N VAL A 44 5.16 6.39 3.00
CA VAL A 44 4.56 6.61 1.71
C VAL A 44 3.04 6.41 1.75
N CYS A 45 2.32 7.27 1.06
CA CYS A 45 0.86 7.19 1.02
C CYS A 45 0.36 6.99 -0.42
N THR A 46 -0.82 6.40 -0.54
CA THR A 46 -1.41 6.16 -1.85
C THR A 46 -2.88 6.54 -1.88
N LYS A 47 -3.20 7.62 -2.59
CA LYS A 47 -4.58 8.09 -2.70
C LYS A 47 -5.06 8.03 -4.15
N GLN A 48 -4.17 7.62 -5.05
CA GLN A 48 -4.51 7.52 -6.47
C GLN A 48 -3.70 6.41 -7.14
N ARG A 49 -4.39 5.34 -7.51
CA ARG A 49 -3.74 4.21 -8.16
C ARG A 49 -4.61 3.64 -9.27
N LYS A 50 -4.08 3.61 -10.49
CA LYS A 50 -4.81 3.10 -11.64
C LYS A 50 -4.15 1.83 -12.18
N LYS A 51 -4.91 0.75 -12.20
CA LYS A 51 -4.40 -0.54 -12.69
C LYS A 51 -5.44 -1.24 -13.55
N GLY A 52 -5.05 -1.61 -14.76
CA GLY A 52 -5.97 -2.30 -15.66
C GLY A 52 -5.51 -2.25 -17.10
N SER A 53 -5.09 -1.06 -17.54
CA SER A 53 -4.63 -0.88 -18.92
C SER A 53 -3.30 -1.59 -19.15
N HIS A 54 -2.88 -1.66 -20.40
CA HIS A 54 -1.62 -2.32 -20.76
C HIS A 54 -0.44 -1.49 -20.28
N GLY A 55 0.56 -2.17 -19.72
CA GLY A 55 1.74 -1.48 -19.22
C GLY A 55 1.50 -0.79 -17.89
N LEU A 56 1.42 -1.58 -16.83
CA LEU A 56 1.19 -1.04 -15.49
C LEU A 56 2.42 -1.24 -14.60
N GLU A 57 2.43 -0.56 -13.46
CA GLU A 57 3.53 -0.67 -12.53
C GLU A 57 3.06 -1.21 -11.18
N ILE A 58 3.89 -2.04 -10.56
CA ILE A 58 3.56 -2.63 -9.26
C ILE A 58 3.65 -1.60 -8.15
N PHE A 59 2.75 -1.70 -7.18
CA PHE A 59 2.72 -0.77 -6.06
C PHE A 59 2.88 -1.52 -4.73
N GLN A 60 4.04 -1.37 -4.11
CA GLN A 60 4.32 -2.02 -2.84
C GLN A 60 4.15 -1.05 -1.67
N ARG A 61 2.91 -0.80 -1.28
CA ARG A 61 2.62 0.11 -0.17
C ARG A 61 1.22 -0.15 0.38
N CYS A 62 0.95 0.41 1.56
CA CYS A 62 -0.34 0.25 2.21
C CYS A 62 -0.84 1.58 2.77
N ASP A 63 -2.09 1.58 3.21
CA ASP A 63 -2.70 2.80 3.77
C ASP A 63 -2.05 3.15 5.12
N CYS A 64 -2.20 4.41 5.52
CA CYS A 64 -1.65 4.87 6.79
C CYS A 64 -2.51 4.43 7.96
N ALA A 65 -1.99 4.57 9.17
CA ALA A 65 -2.71 4.19 10.37
C ALA A 65 -3.90 5.12 10.61
N LYS A 66 -4.84 4.66 11.42
CA LYS A 66 -6.04 5.44 11.74
C LYS A 66 -5.67 6.77 12.38
N GLY A 67 -6.21 7.85 11.85
CA GLY A 67 -5.92 9.17 12.38
C GLY A 67 -4.84 9.89 11.60
N LEU A 68 -4.56 9.40 10.41
CA LEU A 68 -3.53 10.01 9.55
C LEU A 68 -4.14 10.53 8.26
N SER A 69 -3.50 11.54 7.67
CA SER A 69 -3.98 12.13 6.43
C SER A 69 -3.00 11.87 5.29
N CYS A 70 -3.53 11.78 4.08
CA CYS A 70 -2.72 11.52 2.90
C CYS A 70 -2.37 12.82 2.19
N LYS A 71 -1.11 13.22 2.25
CA LYS A 71 -0.64 14.44 1.61
C LYS A 71 0.40 14.14 0.54
N VAL A 72 0.31 14.82 -0.59
CA VAL A 72 1.25 14.63 -1.69
C VAL A 72 2.67 14.93 -1.25
N TRP A 73 3.62 14.13 -1.74
CA TRP A 73 5.02 14.31 -1.40
C TRP A 73 5.90 14.26 -2.65
N LYS A 74 6.52 15.39 -2.97
CA LYS A 74 7.38 15.48 -4.15
C LYS A 74 8.74 14.86 -3.86
N ASP A 75 8.99 13.69 -4.44
CA ASP A 75 10.27 13.00 -4.25
C ASP A 75 10.71 12.31 -5.54
N ALA A 76 12.02 12.20 -5.71
CA ALA A 76 12.58 11.56 -6.91
C ALA A 76 12.20 10.08 -6.97
N THR A 77 10.98 9.80 -7.40
CA THR A 77 10.49 8.44 -7.49
C THR A 77 9.24 8.35 -8.36
N TYR A 78 8.38 9.36 -8.24
CA TYR A 78 7.15 9.40 -9.01
C TYR A 78 7.43 9.39 -10.50
N SER A 79 8.68 9.72 -10.86
CA SER A 79 9.08 9.75 -12.26
C SER A 79 8.70 8.45 -12.97
N SER A 80 8.60 7.38 -12.20
CA SER A 80 8.25 6.06 -12.75
C SER A 80 6.93 6.14 -13.53
N LYS A 81 5.91 6.68 -12.88
CA LYS A 81 4.59 6.81 -13.49
C LYS A 81 3.62 7.53 -12.57
N ALA A 82 3.27 6.86 -11.47
CA ALA A 82 2.34 7.44 -10.49
C ALA A 82 3.06 8.43 -9.59
N ARG A 83 2.28 9.23 -8.85
CA ARG A 83 2.83 10.22 -7.95
C ARG A 83 3.07 9.62 -6.55
N LEU A 84 4.06 10.15 -5.84
CA LEU A 84 4.37 9.68 -4.51
C LEU A 84 3.78 10.59 -3.45
N HIS A 85 3.24 9.99 -2.39
CA HIS A 85 2.64 10.76 -1.31
C HIS A 85 3.19 10.32 0.05
N VAL A 86 2.87 11.07 1.09
CA VAL A 86 3.34 10.75 2.43
C VAL A 86 2.21 10.80 3.44
N CYS A 87 2.41 10.17 4.59
CA CYS A 87 1.39 10.13 5.64
C CYS A 87 1.68 11.19 6.71
N GLN A 88 0.63 11.72 7.31
CA GLN A 88 0.77 12.73 8.35
C GLN A 88 -0.20 12.48 9.50
N LYS A 89 0.31 12.47 10.72
CA LYS A 89 -0.51 12.24 11.89
C LYS A 89 -1.44 13.42 12.14
N ILE A 90 -2.75 13.17 12.00
CA ILE A 90 -3.75 14.22 12.20
C ILE A 90 -3.80 14.64 13.66
N MET A 3 -15.00 -17.13 0.01
CA MET A 3 -13.63 -17.59 0.25
C MET A 3 -13.22 -17.35 1.69
N PRO A 4 -12.18 -18.06 2.14
CA PRO A 4 -11.66 -17.94 3.51
C PRO A 4 -10.97 -16.61 3.76
N HIS A 5 -11.08 -16.11 4.98
CA HIS A 5 -10.46 -14.84 5.35
C HIS A 5 -8.99 -15.03 5.71
N ILE A 6 -8.12 -14.79 4.73
CA ILE A 6 -6.69 -14.94 4.95
C ILE A 6 -6.11 -13.71 5.65
N LYS A 7 -5.35 -13.94 6.71
CA LYS A 7 -4.73 -12.86 7.46
C LYS A 7 -3.34 -12.53 6.91
N GLY A 8 -2.76 -11.44 7.40
CA GLY A 8 -1.45 -11.04 6.94
C GLY A 8 -0.35 -11.56 7.84
N HIS A 9 -0.19 -10.94 9.01
CA HIS A 9 0.84 -11.35 9.95
C HIS A 9 2.23 -11.06 9.40
N GLU A 10 2.29 -10.25 8.35
CA GLU A 10 3.56 -9.91 7.72
C GLU A 10 4.26 -11.15 7.17
N GLY A 11 3.86 -11.56 5.96
CA GLY A 11 4.46 -12.73 5.35
C GLY A 11 3.42 -13.73 4.89
N ASP A 12 2.27 -13.23 4.45
CA ASP A 12 1.19 -14.08 3.97
C ASP A 12 0.68 -13.61 2.61
N PRO A 13 0.39 -14.56 1.73
CA PRO A 13 -0.11 -14.26 0.37
C PRO A 13 -1.53 -13.72 0.39
N CYS A 14 -1.76 -12.62 -0.33
CA CYS A 14 -3.07 -12.00 -0.38
C CYS A 14 -3.59 -11.98 -1.83
N LEU A 15 -4.90 -12.20 -1.98
CA LEU A 15 -5.51 -12.19 -3.30
C LEU A 15 -6.57 -11.10 -3.40
N ARG A 16 -7.06 -10.64 -2.27
CA ARG A 16 -8.06 -9.59 -2.22
C ARG A 16 -7.43 -8.23 -1.94
N SER A 17 -8.21 -7.17 -2.08
CA SER A 17 -7.73 -5.82 -1.85
C SER A 17 -7.09 -5.71 -0.47
N SER A 18 -7.53 -6.56 0.46
CA SER A 18 -7.00 -6.55 1.82
C SER A 18 -6.43 -7.92 2.17
N ASP A 19 -7.30 -8.86 2.51
CA ASP A 19 -6.89 -10.20 2.87
C ASP A 19 -5.76 -10.17 3.90
N CYS A 20 -5.85 -9.22 4.83
CA CYS A 20 -4.84 -9.07 5.87
C CYS A 20 -5.49 -8.82 7.22
N ILE A 21 -4.68 -8.83 8.27
CA ILE A 21 -5.17 -8.60 9.62
C ILE A 21 -6.00 -7.32 9.69
N ASP A 22 -6.87 -7.24 10.69
CA ASP A 22 -7.73 -6.07 10.87
C ASP A 22 -6.90 -4.79 10.80
N GLY A 23 -5.65 -4.86 11.24
CA GLY A 23 -4.78 -3.70 11.20
C GLY A 23 -3.63 -3.86 10.24
N PHE A 24 -3.84 -4.64 9.18
CA PHE A 24 -2.82 -4.86 8.17
C PHE A 24 -3.36 -4.62 6.77
N CYS A 25 -2.46 -4.41 5.81
CA CYS A 25 -2.85 -4.16 4.43
C CYS A 25 -1.98 -4.97 3.48
N CYS A 26 -2.60 -5.48 2.41
CA CYS A 26 -1.89 -6.28 1.42
C CYS A 26 -1.11 -5.38 0.47
N ALA A 27 0.16 -5.71 0.26
CA ALA A 27 1.02 -4.93 -0.63
C ALA A 27 1.53 -5.79 -1.79
N ARG A 28 2.15 -5.15 -2.76
CA ARG A 28 2.68 -5.86 -3.93
C ARG A 28 4.20 -6.00 -3.83
N HIS A 29 4.68 -7.23 -3.98
CA HIS A 29 6.10 -7.52 -3.91
C HIS A 29 6.61 -8.12 -5.22
N PHE A 30 7.88 -7.89 -5.51
CA PHE A 30 8.49 -8.41 -6.74
C PHE A 30 8.16 -9.90 -6.92
N TRP A 31 8.73 -10.73 -6.05
CA TRP A 31 8.50 -12.17 -6.11
C TRP A 31 7.00 -12.48 -6.22
N THR A 32 6.25 -12.04 -5.22
CA THR A 32 4.80 -12.27 -5.20
C THR A 32 4.10 -11.30 -4.27
N LYS A 33 2.77 -11.30 -4.31
CA LYS A 33 1.98 -10.41 -3.46
C LYS A 33 1.91 -10.96 -2.04
N ILE A 34 2.30 -10.14 -1.07
CA ILE A 34 2.27 -10.54 0.34
C ILE A 34 1.54 -9.50 1.19
N CYS A 35 1.35 -9.83 2.46
CA CYS A 35 0.67 -8.92 3.38
C CYS A 35 1.68 -8.11 4.20
N LYS A 36 1.44 -6.82 4.30
CA LYS A 36 2.33 -5.94 5.06
C LYS A 36 1.54 -5.12 6.07
N PRO A 37 2.23 -4.66 7.14
CA PRO A 37 1.62 -3.86 8.20
C PRO A 37 1.24 -2.47 7.72
N VAL A 38 0.57 -1.72 8.58
CA VAL A 38 0.14 -0.36 8.25
C VAL A 38 1.31 0.62 8.36
N LEU A 39 1.17 1.78 7.72
CA LEU A 39 2.21 2.80 7.75
C LEU A 39 1.89 3.88 8.78
N HIS A 40 2.86 4.76 9.03
CA HIS A 40 2.67 5.84 9.98
C HIS A 40 3.19 7.16 9.42
N GLN A 41 2.93 8.24 10.14
CA GLN A 41 3.38 9.57 9.71
C GLN A 41 4.82 9.53 9.20
N GLY A 42 5.05 10.13 8.05
CA GLY A 42 6.38 10.14 7.47
C GLY A 42 6.58 9.06 6.42
N GLU A 43 5.72 8.05 6.45
CA GLU A 43 5.81 6.95 5.51
C GLU A 43 5.09 7.29 4.21
N VAL A 44 5.36 6.51 3.16
CA VAL A 44 4.74 6.72 1.86
C VAL A 44 3.23 6.53 1.94
N CYS A 45 2.48 7.38 1.23
CA CYS A 45 1.03 7.31 1.21
C CYS A 45 0.51 7.18 -0.21
N THR A 46 -0.71 6.68 -0.35
CA THR A 46 -1.33 6.50 -1.66
C THR A 46 -2.77 6.99 -1.66
N LYS A 47 -3.05 7.98 -2.49
CA LYS A 47 -4.41 8.54 -2.59
C LYS A 47 -4.98 8.33 -3.99
N GLN A 48 -4.19 7.71 -4.86
CA GLN A 48 -4.62 7.45 -6.23
C GLN A 48 -4.04 6.13 -6.74
N ARG A 49 -4.92 5.14 -6.91
CA ARG A 49 -4.50 3.83 -7.39
C ARG A 49 -5.52 3.26 -8.36
N LYS A 50 -5.13 3.18 -9.64
CA LYS A 50 -6.01 2.65 -10.68
C LYS A 50 -5.44 1.37 -11.27
N LYS A 51 -6.32 0.41 -11.54
CA LYS A 51 -5.91 -0.87 -12.12
C LYS A 51 -6.91 -1.33 -13.17
N GLY A 52 -6.43 -1.47 -14.41
CA GLY A 52 -7.29 -1.90 -15.49
C GLY A 52 -6.54 -2.71 -16.53
N SER A 53 -5.72 -2.03 -17.33
CA SER A 53 -4.96 -2.69 -18.38
C SER A 53 -3.67 -3.30 -17.81
N HIS A 54 -3.21 -4.38 -18.43
CA HIS A 54 -1.99 -5.05 -17.99
C HIS A 54 -0.76 -4.26 -18.41
N GLY A 55 0.40 -4.67 -17.88
CA GLY A 55 1.64 -3.99 -18.21
C GLY A 55 1.80 -2.68 -17.47
N LEU A 56 1.54 -2.70 -16.17
CA LEU A 56 1.66 -1.51 -15.34
C LEU A 56 2.80 -1.65 -14.35
N GLU A 57 3.14 -0.54 -13.68
CA GLU A 57 4.23 -0.55 -12.70
C GLU A 57 3.74 -1.06 -11.36
N ILE A 58 4.57 -1.89 -10.72
CA ILE A 58 4.22 -2.45 -9.42
C ILE A 58 4.22 -1.39 -8.33
N PHE A 59 3.35 -1.56 -7.34
CA PHE A 59 3.26 -0.61 -6.23
C PHE A 59 3.35 -1.33 -4.90
N GLN A 60 4.47 -1.12 -4.20
CA GLN A 60 4.68 -1.75 -2.90
C GLN A 60 4.46 -0.75 -1.77
N ARG A 61 3.20 -0.56 -1.41
CA ARG A 61 2.84 0.38 -0.34
C ARG A 61 1.46 0.06 0.22
N CYS A 62 1.14 0.64 1.37
CA CYS A 62 -0.15 0.43 2.01
C CYS A 62 -0.68 1.72 2.63
N ASP A 63 -1.92 1.68 3.08
CA ASP A 63 -2.54 2.85 3.69
C ASP A 63 -1.92 3.16 5.04
N CYS A 64 -2.10 4.39 5.51
CA CYS A 64 -1.55 4.81 6.79
C CYS A 64 -2.41 4.30 7.94
N ALA A 65 -1.89 4.42 9.16
CA ALA A 65 -2.60 3.97 10.35
C ALA A 65 -3.81 4.86 10.63
N LYS A 66 -4.74 4.34 11.42
CA LYS A 66 -5.96 5.07 11.76
C LYS A 66 -5.61 6.39 12.46
N GLY A 67 -6.13 7.49 11.92
CA GLY A 67 -5.88 8.80 12.51
C GLY A 67 -4.81 9.57 11.75
N LEU A 68 -4.51 9.11 10.54
CA LEU A 68 -3.50 9.76 9.72
C LEU A 68 -4.11 10.31 8.43
N SER A 69 -3.51 11.37 7.89
CA SER A 69 -4.00 11.98 6.67
C SER A 69 -3.02 11.76 5.52
N CYS A 70 -3.56 11.58 4.31
CA CYS A 70 -2.74 11.36 3.13
C CYS A 70 -2.45 12.67 2.42
N LYS A 71 -1.19 13.11 2.48
CA LYS A 71 -0.78 14.35 1.84
C LYS A 71 0.25 14.08 0.74
N VAL A 72 0.15 14.84 -0.35
CA VAL A 72 1.08 14.68 -1.47
C VAL A 72 2.50 15.05 -1.06
N TRP A 73 3.47 14.29 -1.56
CA TRP A 73 4.88 14.54 -1.26
C TRP A 73 5.73 14.53 -2.52
N LYS A 74 6.28 15.69 -2.86
CA LYS A 74 7.11 15.83 -4.04
C LYS A 74 8.51 15.29 -3.78
N ASP A 75 8.81 14.13 -4.37
CA ASP A 75 10.13 13.52 -4.21
C ASP A 75 10.57 12.85 -5.50
N ALA A 76 11.89 12.80 -5.71
CA ALA A 76 12.45 12.19 -6.91
C ALA A 76 12.15 10.70 -6.95
N THR A 77 10.93 10.35 -7.35
CA THR A 77 10.52 8.95 -7.44
C THR A 77 9.25 8.80 -8.28
N TYR A 78 8.34 9.76 -8.13
CA TYR A 78 7.09 9.73 -8.87
C TYR A 78 7.34 9.72 -10.38
N SER A 79 8.55 10.11 -10.78
CA SER A 79 8.92 10.15 -12.19
C SER A 79 8.61 8.81 -12.87
N SER A 80 8.59 7.75 -12.08
CA SER A 80 8.30 6.42 -12.60
C SER A 80 6.97 6.39 -13.34
N LYS A 81 5.90 6.71 -12.61
CA LYS A 81 4.56 6.72 -13.20
C LYS A 81 3.59 7.46 -12.28
N ALA A 82 3.26 6.84 -11.16
CA ALA A 82 2.33 7.43 -10.21
C ALA A 82 3.03 8.48 -9.35
N ARG A 83 2.23 9.24 -8.59
CA ARG A 83 2.78 10.28 -7.73
C ARG A 83 3.09 9.73 -6.34
N LEU A 84 4.07 10.33 -5.68
CA LEU A 84 4.47 9.90 -4.34
C LEU A 84 3.83 10.78 -3.27
N HIS A 85 3.34 10.16 -2.21
CA HIS A 85 2.71 10.88 -1.11
C HIS A 85 3.27 10.44 0.24
N VAL A 86 2.93 11.18 1.28
CA VAL A 86 3.40 10.86 2.63
C VAL A 86 2.25 10.87 3.64
N CYS A 87 2.46 10.21 4.77
CA CYS A 87 1.44 10.13 5.81
C CYS A 87 1.71 11.17 6.90
N GLN A 88 0.63 11.66 7.51
CA GLN A 88 0.75 12.66 8.56
C GLN A 88 -0.22 12.35 9.71
N LYS A 89 0.31 12.33 10.93
CA LYS A 89 -0.51 12.05 12.10
C LYS A 89 -1.48 13.20 12.38
N ILE A 90 -2.76 12.92 12.23
CA ILE A 90 -3.79 13.93 12.46
C ILE A 90 -3.86 14.32 13.94
N MET A 3 -10.66 -19.54 -0.55
CA MET A 3 -10.13 -19.68 0.79
C MET A 3 -10.83 -18.73 1.76
N PRO A 4 -10.80 -19.08 3.05
CA PRO A 4 -11.43 -18.27 4.10
C PRO A 4 -10.69 -16.95 4.33
N HIS A 5 -11.09 -16.23 5.37
CA HIS A 5 -10.47 -14.95 5.71
C HIS A 5 -8.98 -15.13 5.99
N ILE A 6 -8.15 -14.88 4.98
CA ILE A 6 -6.71 -15.01 5.12
C ILE A 6 -6.11 -13.80 5.82
N LYS A 7 -5.32 -14.04 6.86
CA LYS A 7 -4.68 -12.96 7.60
C LYS A 7 -3.33 -12.61 7.01
N GLY A 8 -2.74 -11.52 7.49
CA GLY A 8 -1.43 -11.10 6.99
C GLY A 8 -0.29 -11.62 7.84
N HIS A 9 -0.11 -11.02 9.02
CA HIS A 9 0.96 -11.41 9.92
C HIS A 9 2.32 -11.10 9.33
N GLU A 10 2.34 -10.27 8.30
CA GLU A 10 3.58 -9.90 7.63
C GLU A 10 4.28 -11.12 7.05
N GLY A 11 3.84 -11.54 5.87
CA GLY A 11 4.43 -12.69 5.22
C GLY A 11 3.39 -13.71 4.78
N ASP A 12 2.23 -13.23 4.36
CA ASP A 12 1.15 -14.09 3.91
C ASP A 12 0.61 -13.64 2.56
N PRO A 13 0.34 -14.62 1.68
CA PRO A 13 -0.19 -14.35 0.33
C PRO A 13 -1.63 -13.83 0.38
N CYS A 14 -1.87 -12.73 -0.32
CA CYS A 14 -3.20 -12.13 -0.37
C CYS A 14 -3.69 -12.01 -1.81
N LEU A 15 -4.98 -11.74 -1.98
CA LEU A 15 -5.57 -11.60 -3.30
C LEU A 15 -6.88 -10.83 -3.23
N ARG A 16 -7.03 -10.00 -2.20
CA ARG A 16 -8.23 -9.21 -2.02
C ARG A 16 -7.89 -7.79 -1.58
N SER A 17 -8.90 -6.92 -1.55
CA SER A 17 -8.71 -5.54 -1.16
C SER A 17 -7.94 -5.45 0.15
N SER A 18 -8.05 -6.49 0.97
CA SER A 18 -7.37 -6.52 2.26
C SER A 18 -6.73 -7.90 2.50
N ASP A 19 -7.57 -8.87 2.85
CA ASP A 19 -7.09 -10.23 3.11
C ASP A 19 -5.92 -10.21 4.09
N CYS A 20 -5.98 -9.30 5.05
CA CYS A 20 -4.93 -9.17 6.05
C CYS A 20 -5.51 -8.92 7.44
N ILE A 21 -4.66 -8.97 8.46
CA ILE A 21 -5.11 -8.74 9.83
C ILE A 21 -5.94 -7.47 9.93
N ASP A 22 -6.77 -7.39 10.97
CA ASP A 22 -7.62 -6.24 11.19
C ASP A 22 -6.82 -4.95 11.09
N GLY A 23 -5.54 -5.02 11.47
CA GLY A 23 -4.68 -3.85 11.42
C GLY A 23 -3.57 -4.00 10.41
N PHE A 24 -3.82 -4.75 9.34
CA PHE A 24 -2.83 -4.96 8.30
C PHE A 24 -3.42 -4.71 6.92
N CYS A 25 -2.56 -4.49 5.94
CA CYS A 25 -3.00 -4.22 4.58
C CYS A 25 -2.18 -5.03 3.57
N CYS A 26 -2.85 -5.54 2.55
CA CYS A 26 -2.19 -6.34 1.52
C CYS A 26 -1.45 -5.44 0.52
N ALA A 27 -0.19 -5.76 0.29
CA ALA A 27 0.64 -4.98 -0.64
C ALA A 27 1.13 -5.84 -1.80
N ARG A 28 1.72 -5.21 -2.80
CA ARG A 28 2.23 -5.92 -3.96
C ARG A 28 3.74 -6.06 -3.90
N HIS A 29 4.22 -7.29 -4.04
CA HIS A 29 5.66 -7.56 -3.99
C HIS A 29 6.13 -8.20 -5.29
N PHE A 30 7.40 -7.98 -5.63
CA PHE A 30 7.98 -8.54 -6.85
C PHE A 30 7.64 -10.01 -6.99
N TRP A 31 8.26 -10.84 -6.17
CA TRP A 31 8.03 -12.27 -6.20
C TRP A 31 6.54 -12.58 -6.28
N THR A 32 5.80 -12.14 -5.27
CA THR A 32 4.36 -12.37 -5.22
C THR A 32 3.68 -11.38 -4.28
N LYS A 33 2.35 -11.37 -4.30
CA LYS A 33 1.57 -10.48 -3.46
C LYS A 33 1.53 -10.99 -2.02
N ILE A 34 2.06 -10.19 -1.10
CA ILE A 34 2.08 -10.57 0.31
C ILE A 34 1.35 -9.52 1.16
N CYS A 35 1.18 -9.84 2.45
CA CYS A 35 0.51 -8.94 3.38
C CYS A 35 1.53 -8.12 4.17
N LYS A 36 1.25 -6.82 4.31
CA LYS A 36 2.14 -5.94 5.05
C LYS A 36 1.36 -5.13 6.08
N PRO A 37 2.06 -4.68 7.14
CA PRO A 37 1.45 -3.89 8.21
C PRO A 37 1.05 -2.49 7.75
N VAL A 38 0.41 -1.74 8.64
CA VAL A 38 -0.04 -0.39 8.32
C VAL A 38 1.12 0.60 8.38
N LEU A 39 0.94 1.76 7.77
CA LEU A 39 1.97 2.79 7.76
C LEU A 39 1.69 3.86 8.80
N HIS A 40 2.64 4.77 9.00
CA HIS A 40 2.49 5.84 9.98
C HIS A 40 3.05 7.15 9.43
N GLN A 41 2.82 8.24 10.15
CA GLN A 41 3.30 9.55 9.74
C GLN A 41 4.75 9.46 9.25
N GLY A 42 4.99 10.00 8.06
CA GLY A 42 6.34 9.98 7.50
C GLY A 42 6.50 8.91 6.45
N GLU A 43 5.61 7.92 6.45
CA GLU A 43 5.67 6.83 5.50
C GLU A 43 5.01 7.23 4.18
N VAL A 44 5.26 6.46 3.13
CA VAL A 44 4.69 6.72 1.82
C VAL A 44 3.18 6.53 1.83
N CYS A 45 2.46 7.43 1.16
CA CYS A 45 1.01 7.36 1.09
C CYS A 45 0.54 7.26 -0.35
N THR A 46 -0.67 6.74 -0.55
CA THR A 46 -1.23 6.58 -1.88
C THR A 46 -2.69 7.03 -1.91
N LYS A 47 -2.96 8.09 -2.67
CA LYS A 47 -4.31 8.61 -2.79
C LYS A 47 -4.85 8.44 -4.21
N GLN A 48 -4.09 7.72 -5.04
CA GLN A 48 -4.49 7.48 -6.42
C GLN A 48 -3.93 6.15 -6.91
N ARG A 49 -4.83 5.18 -7.11
CA ARG A 49 -4.44 3.86 -7.58
C ARG A 49 -5.15 3.52 -8.89
N LYS A 50 -4.37 3.42 -9.96
CA LYS A 50 -4.92 3.11 -11.28
C LYS A 50 -4.42 1.75 -11.76
N LYS A 51 -5.32 0.77 -11.84
CA LYS A 51 -4.96 -0.57 -12.28
C LYS A 51 -6.05 -1.14 -13.18
N GLY A 52 -5.71 -1.38 -14.45
CA GLY A 52 -6.67 -1.92 -15.39
C GLY A 52 -6.03 -2.29 -16.71
N SER A 53 -5.25 -1.37 -17.27
CA SER A 53 -4.59 -1.60 -18.54
C SER A 53 -3.46 -2.62 -18.40
N HIS A 54 -3.26 -3.44 -19.43
CA HIS A 54 -2.22 -4.46 -19.41
C HIS A 54 -0.84 -3.82 -19.50
N GLY A 55 -0.02 -4.05 -18.47
CA GLY A 55 1.31 -3.49 -18.45
C GLY A 55 1.42 -2.28 -17.55
N LEU A 56 1.20 -2.48 -16.25
CA LEU A 56 1.27 -1.40 -15.28
C LEU A 56 2.45 -1.59 -14.33
N GLU A 57 2.74 -0.56 -13.55
CA GLU A 57 3.85 -0.62 -12.60
C GLU A 57 3.38 -1.16 -11.26
N ILE A 58 4.21 -2.00 -10.64
CA ILE A 58 3.88 -2.59 -9.35
C ILE A 58 3.91 -1.54 -8.24
N PHE A 59 3.00 -1.69 -7.28
CA PHE A 59 2.92 -0.76 -6.16
C PHE A 59 3.07 -1.49 -4.82
N GLN A 60 4.21 -1.31 -4.18
CA GLN A 60 4.46 -1.96 -2.90
C GLN A 60 4.28 -0.97 -1.74
N ARG A 61 3.03 -0.74 -1.37
CA ARG A 61 2.72 0.18 -0.27
C ARG A 61 1.32 -0.08 0.28
N CYS A 62 1.03 0.51 1.43
CA CYS A 62 -0.28 0.35 2.06
C CYS A 62 -0.76 1.67 2.64
N ASP A 63 -2.03 1.68 3.08
CA ASP A 63 -2.62 2.87 3.67
C ASP A 63 -2.00 3.18 5.02
N CYS A 64 -2.15 4.42 5.46
CA CYS A 64 -1.61 4.85 6.75
C CYS A 64 -2.49 4.38 7.90
N ALA A 65 -1.98 4.50 9.12
CA ALA A 65 -2.73 4.09 10.30
C ALA A 65 -3.92 5.01 10.55
N LYS A 66 -4.88 4.53 11.32
CA LYS A 66 -6.07 5.31 11.64
C LYS A 66 -5.71 6.62 12.32
N GLY A 67 -6.26 7.72 11.81
CA GLY A 67 -5.98 9.02 12.39
C GLY A 67 -4.89 9.76 11.65
N LEU A 68 -4.58 9.29 10.45
CA LEU A 68 -3.54 9.93 9.63
C LEU A 68 -4.13 10.48 8.34
N SER A 69 -3.47 11.50 7.79
CA SER A 69 -3.94 12.12 6.55
C SER A 69 -2.96 11.89 5.42
N CYS A 70 -3.48 11.77 4.21
CA CYS A 70 -2.64 11.53 3.03
C CYS A 70 -2.30 12.85 2.34
N LYS A 71 -1.05 13.26 2.42
CA LYS A 71 -0.59 14.48 1.79
C LYS A 71 0.45 14.20 0.71
N VAL A 72 0.36 14.94 -0.38
CA VAL A 72 1.29 14.77 -1.50
C VAL A 72 2.72 15.11 -1.07
N TRP A 73 3.67 14.33 -1.58
CA TRP A 73 5.08 14.54 -1.25
C TRP A 73 5.94 14.53 -2.51
N LYS A 74 6.52 15.67 -2.83
CA LYS A 74 7.37 15.80 -4.02
C LYS A 74 8.75 15.22 -3.75
N ASP A 75 9.02 14.05 -4.33
CA ASP A 75 10.32 13.40 -4.17
C ASP A 75 10.76 12.73 -5.46
N ALA A 76 12.07 12.64 -5.66
CA ALA A 76 12.63 12.02 -6.85
C ALA A 76 12.29 10.53 -6.90
N THR A 77 11.07 10.22 -7.31
CA THR A 77 10.62 8.83 -7.40
C THR A 77 9.35 8.72 -8.24
N TYR A 78 8.47 9.70 -8.12
CA TYR A 78 7.22 9.71 -8.86
C TYR A 78 7.48 9.69 -10.36
N SER A 79 8.70 10.05 -10.75
CA SER A 79 9.09 10.08 -12.16
C SER A 79 8.74 8.75 -12.84
N SER A 80 8.68 7.69 -12.05
CA SER A 80 8.38 6.36 -12.58
C SER A 80 7.04 6.37 -13.31
N LYS A 81 5.97 6.63 -12.58
CA LYS A 81 4.64 6.66 -13.17
C LYS A 81 3.67 7.44 -12.28
N ALA A 82 3.30 6.84 -11.15
CA ALA A 82 2.39 7.49 -10.20
C ALA A 82 3.12 8.51 -9.35
N ARG A 83 2.35 9.30 -8.60
CA ARG A 83 2.92 10.33 -7.74
C ARG A 83 3.21 9.77 -6.35
N LEU A 84 4.20 10.35 -5.68
CA LEU A 84 4.58 9.91 -4.33
C LEU A 84 3.95 10.81 -3.27
N HIS A 85 3.46 10.21 -2.20
CA HIS A 85 2.84 10.95 -1.11
C HIS A 85 3.38 10.49 0.24
N VAL A 86 3.05 11.23 1.29
CA VAL A 86 3.49 10.90 2.64
C VAL A 86 2.34 10.92 3.62
N CYS A 87 2.51 10.24 4.75
CA CYS A 87 1.48 10.18 5.78
C CYS A 87 1.75 11.21 6.88
N GLN A 88 0.67 11.71 7.49
CA GLN A 88 0.79 12.69 8.55
C GLN A 88 -0.20 12.41 9.67
N LYS A 89 0.29 12.37 10.90
CA LYS A 89 -0.56 12.10 12.05
C LYS A 89 -1.50 13.27 12.32
N ILE A 90 -2.79 13.04 12.13
CA ILE A 90 -3.80 14.06 12.34
C ILE A 90 -3.89 14.46 13.82
N MET A 3 -10.85 -21.62 6.08
CA MET A 3 -10.00 -20.48 6.38
C MET A 3 -10.60 -19.19 5.81
N PRO A 4 -11.69 -18.73 6.44
CA PRO A 4 -12.38 -17.51 6.01
C PRO A 4 -11.56 -16.25 6.29
N HIS A 5 -11.60 -15.30 5.36
CA HIS A 5 -10.85 -14.05 5.51
C HIS A 5 -9.37 -14.32 5.73
N ILE A 6 -8.60 -14.32 4.64
CA ILE A 6 -7.17 -14.57 4.72
C ILE A 6 -6.45 -13.40 5.38
N LYS A 7 -5.76 -13.68 6.48
CA LYS A 7 -5.02 -12.66 7.20
C LYS A 7 -3.66 -12.42 6.56
N GLY A 8 -2.96 -11.37 7.02
CA GLY A 8 -1.65 -11.06 6.48
C GLY A 8 -0.53 -11.60 7.35
N HIS A 9 -0.37 -11.01 8.53
CA HIS A 9 0.68 -11.44 9.45
C HIS A 9 2.06 -11.15 8.88
N GLU A 10 2.10 -10.29 7.86
CA GLU A 10 3.36 -9.93 7.22
C GLU A 10 4.04 -11.16 6.62
N GLY A 11 3.59 -11.55 5.43
CA GLY A 11 4.15 -12.71 4.77
C GLY A 11 3.10 -13.69 4.30
N ASP A 12 1.95 -13.17 3.88
CA ASP A 12 0.86 -14.00 3.41
C ASP A 12 0.33 -13.50 2.07
N PRO A 13 0.02 -14.44 1.16
CA PRO A 13 -0.49 -14.12 -0.17
C PRO A 13 -1.91 -13.56 -0.12
N CYS A 14 -2.10 -12.41 -0.76
CA CYS A 14 -3.41 -11.77 -0.79
C CYS A 14 -3.94 -11.68 -2.23
N LEU A 15 -5.25 -11.84 -2.37
CA LEU A 15 -5.88 -11.78 -3.69
C LEU A 15 -6.85 -10.60 -3.77
N ARG A 16 -7.35 -10.17 -2.62
CA ARG A 16 -8.28 -9.04 -2.57
C ARG A 16 -7.56 -7.76 -2.19
N SER A 17 -8.24 -6.63 -2.36
CA SER A 17 -7.66 -5.32 -2.04
C SER A 17 -7.11 -5.32 -0.62
N SER A 18 -7.67 -6.17 0.23
CA SER A 18 -7.23 -6.25 1.62
C SER A 18 -6.64 -7.63 1.91
N ASP A 19 -7.51 -8.61 2.12
CA ASP A 19 -7.08 -9.98 2.42
C ASP A 19 -5.94 -9.98 3.45
N CYS A 20 -6.02 -9.05 4.39
CA CYS A 20 -5.01 -8.94 5.44
C CYS A 20 -5.66 -8.73 6.81
N ILE A 21 -4.85 -8.80 7.85
CA ILE A 21 -5.34 -8.61 9.22
C ILE A 21 -6.21 -7.37 9.32
N ASP A 22 -7.08 -7.33 10.33
CA ASP A 22 -7.97 -6.20 10.55
C ASP A 22 -7.19 -4.89 10.52
N GLY A 23 -5.92 -4.95 10.92
CA GLY A 23 -5.08 -3.77 10.94
C GLY A 23 -3.92 -3.86 9.99
N PHE A 24 -4.07 -4.67 8.93
CA PHE A 24 -3.02 -4.85 7.94
C PHE A 24 -3.54 -4.56 6.54
N CYS A 25 -2.62 -4.30 5.62
CA CYS A 25 -2.98 -4.00 4.24
C CYS A 25 -2.14 -4.81 3.26
N CYS A 26 -2.76 -5.28 2.19
CA CYS A 26 -2.07 -6.06 1.18
C CYS A 26 -1.26 -5.17 0.25
N ALA A 27 -0.03 -5.57 -0.01
CA ALA A 27 0.86 -4.81 -0.89
C ALA A 27 1.29 -5.64 -2.09
N ARG A 28 1.93 -4.98 -3.05
CA ARG A 28 2.39 -5.66 -4.26
C ARG A 28 3.91 -5.86 -4.22
N HIS A 29 4.34 -7.11 -4.43
CA HIS A 29 5.76 -7.44 -4.42
C HIS A 29 6.19 -8.02 -5.77
N PHE A 30 7.46 -7.83 -6.11
CA PHE A 30 7.99 -8.33 -7.37
C PHE A 30 7.62 -9.79 -7.57
N TRP A 31 8.19 -10.66 -6.75
CA TRP A 31 7.91 -12.10 -6.84
C TRP A 31 6.41 -12.35 -6.91
N THR A 32 5.69 -11.91 -5.88
CA THR A 32 4.25 -12.10 -5.82
C THR A 32 3.61 -11.13 -4.83
N LYS A 33 2.28 -11.08 -4.83
CA LYS A 33 1.55 -10.20 -3.93
C LYS A 33 1.50 -10.78 -2.52
N ILE A 34 1.97 -10.00 -1.55
CA ILE A 34 1.98 -10.44 -0.16
C ILE A 34 1.29 -9.41 0.73
N CYS A 35 1.13 -9.76 2.00
CA CYS A 35 0.49 -8.88 2.97
C CYS A 35 1.54 -8.13 3.79
N LYS A 36 1.33 -6.82 3.95
CA LYS A 36 2.24 -5.99 4.72
C LYS A 36 1.49 -5.19 5.78
N PRO A 37 2.23 -4.77 6.82
CA PRO A 37 1.65 -3.98 7.93
C PRO A 37 1.28 -2.57 7.49
N VAL A 38 0.58 -1.85 8.37
CA VAL A 38 0.16 -0.48 8.08
C VAL A 38 1.32 0.49 8.24
N LEU A 39 1.17 1.67 7.64
CA LEU A 39 2.21 2.70 7.72
C LEU A 39 1.85 3.76 8.76
N HIS A 40 2.81 4.64 9.04
CA HIS A 40 2.60 5.70 10.02
C HIS A 40 3.10 7.04 9.48
N GLN A 41 2.82 8.11 10.21
CA GLN A 41 3.25 9.45 9.81
C GLN A 41 4.70 9.43 9.33
N GLY A 42 4.95 10.07 8.20
CA GLY A 42 6.29 10.12 7.65
C GLY A 42 6.51 9.08 6.58
N GLU A 43 5.73 8.01 6.63
CA GLU A 43 5.85 6.92 5.65
C GLU A 43 5.15 7.29 4.35
N VAL A 44 5.49 6.58 3.28
CA VAL A 44 4.91 6.83 1.97
C VAL A 44 3.41 6.50 1.97
N CYS A 45 2.63 7.35 1.31
CA CYS A 45 1.19 7.15 1.24
C CYS A 45 0.73 6.96 -0.21
N THR A 46 -0.41 6.31 -0.39
CA THR A 46 -0.96 6.07 -1.72
C THR A 46 -2.45 6.36 -1.77
N LYS A 47 -2.81 7.43 -2.47
CA LYS A 47 -4.21 7.82 -2.59
C LYS A 47 -4.66 7.77 -4.05
N GLN A 48 -3.74 7.39 -4.94
CA GLN A 48 -4.05 7.29 -6.35
C GLN A 48 -3.19 6.22 -7.02
N ARG A 49 -3.82 5.12 -7.41
CA ARG A 49 -3.11 4.02 -8.06
C ARG A 49 -3.95 3.43 -9.20
N LYS A 50 -3.29 2.72 -10.11
CA LYS A 50 -3.97 2.11 -11.24
C LYS A 50 -3.79 0.59 -11.22
N LYS A 51 -4.90 -0.13 -11.12
CA LYS A 51 -4.87 -1.59 -11.09
C LYS A 51 -5.98 -2.17 -11.94
N GLY A 52 -5.62 -2.77 -13.07
CA GLY A 52 -6.61 -3.36 -13.96
C GLY A 52 -5.98 -4.07 -15.14
N SER A 53 -5.85 -3.35 -16.26
CA SER A 53 -5.27 -3.92 -17.47
C SER A 53 -3.76 -4.13 -17.30
N HIS A 54 -3.21 -5.05 -18.08
CA HIS A 54 -1.79 -5.34 -18.01
C HIS A 54 -0.97 -4.23 -18.65
N GLY A 55 0.28 -4.08 -18.20
CA GLY A 55 1.14 -3.04 -18.74
C GLY A 55 1.27 -1.85 -17.80
N LEU A 56 1.09 -2.11 -16.51
CA LEU A 56 1.18 -1.05 -15.50
C LEU A 56 2.40 -1.26 -14.61
N GLU A 57 2.75 -0.22 -13.84
CA GLU A 57 3.88 -0.29 -12.93
C GLU A 57 3.45 -0.81 -11.56
N ILE A 58 4.29 -1.66 -10.97
CA ILE A 58 4.00 -2.22 -9.65
C ILE A 58 4.11 -1.17 -8.57
N PHE A 59 3.23 -1.26 -7.57
CA PHE A 59 3.24 -0.31 -6.47
C PHE A 59 3.23 -1.04 -5.11
N GLN A 60 4.36 -0.97 -4.41
CA GLN A 60 4.49 -1.62 -3.12
C GLN A 60 4.28 -0.62 -1.98
N ARG A 61 3.02 -0.28 -1.72
CA ARG A 61 2.69 0.67 -0.67
C ARG A 61 1.31 0.36 -0.08
N CYS A 62 1.11 0.74 1.17
CA CYS A 62 -0.16 0.51 1.85
C CYS A 62 -0.68 1.80 2.49
N ASP A 63 -1.91 1.76 2.97
CA ASP A 63 -2.53 2.93 3.61
C ASP A 63 -1.91 3.18 4.97
N CYS A 64 -2.08 4.40 5.48
CA CYS A 64 -1.53 4.78 6.77
C CYS A 64 -2.40 4.24 7.90
N ALA A 65 -1.90 4.36 9.13
CA ALA A 65 -2.63 3.88 10.30
C ALA A 65 -3.86 4.75 10.58
N LYS A 66 -4.80 4.21 11.34
CA LYS A 66 -6.02 4.94 11.67
C LYS A 66 -5.69 6.25 12.39
N GLY A 67 -6.25 7.35 11.89
CA GLY A 67 -6.01 8.65 12.49
C GLY A 67 -4.95 9.44 11.75
N LEU A 68 -4.60 8.99 10.56
CA LEU A 68 -3.59 9.67 9.75
C LEU A 68 -4.20 10.25 8.47
N SER A 69 -3.58 11.30 7.96
CA SER A 69 -4.07 11.94 6.74
C SER A 69 -3.07 11.78 5.60
N CYS A 70 -3.58 11.36 4.44
CA CYS A 70 -2.73 11.17 3.26
C CYS A 70 -2.49 12.48 2.53
N LYS A 71 -1.26 12.98 2.62
CA LYS A 71 -0.89 14.23 1.96
C LYS A 71 0.16 14.00 0.89
N VAL A 72 0.08 14.77 -0.20
CA VAL A 72 1.03 14.65 -1.29
C VAL A 72 2.43 15.05 -0.86
N TRP A 73 3.43 14.33 -1.36
CA TRP A 73 4.82 14.61 -1.01
C TRP A 73 5.69 14.64 -2.27
N LYS A 74 6.22 15.82 -2.57
CA LYS A 74 7.08 15.99 -3.75
C LYS A 74 8.48 15.48 -3.47
N ASP A 75 8.83 14.34 -4.06
CA ASP A 75 10.15 13.75 -3.88
C ASP A 75 10.65 13.11 -5.17
N ALA A 76 11.96 13.10 -5.35
CA ALA A 76 12.56 12.53 -6.54
C ALA A 76 12.31 11.02 -6.61
N THR A 77 11.11 10.65 -7.04
CA THR A 77 10.73 9.24 -7.16
C THR A 77 9.49 9.07 -8.02
N TYR A 78 8.56 10.00 -7.90
CA TYR A 78 7.32 9.95 -8.66
C TYR A 78 7.61 9.97 -10.17
N SER A 79 8.81 10.39 -10.53
CA SER A 79 9.22 10.45 -11.93
C SER A 79 8.94 9.13 -12.63
N SER A 80 8.93 8.04 -11.86
CA SER A 80 8.68 6.72 -12.40
C SER A 80 7.37 6.68 -13.17
N LYS A 81 6.27 6.96 -12.47
CA LYS A 81 4.95 6.97 -13.08
C LYS A 81 3.93 7.65 -12.17
N ALA A 82 3.60 7.00 -11.06
CA ALA A 82 2.64 7.56 -10.11
C ALA A 82 3.30 8.61 -9.22
N ARG A 83 2.48 9.34 -8.48
CA ARG A 83 2.98 10.39 -7.59
C ARG A 83 3.27 9.82 -6.20
N LEU A 84 4.23 10.43 -5.51
CA LEU A 84 4.59 9.99 -4.18
C LEU A 84 3.92 10.84 -3.11
N HIS A 85 3.43 10.19 -2.05
CA HIS A 85 2.75 10.89 -0.97
C HIS A 85 3.32 10.46 0.39
N VAL A 86 2.94 11.18 1.44
CA VAL A 86 3.40 10.88 2.79
C VAL A 86 2.25 10.85 3.78
N CYS A 87 2.46 10.20 4.91
CA CYS A 87 1.44 10.09 5.95
C CYS A 87 1.66 11.14 7.03
N GLN A 88 0.56 11.60 7.63
CA GLN A 88 0.63 12.60 8.69
C GLN A 88 -0.34 12.27 9.82
N LYS A 89 0.19 12.22 11.04
CA LYS A 89 -0.64 11.92 12.21
C LYS A 89 -1.63 13.05 12.49
N ILE A 90 -2.91 12.78 12.27
CA ILE A 90 -3.94 13.78 12.49
C ILE A 90 -4.04 14.14 13.98
N MET A 3 -12.46 -17.53 -1.23
CA MET A 3 -11.45 -18.15 -0.37
C MET A 3 -11.70 -17.80 1.10
N PRO A 4 -11.11 -18.60 2.00
CA PRO A 4 -11.26 -18.40 3.44
C PRO A 4 -10.54 -17.15 3.94
N HIS A 5 -11.10 -16.49 4.94
CA HIS A 5 -10.51 -15.29 5.50
C HIS A 5 -9.04 -15.52 5.86
N ILE A 6 -8.15 -15.01 5.02
CA ILE A 6 -6.72 -15.17 5.26
C ILE A 6 -6.13 -13.93 5.92
N LYS A 7 -5.37 -14.14 6.99
CA LYS A 7 -4.74 -13.05 7.72
C LYS A 7 -3.37 -12.71 7.14
N GLY A 8 -2.79 -11.62 7.61
CA GLY A 8 -1.47 -11.21 7.13
C GLY A 8 -0.36 -11.67 8.04
N HIS A 9 -0.14 -10.95 9.13
CA HIS A 9 0.91 -11.29 10.09
C HIS A 9 2.29 -11.03 9.49
N GLU A 10 2.33 -10.28 8.39
CA GLU A 10 3.58 -9.96 7.72
C GLU A 10 4.24 -11.23 7.17
N GLY A 11 3.85 -11.60 5.95
CA GLY A 11 4.40 -12.79 5.33
C GLY A 11 3.35 -13.78 4.92
N ASP A 12 2.17 -13.27 4.55
CA ASP A 12 1.07 -14.12 4.12
C ASP A 12 0.47 -13.63 2.80
N PRO A 13 0.15 -14.57 1.92
CA PRO A 13 -0.43 -14.26 0.61
C PRO A 13 -1.86 -13.72 0.71
N CYS A 14 -2.13 -12.63 0.00
CA CYS A 14 -3.45 -12.02 0.02
C CYS A 14 -4.05 -11.97 -1.39
N LEU A 15 -5.34 -12.23 -1.48
CA LEU A 15 -6.03 -12.22 -2.77
C LEU A 15 -7.12 -11.14 -2.79
N ARG A 16 -7.53 -10.70 -1.61
CA ARG A 16 -8.56 -9.68 -1.50
C ARG A 16 -7.93 -8.30 -1.25
N SER A 17 -8.76 -7.26 -1.34
CA SER A 17 -8.28 -5.89 -1.13
C SER A 17 -7.56 -5.76 0.21
N SER A 18 -7.91 -6.63 1.15
CA SER A 18 -7.29 -6.61 2.47
C SER A 18 -6.74 -7.99 2.83
N ASP A 19 -7.62 -8.87 3.31
CA ASP A 19 -7.22 -10.22 3.68
C ASP A 19 -5.98 -10.18 4.57
N CYS A 20 -6.00 -9.33 5.58
CA CYS A 20 -4.88 -9.19 6.50
C CYS A 20 -5.36 -8.98 7.93
N ILE A 21 -4.44 -9.03 8.88
CA ILE A 21 -4.77 -8.82 10.28
C ILE A 21 -5.60 -7.56 10.48
N ASP A 22 -6.35 -7.50 11.57
CA ASP A 22 -7.18 -6.35 11.88
C ASP A 22 -6.41 -5.06 11.67
N GLY A 23 -5.11 -5.09 11.99
CA GLY A 23 -4.28 -3.92 11.83
C GLY A 23 -3.20 -4.09 10.79
N PHE A 24 -3.57 -4.72 9.67
CA PHE A 24 -2.62 -4.96 8.59
C PHE A 24 -3.28 -4.72 7.23
N CYS A 25 -2.45 -4.51 6.21
CA CYS A 25 -2.95 -4.26 4.86
C CYS A 25 -2.16 -5.07 3.84
N CYS A 26 -2.86 -5.56 2.81
CA CYS A 26 -2.23 -6.36 1.77
C CYS A 26 -1.49 -5.46 0.77
N ALA A 27 -0.24 -5.80 0.49
CA ALA A 27 0.57 -5.03 -0.43
C ALA A 27 1.02 -5.89 -1.63
N ARG A 28 1.60 -5.24 -2.63
CA ARG A 28 2.06 -5.94 -3.82
C ARG A 28 3.58 -6.08 -3.80
N HIS A 29 4.06 -7.32 -3.98
CA HIS A 29 5.49 -7.59 -3.98
C HIS A 29 5.92 -8.22 -5.31
N PHE A 30 7.17 -7.98 -5.69
CA PHE A 30 7.70 -8.52 -6.94
C PHE A 30 7.38 -10.01 -7.07
N TRP A 31 7.98 -10.82 -6.21
CA TRP A 31 7.76 -12.26 -6.24
C TRP A 31 6.27 -12.58 -6.26
N THR A 32 5.55 -12.12 -5.24
CA THR A 32 4.13 -12.36 -5.14
C THR A 32 3.46 -11.38 -4.17
N LYS A 33 2.14 -11.38 -4.14
CA LYS A 33 1.39 -10.49 -3.27
C LYS A 33 1.40 -11.00 -1.83
N ILE A 34 1.88 -10.18 -0.90
CA ILE A 34 1.93 -10.56 0.50
C ILE A 34 1.24 -9.52 1.37
N CYS A 35 1.11 -9.83 2.66
CA CYS A 35 0.48 -8.91 3.61
C CYS A 35 1.52 -8.11 4.37
N LYS A 36 1.28 -6.80 4.46
CA LYS A 36 2.20 -5.91 5.16
C LYS A 36 1.47 -5.10 6.23
N PRO A 37 2.22 -4.62 7.23
CA PRO A 37 1.66 -3.82 8.32
C PRO A 37 1.23 -2.43 7.86
N VAL A 38 0.61 -1.68 8.77
CA VAL A 38 0.14 -0.34 8.46
C VAL A 38 1.30 0.66 8.47
N LEU A 39 1.08 1.81 7.84
CA LEU A 39 2.11 2.85 7.78
C LEU A 39 1.85 3.94 8.82
N HIS A 40 2.80 4.85 8.98
CA HIS A 40 2.68 5.94 9.94
C HIS A 40 3.19 7.24 9.35
N GLN A 41 2.98 8.34 10.06
CA GLN A 41 3.43 9.65 9.60
C GLN A 41 4.86 9.58 9.07
N GLY A 42 5.06 10.11 7.88
CA GLY A 42 6.38 10.10 7.27
C GLY A 42 6.55 9.00 6.25
N GLU A 43 5.66 8.02 6.29
CA GLU A 43 5.70 6.90 5.35
C GLU A 43 5.00 7.25 4.05
N VAL A 44 5.31 6.51 2.99
CA VAL A 44 4.71 6.74 1.68
C VAL A 44 3.22 6.45 1.71
N CYS A 45 2.45 7.30 1.04
CA CYS A 45 1.00 7.13 0.98
C CYS A 45 0.53 6.94 -0.46
N THR A 46 -0.66 6.35 -0.61
CA THR A 46 -1.21 6.10 -1.93
C THR A 46 -2.70 6.48 -1.98
N LYS A 47 -3.01 7.55 -2.70
CA LYS A 47 -4.38 8.01 -2.82
C LYS A 47 -4.86 7.90 -4.27
N GLN A 48 -4.01 7.38 -5.14
CA GLN A 48 -4.34 7.22 -6.54
C GLN A 48 -3.61 6.02 -7.15
N ARG A 49 -4.37 4.97 -7.46
CA ARG A 49 -3.79 3.76 -8.04
C ARG A 49 -4.71 3.20 -9.12
N LYS A 50 -4.26 3.29 -10.37
CA LYS A 50 -5.03 2.80 -11.51
C LYS A 50 -4.27 1.71 -12.25
N LYS A 51 -4.87 0.52 -12.35
CA LYS A 51 -4.25 -0.60 -13.04
C LYS A 51 -5.28 -1.36 -13.86
N GLY A 52 -4.86 -1.80 -15.05
CA GLY A 52 -5.75 -2.54 -15.93
C GLY A 52 -5.21 -2.68 -17.33
N SER A 53 -4.71 -1.58 -17.88
CA SER A 53 -4.16 -1.59 -19.23
C SER A 53 -2.84 -2.34 -19.28
N HIS A 54 -2.43 -2.74 -20.48
CA HIS A 54 -1.18 -3.48 -20.66
C HIS A 54 0.02 -2.55 -20.44
N GLY A 55 0.82 -2.87 -19.44
CA GLY A 55 2.00 -2.06 -19.14
C GLY A 55 1.79 -1.17 -17.94
N LEU A 56 1.60 -1.79 -16.77
CA LEU A 56 1.39 -1.03 -15.54
C LEU A 56 2.55 -1.26 -14.58
N GLU A 57 2.64 -0.38 -13.57
CA GLU A 57 3.71 -0.48 -12.58
C GLU A 57 3.17 -1.03 -11.25
N ILE A 58 3.96 -1.89 -10.62
CA ILE A 58 3.56 -2.49 -9.35
C ILE A 58 3.65 -1.47 -8.22
N PHE A 59 2.73 -1.58 -7.26
CA PHE A 59 2.71 -0.68 -6.12
C PHE A 59 2.88 -1.44 -4.81
N GLN A 60 4.04 -1.28 -4.19
CA GLN A 60 4.33 -1.96 -2.93
C GLN A 60 4.20 -1.00 -1.76
N ARG A 61 2.95 -0.77 -1.33
CA ARG A 61 2.69 0.13 -0.22
C ARG A 61 1.30 -0.12 0.36
N CYS A 62 1.05 0.44 1.54
CA CYS A 62 -0.24 0.28 2.20
C CYS A 62 -0.73 1.60 2.78
N ASP A 63 -1.98 1.62 3.23
CA ASP A 63 -2.56 2.82 3.81
C ASP A 63 -1.93 3.15 5.16
N CYS A 64 -2.08 4.40 5.59
CA CYS A 64 -1.51 4.84 6.86
C CYS A 64 -2.37 4.37 8.03
N ALA A 65 -1.84 4.50 9.24
CA ALA A 65 -2.55 4.09 10.43
C ALA A 65 -3.75 5.00 10.71
N LYS A 66 -4.68 4.52 11.51
CA LYS A 66 -5.88 5.29 11.85
C LYS A 66 -5.49 6.61 12.51
N GLY A 67 -6.06 7.71 12.02
CA GLY A 67 -5.77 9.00 12.58
C GLY A 67 -4.72 9.76 11.79
N LEU A 68 -4.43 9.28 10.59
CA LEU A 68 -3.43 9.92 9.73
C LEU A 68 -4.07 10.44 8.46
N SER A 69 -3.46 11.47 7.87
CA SER A 69 -3.97 12.06 6.65
C SER A 69 -3.00 11.84 5.49
N CYS A 70 -3.56 11.54 4.32
CA CYS A 70 -2.74 11.30 3.13
C CYS A 70 -2.48 12.59 2.38
N LYS A 71 -1.23 13.05 2.42
CA LYS A 71 -0.85 14.28 1.74
C LYS A 71 0.16 14.00 0.63
N VAL A 72 0.14 14.83 -0.41
CA VAL A 72 1.07 14.68 -1.53
C VAL A 72 2.49 15.03 -1.13
N TRP A 73 3.45 14.27 -1.63
CA TRP A 73 4.86 14.51 -1.33
C TRP A 73 5.69 14.52 -2.61
N LYS A 74 6.21 15.70 -2.95
CA LYS A 74 7.03 15.85 -4.15
C LYS A 74 8.45 15.35 -3.90
N ASP A 75 8.78 14.18 -4.43
CA ASP A 75 10.10 13.60 -4.28
C ASP A 75 10.53 12.87 -5.54
N ALA A 76 11.84 12.83 -5.78
CA ALA A 76 12.38 12.16 -6.96
C ALA A 76 12.09 10.66 -6.91
N THR A 77 10.88 10.29 -7.32
CA THR A 77 10.47 8.89 -7.33
C THR A 77 9.21 8.68 -8.17
N TYR A 78 8.29 9.64 -8.08
CA TYR A 78 7.05 9.56 -8.83
C TYR A 78 7.31 9.54 -10.34
N SER A 79 8.52 9.92 -10.72
CA SER A 79 8.91 9.95 -12.13
C SER A 79 8.55 8.64 -12.81
N SER A 80 8.51 7.56 -12.03
CA SER A 80 8.18 6.24 -12.56
C SER A 80 6.87 6.28 -13.33
N LYS A 81 5.83 6.81 -12.70
CA LYS A 81 4.52 6.90 -13.33
C LYS A 81 3.51 7.57 -12.40
N ALA A 82 3.28 6.94 -11.25
CA ALA A 82 2.34 7.48 -10.26
C ALA A 82 2.99 8.59 -9.43
N ARG A 83 2.18 9.28 -8.65
CA ARG A 83 2.67 10.37 -7.81
C ARG A 83 3.11 9.84 -6.45
N LEU A 84 3.99 10.59 -5.79
CA LEU A 84 4.49 10.20 -4.47
C LEU A 84 3.77 10.97 -3.36
N HIS A 85 3.28 10.25 -2.36
CA HIS A 85 2.58 10.86 -1.24
C HIS A 85 3.17 10.41 0.09
N VAL A 86 2.84 11.14 1.15
CA VAL A 86 3.34 10.81 2.49
C VAL A 86 2.21 10.83 3.52
N CYS A 87 2.46 10.20 4.65
CA CYS A 87 1.46 10.14 5.72
C CYS A 87 1.75 11.20 6.78
N GLN A 88 0.68 11.70 7.41
CA GLN A 88 0.83 12.72 8.45
C GLN A 88 -0.12 12.44 9.61
N LYS A 89 0.42 12.43 10.82
CA LYS A 89 -0.38 12.19 12.02
C LYS A 89 -1.33 13.35 12.28
N ILE A 90 -2.63 13.10 12.15
CA ILE A 90 -3.64 14.13 12.39
C ILE A 90 -3.66 14.55 13.85
N MET A 3 -16.84 -17.02 1.63
CA MET A 3 -15.47 -17.09 1.13
C MET A 3 -14.48 -17.20 2.28
N PRO A 4 -13.27 -17.67 1.97
CA PRO A 4 -12.20 -17.84 2.97
C PRO A 4 -11.67 -16.49 3.47
N HIS A 5 -10.93 -16.54 4.58
CA HIS A 5 -10.36 -15.33 5.16
C HIS A 5 -8.89 -15.54 5.52
N ILE A 6 -8.01 -15.09 4.64
CA ILE A 6 -6.57 -15.22 4.87
C ILE A 6 -6.00 -13.99 5.56
N LYS A 7 -5.22 -14.21 6.61
CA LYS A 7 -4.61 -13.12 7.36
C LYS A 7 -3.24 -12.78 6.80
N GLY A 8 -2.67 -11.68 7.28
CA GLY A 8 -1.36 -11.27 6.82
C GLY A 8 -0.24 -11.72 7.74
N HIS A 9 -0.04 -11.00 8.83
CA HIS A 9 1.00 -11.34 9.79
C HIS A 9 2.38 -11.06 9.21
N GLU A 10 2.42 -10.30 8.12
CA GLU A 10 3.69 -9.96 7.46
C GLU A 10 4.36 -11.21 6.91
N GLY A 11 3.99 -11.57 5.68
CA GLY A 11 4.57 -12.74 5.06
C GLY A 11 3.53 -13.74 4.61
N ASP A 12 2.35 -13.24 4.24
CA ASP A 12 1.26 -14.11 3.80
C ASP A 12 0.66 -13.59 2.49
N PRO A 13 0.35 -14.52 1.58
CA PRO A 13 -0.23 -14.19 0.27
C PRO A 13 -1.66 -13.67 0.38
N CYS A 14 -1.94 -12.59 -0.32
CA CYS A 14 -3.28 -11.99 -0.30
C CYS A 14 -3.87 -11.95 -1.71
N LEU A 15 -5.17 -12.21 -1.80
CA LEU A 15 -5.86 -12.20 -3.08
C LEU A 15 -6.95 -11.13 -3.11
N ARG A 16 -7.38 -10.69 -1.92
CA ARG A 16 -8.41 -9.68 -1.81
C ARG A 16 -7.79 -8.30 -1.55
N SER A 17 -8.62 -7.26 -1.63
CA SER A 17 -8.16 -5.90 -1.40
C SER A 17 -7.42 -5.78 -0.07
N SER A 18 -7.78 -6.66 0.87
CA SER A 18 -7.16 -6.66 2.19
C SER A 18 -6.59 -8.03 2.52
N ASP A 19 -7.45 -8.94 2.96
CA ASP A 19 -7.02 -10.29 3.31
C ASP A 19 -5.81 -10.26 4.22
N CYS A 20 -5.83 -9.38 5.21
CA CYS A 20 -4.73 -9.25 6.16
C CYS A 20 -5.25 -9.05 7.58
N ILE A 21 -4.33 -9.09 8.55
CA ILE A 21 -4.70 -8.92 9.94
C ILE A 21 -5.53 -7.66 10.15
N ASP A 22 -6.31 -7.64 11.23
CA ASP A 22 -7.17 -6.49 11.53
C ASP A 22 -6.39 -5.19 11.36
N GLY A 23 -5.11 -5.22 11.69
CA GLY A 23 -4.29 -4.03 11.57
C GLY A 23 -3.20 -4.18 10.54
N PHE A 24 -3.53 -4.81 9.41
CA PHE A 24 -2.57 -5.02 8.34
C PHE A 24 -3.21 -4.76 6.97
N CYS A 25 -2.37 -4.54 5.97
CA CYS A 25 -2.85 -4.28 4.61
C CYS A 25 -2.05 -5.08 3.59
N CYS A 26 -2.73 -5.54 2.55
CA CYS A 26 -2.08 -6.32 1.50
C CYS A 26 -1.32 -5.41 0.54
N ALA A 27 -0.07 -5.75 0.27
CA ALA A 27 0.76 -4.96 -0.64
C ALA A 27 1.20 -5.80 -1.83
N ARG A 28 1.80 -5.14 -2.82
CA ARG A 28 2.27 -5.82 -4.02
C ARG A 28 3.79 -5.96 -4.00
N HIS A 29 4.27 -7.19 -4.18
CA HIS A 29 5.71 -7.46 -4.18
C HIS A 29 6.14 -8.06 -5.51
N PHE A 30 7.40 -7.82 -5.88
CA PHE A 30 7.94 -8.34 -7.13
C PHE A 30 7.62 -9.83 -7.29
N TRP A 31 8.22 -10.65 -6.44
CA TRP A 31 8.00 -12.09 -6.49
C TRP A 31 6.50 -12.41 -6.52
N THR A 32 5.79 -11.97 -5.50
CA THR A 32 4.35 -12.21 -5.41
C THR A 32 3.70 -11.24 -4.43
N LYS A 33 2.36 -11.25 -4.42
CA LYS A 33 1.61 -10.36 -3.53
C LYS A 33 1.61 -10.91 -2.11
N ILE A 34 2.06 -10.08 -1.17
CA ILE A 34 2.11 -10.48 0.24
C ILE A 34 1.40 -9.45 1.12
N CYS A 35 1.26 -9.78 2.40
CA CYS A 35 0.62 -8.88 3.35
C CYS A 35 1.64 -8.07 4.13
N LYS A 36 1.41 -6.77 4.25
CA LYS A 36 2.31 -5.88 4.97
C LYS A 36 1.55 -5.09 6.03
N PRO A 37 2.29 -4.62 7.05
CA PRO A 37 1.71 -3.83 8.14
C PRO A 37 1.28 -2.44 7.70
N VAL A 38 0.63 -1.71 8.59
CA VAL A 38 0.17 -0.36 8.29
C VAL A 38 1.31 0.65 8.34
N LEU A 39 1.10 1.80 7.72
CA LEU A 39 2.11 2.85 7.69
C LEU A 39 1.82 3.92 8.74
N HIS A 40 2.77 4.83 8.92
CA HIS A 40 2.61 5.92 9.89
C HIS A 40 3.13 7.23 9.32
N GLN A 41 2.88 8.31 10.06
CA GLN A 41 3.32 9.64 9.62
C GLN A 41 4.76 9.60 9.13
N GLY A 42 4.99 10.13 7.93
CA GLY A 42 6.33 10.14 7.37
C GLY A 42 6.54 9.04 6.34
N GLU A 43 5.61 8.10 6.29
CA GLU A 43 5.70 6.99 5.37
C GLU A 43 5.02 7.33 4.03
N VAL A 44 5.39 6.61 2.99
CA VAL A 44 4.82 6.84 1.66
C VAL A 44 3.33 6.52 1.64
N CYS A 45 2.54 7.38 1.00
CA CYS A 45 1.10 7.18 0.91
C CYS A 45 0.67 7.03 -0.54
N THR A 46 -0.50 6.42 -0.74
CA THR A 46 -1.03 6.19 -2.08
C THR A 46 -2.51 6.53 -2.14
N LYS A 47 -2.84 7.62 -2.83
CA LYS A 47 -4.22 8.06 -2.98
C LYS A 47 -4.70 7.88 -4.41
N GLN A 48 -3.89 7.22 -5.22
CA GLN A 48 -4.23 6.98 -6.63
C GLN A 48 -3.60 5.69 -7.12
N ARG A 49 -4.45 4.68 -7.36
CA ARG A 49 -3.98 3.39 -7.84
C ARG A 49 -4.94 2.82 -8.88
N LYS A 50 -4.40 2.43 -10.03
CA LYS A 50 -5.20 1.87 -11.11
C LYS A 50 -4.76 0.45 -11.43
N LYS A 51 -5.62 -0.52 -11.12
CA LYS A 51 -5.33 -1.92 -11.38
C LYS A 51 -6.32 -2.51 -12.38
N GLY A 52 -5.80 -3.25 -13.35
CA GLY A 52 -6.65 -3.86 -14.36
C GLY A 52 -5.94 -4.06 -15.68
N SER A 53 -5.33 -2.99 -16.19
CA SER A 53 -4.62 -3.04 -17.46
C SER A 53 -3.34 -3.85 -17.33
N HIS A 54 -2.71 -4.15 -18.46
CA HIS A 54 -1.47 -4.92 -18.47
C HIS A 54 -0.31 -4.09 -19.01
N GLY A 55 0.61 -3.74 -18.13
CA GLY A 55 1.75 -2.94 -18.55
C GLY A 55 1.94 -1.71 -17.68
N LEU A 56 1.62 -1.83 -16.39
CA LEU A 56 1.75 -0.72 -15.47
C LEU A 56 2.83 -1.01 -14.42
N GLU A 57 3.19 0.01 -13.66
CA GLU A 57 4.21 -0.12 -12.62
C GLU A 57 3.61 -0.70 -11.34
N ILE A 58 4.34 -1.62 -10.72
CA ILE A 58 3.88 -2.24 -9.48
C ILE A 58 3.94 -1.27 -8.31
N PHE A 59 2.97 -1.36 -7.40
CA PHE A 59 2.92 -0.49 -6.24
C PHE A 59 3.09 -1.29 -4.95
N GLN A 60 4.24 -1.15 -4.31
CA GLN A 60 4.52 -1.86 -3.07
C GLN A 60 4.37 -0.94 -1.87
N ARG A 61 3.13 -0.71 -1.46
CA ARG A 61 2.85 0.16 -0.32
C ARG A 61 1.45 -0.10 0.24
N CYS A 62 1.17 0.48 1.40
CA CYS A 62 -0.13 0.30 2.04
C CYS A 62 -0.64 1.62 2.62
N ASP A 63 -1.89 1.63 3.06
CA ASP A 63 -2.49 2.83 3.63
C ASP A 63 -1.89 3.14 4.99
N CYS A 64 -2.04 4.38 5.44
CA CYS A 64 -1.51 4.81 6.73
C CYS A 64 -2.39 4.33 7.87
N ALA A 65 -1.88 4.44 9.09
CA ALA A 65 -2.61 4.01 10.26
C ALA A 65 -3.81 4.91 10.53
N LYS A 66 -4.77 4.41 11.30
CA LYS A 66 -5.97 5.18 11.62
C LYS A 66 -5.61 6.48 12.33
N GLY A 67 -6.19 7.58 11.86
CA GLY A 67 -5.92 8.88 12.45
C GLY A 67 -4.87 9.66 11.69
N LEU A 68 -4.53 9.18 10.50
CA LEU A 68 -3.54 9.85 9.66
C LEU A 68 -4.18 10.41 8.39
N SER A 69 -3.55 11.42 7.81
CA SER A 69 -4.05 12.05 6.60
C SER A 69 -3.07 11.88 5.45
N CYS A 70 -3.59 11.46 4.30
CA CYS A 70 -2.76 11.25 3.13
C CYS A 70 -2.52 12.56 2.39
N LYS A 71 -1.29 13.06 2.46
CA LYS A 71 -0.93 14.31 1.79
C LYS A 71 0.10 14.07 0.70
N VAL A 72 0.08 14.90 -0.33
CA VAL A 72 1.02 14.77 -1.45
C VAL A 72 2.42 15.18 -1.02
N TRP A 73 3.42 14.45 -1.51
CA TRP A 73 4.81 14.73 -1.18
C TRP A 73 5.67 14.80 -2.44
N LYS A 74 6.15 15.99 -2.76
CA LYS A 74 6.98 16.19 -3.94
C LYS A 74 8.42 15.74 -3.68
N ASP A 75 8.79 14.59 -4.23
CA ASP A 75 10.13 14.05 -4.05
C ASP A 75 10.60 13.35 -5.32
N ALA A 76 11.91 13.36 -5.54
CA ALA A 76 12.49 12.73 -6.72
C ALA A 76 12.25 11.22 -6.72
N THR A 77 11.06 10.81 -7.14
CA THR A 77 10.71 9.40 -7.18
C THR A 77 9.47 9.17 -8.04
N TYR A 78 8.51 10.09 -7.95
CA TYR A 78 7.28 9.99 -8.72
C TYR A 78 7.56 10.00 -10.22
N SER A 79 8.78 10.43 -10.57
CA SER A 79 9.18 10.49 -11.98
C SER A 79 8.88 9.18 -12.69
N SER A 80 8.87 8.09 -11.93
CA SER A 80 8.60 6.77 -12.48
C SER A 80 7.30 6.76 -13.28
N LYS A 81 6.23 7.25 -12.65
CA LYS A 81 4.92 7.31 -13.30
C LYS A 81 3.89 7.92 -12.37
N ALA A 82 3.65 7.26 -11.24
CA ALA A 82 2.68 7.75 -10.27
C ALA A 82 3.27 8.87 -9.42
N ARG A 83 2.42 9.52 -8.63
CA ARG A 83 2.85 10.61 -7.76
C ARG A 83 3.29 10.08 -6.40
N LEU A 84 4.12 10.85 -5.71
CA LEU A 84 4.62 10.47 -4.40
C LEU A 84 3.86 11.20 -3.30
N HIS A 85 3.38 10.44 -2.31
CA HIS A 85 2.63 11.01 -1.20
C HIS A 85 3.21 10.55 0.13
N VAL A 86 2.87 11.26 1.20
CA VAL A 86 3.35 10.93 2.54
C VAL A 86 2.22 10.92 3.55
N CYS A 87 2.44 10.26 4.68
CA CYS A 87 1.44 10.17 5.74
C CYS A 87 1.69 11.22 6.81
N GLN A 88 0.61 11.71 7.43
CA GLN A 88 0.72 12.72 8.48
C GLN A 88 -0.25 12.41 9.61
N LYS A 89 0.27 12.39 10.84
CA LYS A 89 -0.55 12.12 12.02
C LYS A 89 -1.51 13.27 12.28
N ILE A 90 -2.80 13.01 12.08
CA ILE A 90 -3.83 14.02 12.30
C ILE A 90 -3.89 14.43 13.77
N MET A 3 -11.29 -22.56 6.55
CA MET A 3 -10.60 -21.44 7.16
C MET A 3 -10.68 -20.20 6.27
N PRO A 4 -11.87 -19.59 6.24
CA PRO A 4 -12.10 -18.38 5.43
C PRO A 4 -11.37 -17.17 5.98
N HIS A 5 -11.34 -16.10 5.19
CA HIS A 5 -10.68 -14.86 5.60
C HIS A 5 -9.19 -15.11 5.83
N ILE A 6 -8.38 -14.73 4.84
CA ILE A 6 -6.93 -14.91 4.93
C ILE A 6 -6.28 -13.72 5.62
N LYS A 7 -5.55 -13.98 6.70
CA LYS A 7 -4.86 -12.94 7.44
C LYS A 7 -3.53 -12.59 6.80
N GLY A 8 -2.90 -11.53 7.28
CA GLY A 8 -1.61 -11.12 6.74
C GLY A 8 -0.44 -11.68 7.54
N HIS A 9 -0.21 -11.12 8.71
CA HIS A 9 0.89 -11.57 9.57
C HIS A 9 2.24 -11.28 8.92
N GLU A 10 2.23 -10.38 7.94
CA GLU A 10 3.46 -10.02 7.24
C GLU A 10 4.12 -11.25 6.62
N GLY A 11 3.61 -11.67 5.47
CA GLY A 11 4.16 -12.83 4.80
C GLY A 11 3.09 -13.81 4.36
N ASP A 12 1.93 -13.28 3.97
CA ASP A 12 0.83 -14.12 3.52
C ASP A 12 0.28 -13.64 2.18
N PRO A 13 -0.03 -14.59 1.29
CA PRO A 13 -0.57 -14.28 -0.04
C PRO A 13 -1.99 -13.74 0.02
N CYS A 14 -2.21 -12.59 -0.60
CA CYS A 14 -3.53 -11.97 -0.62
C CYS A 14 -4.01 -11.75 -2.06
N LEU A 15 -5.33 -11.64 -2.22
CA LEU A 15 -5.91 -11.42 -3.54
C LEU A 15 -7.18 -10.59 -3.44
N ARG A 16 -7.34 -9.90 -2.31
CA ARG A 16 -8.52 -9.06 -2.09
C ARG A 16 -8.11 -7.65 -1.70
N SER A 17 -9.08 -6.74 -1.65
CA SER A 17 -8.82 -5.35 -1.29
C SER A 17 -8.04 -5.27 0.02
N SER A 18 -8.19 -6.29 0.85
CA SER A 18 -7.51 -6.33 2.14
C SER A 18 -6.94 -7.72 2.40
N ASP A 19 -7.81 -8.64 2.83
CA ASP A 19 -7.41 -10.01 3.12
C ASP A 19 -6.18 -10.03 4.04
N CYS A 20 -6.22 -9.21 5.08
CA CYS A 20 -5.12 -9.14 6.04
C CYS A 20 -5.64 -8.90 7.45
N ILE A 21 -4.75 -8.98 8.43
CA ILE A 21 -5.12 -8.78 9.82
C ILE A 21 -5.92 -7.50 10.00
N ASP A 22 -6.71 -7.44 11.07
CA ASP A 22 -7.52 -6.26 11.36
C ASP A 22 -6.71 -4.99 11.25
N GLY A 23 -5.41 -5.09 11.54
CA GLY A 23 -4.53 -3.94 11.47
C GLY A 23 -3.45 -4.10 10.42
N PHE A 24 -3.76 -4.80 9.35
CA PHE A 24 -2.81 -5.03 8.27
C PHE A 24 -3.44 -4.73 6.91
N CYS A 25 -2.59 -4.52 5.90
CA CYS A 25 -3.06 -4.22 4.56
C CYS A 25 -2.27 -5.02 3.52
N CYS A 26 -2.96 -5.48 2.49
CA CYS A 26 -2.34 -6.26 1.44
C CYS A 26 -1.60 -5.34 0.46
N ALA A 27 -0.34 -5.67 0.18
CA ALA A 27 0.47 -4.89 -0.74
C ALA A 27 0.92 -5.72 -1.93
N ARG A 28 1.49 -5.06 -2.93
CA ARG A 28 1.96 -5.75 -4.13
C ARG A 28 3.48 -5.92 -4.10
N HIS A 29 3.93 -7.15 -4.31
CA HIS A 29 5.36 -7.45 -4.30
C HIS A 29 5.79 -8.05 -5.64
N PHE A 30 7.06 -7.84 -5.99
CA PHE A 30 7.59 -8.35 -7.25
C PHE A 30 7.23 -9.83 -7.43
N TRP A 31 7.87 -10.69 -6.64
CA TRP A 31 7.62 -12.12 -6.71
C TRP A 31 6.12 -12.41 -6.77
N THR A 32 5.40 -11.99 -5.73
CA THR A 32 3.96 -12.21 -5.67
C THR A 32 3.32 -11.24 -4.68
N LYS A 33 1.99 -11.21 -4.68
CA LYS A 33 1.23 -10.34 -3.79
C LYS A 33 1.21 -10.89 -2.37
N ILE A 34 1.76 -10.13 -1.43
CA ILE A 34 1.80 -10.54 -0.03
C ILE A 34 1.13 -9.52 0.87
N CYS A 35 0.97 -9.87 2.14
CA CYS A 35 0.34 -8.97 3.11
C CYS A 35 1.39 -8.24 3.93
N LYS A 36 1.18 -6.95 4.15
CA LYS A 36 2.11 -6.14 4.92
C LYS A 36 1.38 -5.32 5.97
N PRO A 37 2.11 -4.85 7.00
CA PRO A 37 1.55 -4.06 8.09
C PRO A 37 1.13 -2.67 7.63
N VAL A 38 0.52 -1.91 8.53
CA VAL A 38 0.07 -0.56 8.22
C VAL A 38 1.23 0.43 8.25
N LEU A 39 1.03 1.60 7.64
CA LEU A 39 2.06 2.63 7.60
C LEU A 39 1.82 3.67 8.69
N HIS A 40 2.79 4.57 8.86
CA HIS A 40 2.69 5.62 9.87
C HIS A 40 3.24 6.94 9.32
N GLN A 41 3.04 8.01 10.08
CA GLN A 41 3.51 9.33 9.68
C GLN A 41 4.93 9.26 9.13
N GLY A 42 5.14 9.84 7.96
CA GLY A 42 6.47 9.82 7.35
C GLY A 42 6.60 8.75 6.29
N GLU A 43 5.65 7.81 6.27
CA GLU A 43 5.68 6.73 5.30
C GLU A 43 4.98 7.13 4.01
N VAL A 44 5.30 6.42 2.93
CA VAL A 44 4.70 6.70 1.62
C VAL A 44 3.21 6.41 1.62
N CYS A 45 2.42 7.32 1.06
CA CYS A 45 0.97 7.16 0.99
C CYS A 45 0.51 7.02 -0.45
N THR A 46 -0.67 6.41 -0.63
CA THR A 46 -1.23 6.22 -1.96
C THR A 46 -2.72 6.58 -1.99
N LYS A 47 -3.03 7.68 -2.66
CA LYS A 47 -4.41 8.13 -2.77
C LYS A 47 -4.87 8.15 -4.23
N GLN A 48 -3.96 7.79 -5.13
CA GLN A 48 -4.26 7.76 -6.56
C GLN A 48 -3.43 6.71 -7.27
N ARG A 49 -4.09 5.63 -7.70
CA ARG A 49 -3.42 4.55 -8.40
C ARG A 49 -4.27 4.03 -9.55
N LYS A 50 -3.68 3.98 -10.74
CA LYS A 50 -4.38 3.50 -11.92
C LYS A 50 -3.68 2.29 -12.52
N LYS A 51 -4.36 1.15 -12.49
CA LYS A 51 -3.80 -0.09 -13.04
C LYS A 51 -4.86 -0.88 -13.80
N GLY A 52 -4.58 -1.17 -15.06
CA GLY A 52 -5.52 -1.92 -15.87
C GLY A 52 -4.87 -3.09 -16.58
N SER A 53 -4.12 -2.80 -17.64
CA SER A 53 -3.44 -3.83 -18.42
C SER A 53 -2.04 -4.08 -17.88
N HIS A 54 -1.44 -5.19 -18.29
CA HIS A 54 -0.09 -5.54 -17.85
C HIS A 54 0.96 -4.71 -18.59
N GLY A 55 1.95 -4.23 -17.84
CA GLY A 55 3.00 -3.42 -18.43
C GLY A 55 3.28 -2.17 -17.63
N LEU A 56 2.33 -1.75 -16.82
CA LEU A 56 2.48 -0.56 -16.00
C LEU A 56 3.31 -0.85 -14.76
N GLU A 57 3.69 0.21 -14.05
CA GLU A 57 4.48 0.06 -12.83
C GLU A 57 3.61 -0.46 -11.68
N ILE A 58 4.17 -1.39 -10.91
CA ILE A 58 3.46 -1.96 -9.77
C ILE A 58 3.50 -1.03 -8.57
N PHE A 59 2.46 -1.10 -7.74
CA PHE A 59 2.38 -0.26 -6.54
C PHE A 59 2.54 -1.11 -5.28
N GLN A 60 3.68 -0.95 -4.62
CA GLN A 60 3.96 -1.70 -3.39
C GLN A 60 3.87 -0.79 -2.17
N ARG A 61 2.65 -0.54 -1.72
CA ARG A 61 2.42 0.31 -0.55
C ARG A 61 1.05 0.06 0.06
N CYS A 62 0.86 0.53 1.28
CA CYS A 62 -0.41 0.36 1.98
C CYS A 62 -0.88 1.67 2.60
N ASP A 63 -2.11 1.68 3.11
CA ASP A 63 -2.67 2.87 3.73
C ASP A 63 -2.01 3.14 5.08
N CYS A 64 -2.12 4.37 5.55
CA CYS A 64 -1.53 4.77 6.83
C CYS A 64 -2.38 4.27 8.00
N ALA A 65 -1.82 4.34 9.20
CA ALA A 65 -2.52 3.90 10.40
C ALA A 65 -3.69 4.82 10.71
N LYS A 66 -4.63 4.33 11.52
CA LYS A 66 -5.80 5.11 11.91
C LYS A 66 -5.38 6.40 12.61
N GLY A 67 -5.95 7.51 12.15
CA GLY A 67 -5.63 8.80 12.76
C GLY A 67 -4.58 9.56 11.98
N LEU A 68 -4.33 9.12 10.75
CA LEU A 68 -3.34 9.76 9.89
C LEU A 68 -3.99 10.35 8.65
N SER A 69 -3.36 11.38 8.10
CA SER A 69 -3.87 12.04 6.90
C SER A 69 -2.92 11.86 5.72
N CYS A 70 -3.49 11.52 4.57
CA CYS A 70 -2.69 11.30 3.36
C CYS A 70 -2.42 12.62 2.64
N LYS A 71 -1.18 13.07 2.68
CA LYS A 71 -0.79 14.32 2.03
C LYS A 71 0.21 14.06 0.91
N VAL A 72 0.18 14.92 -0.11
CA VAL A 72 1.06 14.79 -1.25
C VAL A 72 2.50 15.14 -0.86
N TRP A 73 3.45 14.38 -1.41
CA TRP A 73 4.87 14.60 -1.12
C TRP A 73 5.68 14.65 -2.41
N LYS A 74 6.20 15.83 -2.73
CA LYS A 74 7.00 16.01 -3.94
C LYS A 74 8.42 15.51 -3.73
N ASP A 75 8.73 14.35 -4.30
CA ASP A 75 10.06 13.77 -4.18
C ASP A 75 10.46 13.05 -5.46
N ALA A 76 11.76 13.02 -5.73
CA ALA A 76 12.29 12.37 -6.92
C ALA A 76 12.00 10.88 -6.91
N THR A 77 10.78 10.52 -7.31
CA THR A 77 10.37 9.12 -7.34
C THR A 77 9.10 8.94 -8.17
N TYR A 78 8.18 9.89 -8.04
CA TYR A 78 6.92 9.84 -8.77
C TYR A 78 7.16 9.84 -10.27
N SER A 79 8.37 10.23 -10.67
CA SER A 79 8.73 10.29 -12.09
C SER A 79 8.35 8.99 -12.79
N SER A 80 8.33 7.90 -12.03
CA SER A 80 7.99 6.60 -12.59
C SER A 80 6.67 6.65 -13.34
N LYS A 81 5.64 7.17 -12.68
CA LYS A 81 4.32 7.28 -13.28
C LYS A 81 3.34 7.93 -12.32
N ALA A 82 3.10 7.28 -11.17
CA ALA A 82 2.19 7.79 -10.17
C ALA A 82 2.85 8.88 -9.33
N ARG A 83 2.06 9.56 -8.52
CA ARG A 83 2.57 10.63 -7.66
C ARG A 83 3.02 10.07 -6.31
N LEU A 84 3.92 10.80 -5.65
CA LEU A 84 4.43 10.39 -4.35
C LEU A 84 3.73 11.13 -3.22
N HIS A 85 3.27 10.38 -2.23
CA HIS A 85 2.58 10.97 -1.08
C HIS A 85 3.18 10.48 0.23
N VAL A 86 2.88 11.18 1.31
CA VAL A 86 3.39 10.81 2.63
C VAL A 86 2.28 10.81 3.67
N CYS A 87 2.52 10.12 4.78
CA CYS A 87 1.55 10.04 5.86
C CYS A 87 1.85 11.05 6.95
N GLN A 88 0.81 11.54 7.61
CA GLN A 88 0.97 12.52 8.68
C GLN A 88 0.02 12.21 9.84
N LYS A 89 0.58 12.15 11.04
CA LYS A 89 -0.21 11.86 12.23
C LYS A 89 -1.14 13.03 12.56
N ILE A 90 -2.44 12.81 12.44
CA ILE A 90 -3.42 13.84 12.72
C ILE A 90 -3.43 14.20 14.20
N MET A 3 -10.53 -20.55 -0.34
CA MET A 3 -9.75 -19.38 0.04
C MET A 3 -10.53 -18.49 1.00
N PRO A 4 -10.67 -18.95 2.25
CA PRO A 4 -11.39 -18.20 3.29
C PRO A 4 -10.65 -16.95 3.73
N HIS A 5 -11.14 -16.31 4.78
CA HIS A 5 -10.53 -15.10 5.31
C HIS A 5 -9.10 -15.37 5.79
N ILE A 6 -8.13 -14.90 5.03
CA ILE A 6 -6.72 -15.09 5.36
C ILE A 6 -6.14 -13.85 6.03
N LYS A 7 -5.41 -14.06 7.13
CA LYS A 7 -4.79 -12.96 7.85
C LYS A 7 -3.43 -12.61 7.26
N GLY A 8 -2.85 -11.50 7.72
CA GLY A 8 -1.55 -11.09 7.23
C GLY A 8 -0.41 -11.57 8.12
N HIS A 9 -0.25 -10.93 9.26
CA HIS A 9 0.81 -11.31 10.20
C HIS A 9 2.18 -11.00 9.61
N GLU A 10 2.20 -10.23 8.53
CA GLU A 10 3.46 -9.87 7.87
C GLU A 10 4.15 -11.11 7.32
N GLY A 11 3.74 -11.52 6.12
CA GLY A 11 4.34 -12.69 5.50
C GLY A 11 3.31 -13.72 5.10
N ASP A 12 2.14 -13.25 4.68
CA ASP A 12 1.07 -14.15 4.27
C ASP A 12 0.49 -13.73 2.92
N PRO A 13 0.20 -14.72 2.06
CA PRO A 13 -0.34 -14.47 0.72
C PRO A 13 -1.78 -13.98 0.77
N CYS A 14 -2.02 -12.80 0.21
CA CYS A 14 -3.35 -12.21 0.18
C CYS A 14 -4.03 -12.43 -1.17
N LEU A 15 -5.32 -12.13 -1.23
CA LEU A 15 -6.09 -12.30 -2.46
C LEU A 15 -6.91 -11.05 -2.77
N ARG A 16 -7.51 -10.48 -1.74
CA ARG A 16 -8.32 -9.28 -1.90
C ARG A 16 -7.53 -8.03 -1.54
N SER A 17 -8.12 -6.87 -1.80
CA SER A 17 -7.46 -5.59 -1.51
C SER A 17 -6.90 -5.58 -0.10
N SER A 18 -7.53 -6.35 0.79
CA SER A 18 -7.09 -6.43 2.18
C SER A 18 -6.58 -7.83 2.51
N ASP A 19 -7.50 -8.71 2.88
CA ASP A 19 -7.15 -10.08 3.22
C ASP A 19 -6.00 -10.11 4.23
N CYS A 20 -6.03 -9.17 5.17
CA CYS A 20 -4.99 -9.09 6.20
C CYS A 20 -5.62 -8.82 7.57
N ILE A 21 -4.79 -8.88 8.60
CA ILE A 21 -5.25 -8.64 9.96
C ILE A 21 -6.08 -7.37 10.04
N ASP A 22 -6.93 -7.29 11.06
CA ASP A 22 -7.79 -6.12 11.26
C ASP A 22 -6.98 -4.83 11.15
N GLY A 23 -5.72 -4.90 11.55
CA GLY A 23 -4.85 -3.73 11.50
C GLY A 23 -3.71 -3.90 10.52
N PHE A 24 -3.95 -4.64 9.45
CA PHE A 24 -2.93 -4.88 8.43
C PHE A 24 -3.48 -4.65 7.03
N CYS A 25 -2.59 -4.45 6.07
CA CYS A 25 -2.99 -4.22 4.69
C CYS A 25 -2.14 -5.04 3.73
N CYS A 26 -2.78 -5.57 2.68
CA CYS A 26 -2.08 -6.37 1.70
C CYS A 26 -1.31 -5.49 0.71
N ALA A 27 -0.07 -5.86 0.44
CA ALA A 27 0.77 -5.10 -0.48
C ALA A 27 1.20 -5.97 -1.67
N ARG A 28 1.79 -5.33 -2.67
CA ARG A 28 2.24 -6.04 -3.86
C ARG A 28 3.77 -6.21 -3.84
N HIS A 29 4.21 -7.44 -4.03
CA HIS A 29 5.65 -7.75 -4.03
C HIS A 29 6.07 -8.37 -5.36
N PHE A 30 7.32 -8.16 -5.73
CA PHE A 30 7.85 -8.70 -6.98
C PHE A 30 7.50 -10.18 -7.13
N TRP A 31 8.08 -11.00 -6.27
CA TRP A 31 7.84 -12.44 -6.30
C TRP A 31 6.33 -12.73 -6.32
N THR A 32 5.63 -12.27 -5.30
CA THR A 32 4.19 -12.48 -5.20
C THR A 32 3.55 -11.50 -4.23
N LYS A 33 2.22 -11.48 -4.20
CA LYS A 33 1.49 -10.58 -3.31
C LYS A 33 1.50 -11.11 -1.88
N ILE A 34 1.92 -10.28 -0.95
CA ILE A 34 1.97 -10.66 0.46
C ILE A 34 1.28 -9.63 1.33
N CYS A 35 1.14 -9.94 2.62
CA CYS A 35 0.51 -9.04 3.57
C CYS A 35 1.54 -8.24 4.35
N LYS A 36 1.33 -6.93 4.44
CA LYS A 36 2.24 -6.06 5.15
C LYS A 36 1.50 -5.21 6.19
N PRO A 37 2.23 -4.75 7.21
CA PRO A 37 1.66 -3.92 8.28
C PRO A 37 1.27 -2.54 7.79
N VAL A 38 0.61 -1.78 8.67
CA VAL A 38 0.16 -0.42 8.33
C VAL A 38 1.32 0.56 8.40
N LEU A 39 1.16 1.70 7.75
CA LEU A 39 2.19 2.74 7.74
C LEU A 39 1.89 3.82 8.77
N HIS A 40 2.85 4.71 8.98
CA HIS A 40 2.68 5.79 9.95
C HIS A 40 3.22 7.11 9.37
N GLN A 41 2.98 8.20 10.09
CA GLN A 41 3.44 9.51 9.66
C GLN A 41 4.87 9.45 9.14
N GLY A 42 5.10 10.00 7.95
CA GLY A 42 6.43 10.00 7.38
C GLY A 42 6.61 8.91 6.33
N GLU A 43 5.71 7.94 6.35
CA GLU A 43 5.77 6.83 5.40
C GLU A 43 5.06 7.19 4.10
N VAL A 44 5.31 6.41 3.05
CA VAL A 44 4.69 6.65 1.75
C VAL A 44 3.17 6.45 1.82
N CYS A 45 2.44 7.34 1.16
CA CYS A 45 0.98 7.27 1.14
C CYS A 45 0.46 7.15 -0.28
N THR A 46 -0.77 6.67 -0.42
CA THR A 46 -1.39 6.51 -1.73
C THR A 46 -2.83 7.01 -1.73
N LYS A 47 -3.10 8.02 -2.55
CA LYS A 47 -4.44 8.59 -2.64
C LYS A 47 -4.97 8.50 -4.06
N GLN A 48 -4.16 7.95 -4.96
CA GLN A 48 -4.55 7.80 -6.35
C GLN A 48 -3.95 6.54 -6.95
N ARG A 49 -4.79 5.55 -7.23
CA ARG A 49 -4.32 4.29 -7.81
C ARG A 49 -5.31 3.79 -8.86
N LYS A 50 -4.86 3.75 -10.11
CA LYS A 50 -5.71 3.29 -11.20
C LYS A 50 -5.16 2.00 -11.80
N LYS A 51 -6.06 1.08 -12.14
CA LYS A 51 -5.67 -0.19 -12.72
C LYS A 51 -6.58 -0.57 -13.88
N GLY A 52 -5.98 -0.92 -15.02
CA GLY A 52 -6.76 -1.29 -16.19
C GLY A 52 -5.87 -1.64 -17.38
N SER A 53 -4.81 -0.87 -17.57
CA SER A 53 -3.90 -1.10 -18.68
C SER A 53 -2.98 -2.28 -18.40
N HIS A 54 -2.32 -2.77 -19.45
CA HIS A 54 -1.42 -3.90 -19.31
C HIS A 54 0.03 -3.43 -19.20
N GLY A 55 0.89 -4.28 -18.64
CA GLY A 55 2.28 -3.94 -18.47
C GLY A 55 2.48 -2.62 -17.75
N LEU A 56 2.03 -2.56 -16.50
CA LEU A 56 2.14 -1.34 -15.71
C LEU A 56 3.11 -1.55 -14.55
N GLU A 57 3.48 -0.46 -13.88
CA GLU A 57 4.40 -0.52 -12.75
C GLU A 57 3.70 -1.06 -11.51
N ILE A 58 4.38 -1.94 -10.78
CA ILE A 58 3.83 -2.53 -9.57
C ILE A 58 3.81 -1.52 -8.43
N PHE A 59 2.77 -1.60 -7.60
CA PHE A 59 2.63 -0.70 -6.47
C PHE A 59 2.74 -1.46 -5.14
N GLN A 60 3.85 -1.24 -4.44
CA GLN A 60 4.09 -1.91 -3.17
C GLN A 60 3.97 -0.92 -2.01
N ARG A 61 2.74 -0.68 -1.56
CA ARG A 61 2.48 0.23 -0.46
C ARG A 61 1.12 -0.03 0.16
N CYS A 62 0.92 0.51 1.37
CA CYS A 62 -0.34 0.34 2.08
C CYS A 62 -0.83 1.66 2.66
N ASP A 63 -2.06 1.66 3.16
CA ASP A 63 -2.63 2.87 3.76
C ASP A 63 -1.97 3.18 5.09
N CYS A 64 -2.12 4.43 5.53
CA CYS A 64 -1.53 4.87 6.80
C CYS A 64 -2.37 4.39 7.98
N ALA A 65 -1.81 4.52 9.18
CA ALA A 65 -2.52 4.11 10.40
C ALA A 65 -3.71 5.00 10.67
N LYS A 66 -4.64 4.51 11.50
CA LYS A 66 -5.83 5.28 11.84
C LYS A 66 -5.45 6.60 12.51
N GLY A 67 -6.01 7.69 12.01
CA GLY A 67 -5.72 9.00 12.57
C GLY A 67 -4.66 9.75 11.80
N LEU A 68 -4.39 9.28 10.58
CA LEU A 68 -3.38 9.92 9.73
C LEU A 68 -4.02 10.49 8.47
N SER A 69 -3.39 11.51 7.90
CA SER A 69 -3.89 12.16 6.69
C SER A 69 -2.94 11.93 5.52
N CYS A 70 -3.50 11.61 4.36
CA CYS A 70 -2.71 11.37 3.17
C CYS A 70 -2.42 12.68 2.43
N LYS A 71 -1.16 13.12 2.47
CA LYS A 71 -0.75 14.35 1.82
C LYS A 71 0.27 14.07 0.71
N VAL A 72 0.18 14.82 -0.38
CA VAL A 72 1.10 14.66 -1.50
C VAL A 72 2.52 15.01 -1.10
N TRP A 73 3.49 14.25 -1.61
CA TRP A 73 4.89 14.49 -1.31
C TRP A 73 5.73 14.48 -2.58
N LYS A 74 6.29 15.64 -2.92
CA LYS A 74 7.12 15.77 -4.11
C LYS A 74 8.52 15.22 -3.86
N ASP A 75 8.81 14.07 -4.45
CA ASP A 75 10.11 13.43 -4.29
C ASP A 75 10.55 12.77 -5.60
N ALA A 76 11.86 12.70 -5.81
CA ALA A 76 12.41 12.10 -7.02
C ALA A 76 12.09 10.61 -7.07
N THR A 77 10.87 10.27 -7.46
CA THR A 77 10.45 8.88 -7.54
C THR A 77 9.18 8.74 -8.37
N TYR A 78 8.28 9.71 -8.23
CA TYR A 78 7.02 9.69 -8.96
C TYR A 78 7.26 9.68 -10.47
N SER A 79 8.48 10.07 -10.87
CA SER A 79 8.84 10.10 -12.28
C SER A 79 8.51 8.78 -12.96
N SER A 80 8.49 7.71 -12.18
CA SER A 80 8.20 6.38 -12.70
C SER A 80 6.86 6.37 -13.44
N LYS A 81 5.79 6.68 -12.71
CA LYS A 81 4.45 6.71 -13.28
C LYS A 81 3.48 7.44 -12.36
N ALA A 82 3.16 6.82 -11.24
CA ALA A 82 2.24 7.41 -10.28
C ALA A 82 2.95 8.46 -9.41
N ARG A 83 2.16 9.22 -8.66
CA ARG A 83 2.72 10.25 -7.79
C ARG A 83 3.04 9.69 -6.41
N LEU A 84 4.01 10.29 -5.74
CA LEU A 84 4.42 9.85 -4.41
C LEU A 84 3.80 10.74 -3.33
N HIS A 85 3.32 10.12 -2.26
CA HIS A 85 2.71 10.85 -1.16
C HIS A 85 3.28 10.40 0.18
N VAL A 86 2.96 11.15 1.24
CA VAL A 86 3.44 10.82 2.57
C VAL A 86 2.31 10.85 3.59
N CYS A 87 2.52 10.19 4.72
CA CYS A 87 1.51 10.14 5.78
C CYS A 87 1.81 11.18 6.87
N GLN A 88 0.75 11.70 7.47
CA GLN A 88 0.89 12.71 8.52
C GLN A 88 -0.06 12.43 9.67
N LYS A 89 0.48 12.39 10.89
CA LYS A 89 -0.33 12.13 12.08
C LYS A 89 -1.28 13.29 12.35
N ILE A 90 -2.57 13.06 12.15
CA ILE A 90 -3.58 14.08 12.39
C ILE A 90 -3.62 14.50 13.85
N MET A 3 -16.26 -17.55 2.85
CA MET A 3 -15.02 -17.49 2.07
C MET A 3 -13.80 -17.64 2.98
N PRO A 4 -12.67 -18.06 2.40
CA PRO A 4 -11.42 -18.25 3.13
C PRO A 4 -10.81 -16.93 3.59
N HIS A 5 -10.82 -16.70 4.89
CA HIS A 5 -10.27 -15.47 5.46
C HIS A 5 -8.80 -15.68 5.86
N ILE A 6 -7.90 -15.23 5.00
CA ILE A 6 -6.47 -15.36 5.26
C ILE A 6 -5.92 -14.10 5.93
N LYS A 7 -5.13 -14.31 6.99
CA LYS A 7 -4.53 -13.20 7.72
C LYS A 7 -3.17 -12.84 7.15
N GLY A 8 -2.60 -11.73 7.62
CA GLY A 8 -1.31 -11.28 7.14
C GLY A 8 -0.18 -11.72 8.05
N HIS A 9 0.02 -10.97 9.13
CA HIS A 9 1.08 -11.27 10.09
C HIS A 9 2.46 -11.00 9.48
N GLU A 10 2.48 -10.25 8.38
CA GLU A 10 3.73 -9.92 7.70
C GLU A 10 4.40 -11.18 7.16
N GLY A 11 4.03 -11.56 5.94
CA GLY A 11 4.62 -12.73 5.32
C GLY A 11 3.57 -13.75 4.91
N ASP A 12 2.38 -13.27 4.56
CA ASP A 12 1.29 -14.14 4.14
C ASP A 12 0.67 -13.65 2.84
N PRO A 13 0.34 -14.60 1.95
CA PRO A 13 -0.27 -14.29 0.65
C PRO A 13 -1.70 -13.77 0.78
N CYS A 14 -2.00 -12.69 0.07
CA CYS A 14 -3.33 -12.09 0.11
C CYS A 14 -4.00 -12.17 -1.26
N LEU A 15 -5.30 -12.37 -1.26
CA LEU A 15 -6.07 -12.46 -2.50
C LEU A 15 -7.10 -11.34 -2.59
N ARG A 16 -7.55 -10.85 -1.44
CA ARG A 16 -8.53 -9.78 -1.39
C ARG A 16 -7.85 -8.43 -1.15
N SER A 17 -8.62 -7.35 -1.27
CA SER A 17 -8.10 -6.00 -1.06
C SER A 17 -7.36 -5.90 0.27
N SER A 18 -7.75 -6.77 1.22
CA SER A 18 -7.13 -6.77 2.53
C SER A 18 -6.53 -8.13 2.85
N ASP A 19 -7.38 -9.06 3.27
CA ASP A 19 -6.93 -10.41 3.59
C ASP A 19 -5.72 -10.37 4.52
N CYS A 20 -5.74 -9.44 5.47
CA CYS A 20 -4.64 -9.30 6.42
C CYS A 20 -5.18 -9.10 7.84
N ILE A 21 -4.27 -9.12 8.81
CA ILE A 21 -4.65 -8.94 10.21
C ILE A 21 -5.50 -7.69 10.39
N ASP A 22 -6.27 -7.66 11.46
CA ASP A 22 -7.14 -6.53 11.75
C ASP A 22 -6.39 -5.21 11.60
N GLY A 23 -5.10 -5.24 11.91
CA GLY A 23 -4.28 -4.04 11.81
C GLY A 23 -3.19 -4.18 10.76
N PHE A 24 -3.51 -4.83 9.65
CA PHE A 24 -2.55 -5.03 8.58
C PHE A 24 -3.20 -4.80 7.22
N CYS A 25 -2.36 -4.56 6.21
CA CYS A 25 -2.84 -4.32 4.85
C CYS A 25 -2.04 -5.12 3.83
N CYS A 26 -2.73 -5.61 2.81
CA CYS A 26 -2.08 -6.40 1.76
C CYS A 26 -1.33 -5.49 0.78
N ALA A 27 -0.09 -5.84 0.48
CA ALA A 27 0.73 -5.07 -0.43
C ALA A 27 1.16 -5.91 -1.64
N ARG A 28 1.73 -5.25 -2.63
CA ARG A 28 2.18 -5.94 -3.84
C ARG A 28 3.70 -6.09 -3.84
N HIS A 29 4.17 -7.33 -4.02
CA HIS A 29 5.60 -7.61 -4.06
C HIS A 29 6.01 -8.22 -5.38
N PHE A 30 7.25 -8.00 -5.78
CA PHE A 30 7.78 -8.53 -7.03
C PHE A 30 7.43 -10.01 -7.17
N TRP A 31 8.04 -10.84 -6.32
CA TRP A 31 7.80 -12.28 -6.36
C TRP A 31 6.31 -12.58 -6.36
N THR A 32 5.62 -12.12 -5.33
CA THR A 32 4.18 -12.35 -5.20
C THR A 32 3.54 -11.37 -4.22
N LYS A 33 2.22 -11.35 -4.18
CA LYS A 33 1.49 -10.46 -3.28
C LYS A 33 1.51 -11.00 -1.85
N ILE A 34 1.98 -10.17 -0.92
CA ILE A 34 2.06 -10.55 0.48
C ILE A 34 1.36 -9.52 1.38
N CYS A 35 1.26 -9.85 2.66
CA CYS A 35 0.62 -8.94 3.61
C CYS A 35 1.66 -8.12 4.36
N LYS A 36 1.41 -6.82 4.48
CA LYS A 36 2.31 -5.92 5.16
C LYS A 36 1.58 -5.10 6.22
N PRO A 37 2.33 -4.61 7.22
CA PRO A 37 1.76 -3.80 8.32
C PRO A 37 1.31 -2.42 7.84
N VAL A 38 0.66 -1.69 8.73
CA VAL A 38 0.18 -0.35 8.41
C VAL A 38 1.31 0.67 8.44
N LEU A 39 1.08 1.81 7.80
CA LEU A 39 2.09 2.87 7.77
C LEU A 39 1.79 3.95 8.79
N HIS A 40 2.72 4.88 8.96
CA HIS A 40 2.55 5.97 9.92
C HIS A 40 3.07 7.28 9.33
N GLN A 41 2.81 8.38 10.04
CA GLN A 41 3.24 9.71 9.58
C GLN A 41 4.67 9.66 9.08
N GLY A 42 4.88 10.19 7.88
CA GLY A 42 6.22 10.20 7.31
C GLY A 42 6.41 9.12 6.28
N GLU A 43 5.57 8.08 6.33
CA GLU A 43 5.66 6.98 5.40
C GLU A 43 4.96 7.31 4.08
N VAL A 44 5.31 6.58 3.03
CA VAL A 44 4.71 6.80 1.71
C VAL A 44 3.22 6.50 1.73
N CYS A 45 2.45 7.30 1.00
CA CYS A 45 1.01 7.12 0.93
C CYS A 45 0.56 6.91 -0.52
N THR A 46 -0.61 6.30 -0.68
CA THR A 46 -1.15 6.03 -2.01
C THR A 46 -2.63 6.39 -2.08
N LYS A 47 -2.95 7.45 -2.81
CA LYS A 47 -4.33 7.89 -2.96
C LYS A 47 -4.78 7.77 -4.41
N GLN A 48 -3.90 7.26 -5.27
CA GLN A 48 -4.22 7.10 -6.68
C GLN A 48 -3.46 5.91 -7.27
N ARG A 49 -4.18 4.85 -7.59
CA ARG A 49 -3.58 3.65 -8.16
C ARG A 49 -4.47 3.06 -9.25
N LYS A 50 -4.00 3.16 -10.49
CA LYS A 50 -4.75 2.64 -11.63
C LYS A 50 -4.05 1.42 -12.24
N LYS A 51 -4.78 0.32 -12.34
CA LYS A 51 -4.23 -0.91 -12.90
C LYS A 51 -5.23 -1.56 -13.86
N GLY A 52 -4.70 -2.13 -14.95
CA GLY A 52 -5.56 -2.77 -15.93
C GLY A 52 -5.17 -2.42 -17.35
N SER A 53 -4.73 -1.18 -17.56
CA SER A 53 -4.33 -0.72 -18.88
C SER A 53 -3.02 -1.37 -19.31
N HIS A 54 -2.66 -1.18 -20.58
CA HIS A 54 -1.42 -1.75 -21.11
C HIS A 54 -0.21 -1.00 -20.57
N GLY A 55 0.66 -1.74 -19.87
CA GLY A 55 1.85 -1.14 -19.30
C GLY A 55 1.59 -0.50 -17.94
N LEU A 56 1.53 -1.34 -16.91
CA LEU A 56 1.29 -0.86 -15.55
C LEU A 56 2.50 -1.07 -14.67
N GLU A 57 2.52 -0.40 -13.51
CA GLU A 57 3.63 -0.53 -12.58
C GLU A 57 3.16 -1.08 -11.24
N ILE A 58 3.98 -1.94 -10.64
CA ILE A 58 3.64 -2.52 -9.34
C ILE A 58 3.79 -1.51 -8.22
N PHE A 59 2.89 -1.59 -7.23
CA PHE A 59 2.93 -0.68 -6.10
C PHE A 59 3.07 -1.45 -4.79
N GLN A 60 4.24 -1.36 -4.18
CA GLN A 60 4.51 -2.04 -2.92
C GLN A 60 4.35 -1.10 -1.74
N ARG A 61 3.11 -0.84 -1.35
CA ARG A 61 2.82 0.05 -0.23
C ARG A 61 1.43 -0.22 0.35
N CYS A 62 1.14 0.38 1.49
CA CYS A 62 -0.15 0.21 2.13
C CYS A 62 -0.66 1.53 2.69
N ASP A 63 -1.92 1.54 3.14
CA ASP A 63 -2.53 2.74 3.70
C ASP A 63 -1.92 3.09 5.05
N CYS A 64 -2.10 4.34 5.48
CA CYS A 64 -1.57 4.79 6.75
C CYS A 64 -2.43 4.31 7.91
N ALA A 65 -1.92 4.46 9.13
CA ALA A 65 -2.64 4.03 10.32
C ALA A 65 -3.86 4.92 10.56
N LYS A 66 -4.80 4.43 11.35
CA LYS A 66 -6.02 5.18 11.66
C LYS A 66 -5.68 6.50 12.33
N GLY A 67 -6.26 7.59 11.82
CA GLY A 67 -6.01 8.90 12.39
C GLY A 67 -4.96 9.67 11.61
N LEU A 68 -4.63 9.19 10.41
CA LEU A 68 -3.63 9.84 9.58
C LEU A 68 -4.25 10.35 8.29
N SER A 69 -3.64 11.38 7.71
CA SER A 69 -4.15 11.96 6.47
C SER A 69 -3.15 11.75 5.33
N CYS A 70 -3.68 11.45 4.14
CA CYS A 70 -2.84 11.22 2.96
C CYS A 70 -2.58 12.52 2.22
N LYS A 71 -1.35 12.99 2.28
CA LYS A 71 -0.96 14.23 1.60
C LYS A 71 0.07 13.96 0.52
N VAL A 72 0.06 14.79 -0.53
CA VAL A 72 1.00 14.64 -1.63
C VAL A 72 2.41 15.01 -1.20
N TRP A 73 3.39 14.26 -1.69
CA TRP A 73 4.79 14.50 -1.36
C TRP A 73 5.65 14.53 -2.62
N LYS A 74 6.17 15.71 -2.96
CA LYS A 74 7.00 15.86 -4.15
C LYS A 74 8.43 15.38 -3.87
N ASP A 75 8.77 14.21 -4.39
CA ASP A 75 10.10 13.65 -4.20
C ASP A 75 10.56 12.91 -5.45
N ALA A 76 11.87 12.88 -5.67
CA ALA A 76 12.44 12.21 -6.84
C ALA A 76 12.16 10.71 -6.79
N THR A 77 10.97 10.32 -7.22
CA THR A 77 10.57 8.92 -7.22
C THR A 77 9.33 8.70 -8.09
N TYR A 78 8.41 9.65 -8.03
CA TYR A 78 7.17 9.56 -8.81
C TYR A 78 7.47 9.52 -10.31
N SER A 79 8.68 9.92 -10.67
CA SER A 79 9.10 9.94 -12.06
C SER A 79 8.77 8.62 -12.75
N SER A 80 8.72 7.55 -11.97
CA SER A 80 8.42 6.22 -12.49
C SER A 80 7.12 6.24 -13.29
N LYS A 81 6.06 6.77 -12.68
CA LYS A 81 4.76 6.85 -13.32
C LYS A 81 3.74 7.52 -12.41
N ALA A 82 3.48 6.90 -11.28
CA ALA A 82 2.52 7.43 -10.30
C ALA A 82 3.15 8.54 -9.47
N ARG A 83 2.31 9.23 -8.70
CA ARG A 83 2.78 10.33 -7.86
C ARG A 83 3.20 9.81 -6.49
N LEU A 84 4.05 10.57 -5.81
CA LEU A 84 4.53 10.19 -4.48
C LEU A 84 3.78 10.96 -3.40
N HIS A 85 3.29 10.24 -2.40
CA HIS A 85 2.56 10.85 -1.29
C HIS A 85 3.14 10.42 0.06
N VAL A 86 2.77 11.13 1.11
CA VAL A 86 3.24 10.81 2.45
C VAL A 86 2.10 10.83 3.46
N CYS A 87 2.33 10.20 4.61
CA CYS A 87 1.32 10.13 5.65
C CYS A 87 1.57 11.20 6.72
N GLN A 88 0.49 11.68 7.33
CA GLN A 88 0.60 12.70 8.36
C GLN A 88 -0.36 12.43 9.51
N LYS A 89 0.16 12.43 10.73
CA LYS A 89 -0.67 12.18 11.91
C LYS A 89 -1.63 13.33 12.15
N ILE A 90 -2.92 13.05 12.00
CA ILE A 90 -3.95 14.06 12.20
C ILE A 90 -4.01 14.49 13.66
N MET A 3 -11.94 -20.71 1.41
CA MET A 3 -11.17 -19.48 1.45
C MET A 3 -11.63 -18.58 2.59
N PRO A 4 -11.28 -18.97 3.82
CA PRO A 4 -11.66 -18.21 5.02
C PRO A 4 -10.91 -16.89 5.12
N HIS A 5 -11.12 -16.18 6.22
CA HIS A 5 -10.47 -14.89 6.44
C HIS A 5 -8.97 -15.08 6.67
N ILE A 6 -8.20 -14.89 5.60
CA ILE A 6 -6.75 -15.03 5.68
C ILE A 6 -6.10 -13.78 6.25
N LYS A 7 -5.31 -13.96 7.30
CA LYS A 7 -4.63 -12.84 7.95
C LYS A 7 -3.28 -12.58 7.29
N GLY A 8 -2.64 -11.48 7.68
CA GLY A 8 -1.34 -11.14 7.12
C GLY A 8 -0.20 -11.68 7.95
N HIS A 9 0.03 -11.06 9.11
CA HIS A 9 1.10 -11.49 10.00
C HIS A 9 2.47 -11.26 9.36
N GLU A 10 2.48 -10.47 8.29
CA GLU A 10 3.72 -10.16 7.58
C GLU A 10 4.31 -11.43 6.96
N GLY A 11 3.83 -11.78 5.77
CA GLY A 11 4.32 -12.96 5.09
C GLY A 11 3.20 -13.92 4.72
N ASP A 12 2.05 -13.38 4.37
CA ASP A 12 0.91 -14.19 3.99
C ASP A 12 0.33 -13.74 2.63
N PRO A 13 0.02 -14.72 1.77
CA PRO A 13 -0.53 -14.45 0.44
C PRO A 13 -1.96 -13.91 0.51
N CYS A 14 -2.19 -12.77 -0.13
CA CYS A 14 -3.51 -12.15 -0.14
C CYS A 14 -4.00 -11.94 -1.56
N LEU A 15 -5.31 -11.90 -1.74
CA LEU A 15 -5.90 -11.71 -3.05
C LEU A 15 -7.19 -10.88 -2.96
N ARG A 16 -7.37 -10.23 -1.82
CA ARG A 16 -8.56 -9.40 -1.60
C ARG A 16 -8.16 -7.97 -1.22
N SER A 17 -9.14 -7.09 -1.18
CA SER A 17 -8.90 -5.69 -0.84
C SER A 17 -8.09 -5.58 0.46
N SER A 18 -8.23 -6.60 1.32
CA SER A 18 -7.52 -6.62 2.59
C SER A 18 -6.86 -7.97 2.83
N ASP A 19 -7.67 -8.96 3.18
CA ASP A 19 -7.18 -10.30 3.43
C ASP A 19 -5.97 -10.27 4.37
N CYS A 20 -6.00 -9.35 5.32
CA CYS A 20 -4.91 -9.20 6.28
C CYS A 20 -5.45 -8.97 7.68
N ILE A 21 -4.56 -8.97 8.67
CA ILE A 21 -4.95 -8.76 10.05
C ILE A 21 -5.85 -7.54 10.20
N ASP A 22 -6.63 -7.50 11.27
CA ASP A 22 -7.54 -6.38 11.51
C ASP A 22 -6.80 -5.05 11.40
N GLY A 23 -5.50 -5.08 11.65
CA GLY A 23 -4.70 -3.87 11.58
C GLY A 23 -3.60 -3.96 10.53
N PHE A 24 -3.82 -4.80 9.52
CA PHE A 24 -2.84 -4.98 8.46
C PHE A 24 -3.47 -4.74 7.09
N CYS A 25 -2.62 -4.49 6.10
CA CYS A 25 -3.09 -4.23 4.74
C CYS A 25 -2.30 -5.06 3.72
N CYS A 26 -2.99 -5.57 2.71
CA CYS A 26 -2.35 -6.37 1.68
C CYS A 26 -1.61 -5.48 0.68
N ALA A 27 -0.35 -5.81 0.42
CA ALA A 27 0.46 -5.04 -0.51
C ALA A 27 0.91 -5.90 -1.69
N ARG A 28 1.49 -5.26 -2.70
CA ARG A 28 1.97 -5.98 -3.87
C ARG A 28 3.49 -6.13 -3.85
N HIS A 29 3.97 -7.34 -4.09
CA HIS A 29 5.39 -7.62 -4.10
C HIS A 29 5.84 -8.19 -5.44
N PHE A 30 7.09 -7.93 -5.80
CA PHE A 30 7.64 -8.42 -7.06
C PHE A 30 7.36 -9.92 -7.23
N TRP A 31 7.97 -10.73 -6.39
CA TRP A 31 7.79 -12.18 -6.43
C TRP A 31 6.30 -12.53 -6.48
N THR A 32 5.57 -12.11 -5.45
CA THR A 32 4.14 -12.39 -5.37
C THR A 32 3.45 -11.44 -4.40
N LYS A 33 2.12 -11.48 -4.38
CA LYS A 33 1.34 -10.62 -3.51
C LYS A 33 1.35 -11.15 -2.08
N ILE A 34 1.80 -10.32 -1.14
CA ILE A 34 1.86 -10.70 0.26
C ILE A 34 1.18 -9.66 1.15
N CYS A 35 1.06 -9.97 2.43
CA CYS A 35 0.43 -9.06 3.38
C CYS A 35 1.49 -8.26 4.14
N LYS A 36 1.26 -6.96 4.26
CA LYS A 36 2.18 -6.08 4.97
C LYS A 36 1.45 -5.26 6.03
N PRO A 37 2.21 -4.80 7.04
CA PRO A 37 1.66 -3.99 8.13
C PRO A 37 1.23 -2.60 7.67
N VAL A 38 0.59 -1.85 8.57
CA VAL A 38 0.12 -0.51 8.26
C VAL A 38 1.28 0.49 8.31
N LEU A 39 1.07 1.64 7.68
CA LEU A 39 2.09 2.69 7.64
C LEU A 39 1.83 3.74 8.72
N HIS A 40 2.79 4.65 8.89
CA HIS A 40 2.67 5.70 9.88
C HIS A 40 3.22 7.03 9.33
N GLN A 41 3.00 8.11 10.08
CA GLN A 41 3.47 9.42 9.68
C GLN A 41 4.90 9.36 9.14
N GLY A 42 5.11 9.92 7.96
CA GLY A 42 6.44 9.91 7.36
C GLY A 42 6.58 8.83 6.31
N GLU A 43 5.66 7.88 6.29
CA GLU A 43 5.69 6.79 5.32
C GLU A 43 4.97 7.18 4.04
N VAL A 44 5.26 6.45 2.96
CA VAL A 44 4.65 6.72 1.67
C VAL A 44 3.14 6.49 1.71
N CYS A 45 2.38 7.39 1.11
CA CYS A 45 0.93 7.29 1.07
C CYS A 45 0.42 7.16 -0.36
N THR A 46 -0.75 6.56 -0.51
CA THR A 46 -1.34 6.37 -1.83
C THR A 46 -2.83 6.72 -1.82
N LYS A 47 -3.18 7.83 -2.47
CA LYS A 47 -4.57 8.26 -2.54
C LYS A 47 -5.10 8.18 -3.96
N GLN A 48 -4.24 7.76 -4.89
CA GLN A 48 -4.63 7.62 -6.28
C GLN A 48 -3.84 6.51 -6.96
N ARG A 49 -4.52 5.42 -7.28
CA ARG A 49 -3.89 4.28 -7.94
C ARG A 49 -4.80 3.68 -9.01
N LYS A 50 -4.40 3.83 -10.27
CA LYS A 50 -5.18 3.31 -11.38
C LYS A 50 -4.37 2.29 -12.18
N LYS A 51 -5.03 1.22 -12.61
CA LYS A 51 -4.39 0.18 -13.39
C LYS A 51 -5.28 -0.30 -14.51
N GLY A 52 -4.68 -0.60 -15.66
CA GLY A 52 -5.44 -1.07 -16.80
C GLY A 52 -4.75 -2.20 -17.54
N SER A 53 -4.24 -1.91 -18.72
CA SER A 53 -3.56 -2.92 -19.53
C SER A 53 -2.22 -3.30 -18.90
N HIS A 54 -1.61 -4.36 -19.42
CA HIS A 54 -0.32 -4.83 -18.92
C HIS A 54 0.79 -3.86 -19.28
N GLY A 55 1.97 -4.07 -18.70
CA GLY A 55 3.10 -3.20 -18.97
C GLY A 55 3.09 -1.94 -18.12
N LEU A 56 2.56 -2.06 -16.91
CA LEU A 56 2.49 -0.92 -16.00
C LEU A 56 3.39 -1.13 -14.79
N GLU A 57 3.58 -0.08 -14.00
CA GLU A 57 4.42 -0.16 -12.82
C GLU A 57 3.66 -0.76 -11.64
N ILE A 58 4.32 -1.63 -10.89
CA ILE A 58 3.70 -2.28 -9.74
C ILE A 58 3.62 -1.32 -8.56
N PHE A 59 2.54 -1.44 -7.79
CA PHE A 59 2.34 -0.58 -6.62
C PHE A 59 2.51 -1.37 -5.33
N GLN A 60 3.61 -1.13 -4.62
CA GLN A 60 3.88 -1.82 -3.37
C GLN A 60 3.81 -0.87 -2.19
N ARG A 61 2.58 -0.60 -1.73
CA ARG A 61 2.37 0.30 -0.60
C ARG A 61 0.99 0.07 0.02
N CYS A 62 0.86 0.45 1.29
CA CYS A 62 -0.40 0.29 2.00
C CYS A 62 -0.86 1.61 2.60
N ASP A 63 -2.09 1.63 3.11
CA ASP A 63 -2.65 2.83 3.73
C ASP A 63 -1.98 3.13 5.06
N CYS A 64 -2.12 4.36 5.53
CA CYS A 64 -1.52 4.76 6.80
C CYS A 64 -2.37 4.28 7.97
N ALA A 65 -1.82 4.39 9.17
CA ALA A 65 -2.53 3.96 10.37
C ALA A 65 -3.71 4.87 10.67
N LYS A 66 -4.64 4.38 11.47
CA LYS A 66 -5.83 5.15 11.83
C LYS A 66 -5.44 6.45 12.52
N GLY A 67 -6.01 7.56 12.06
CA GLY A 67 -5.71 8.86 12.64
C GLY A 67 -4.64 9.61 11.87
N LEU A 68 -4.38 9.16 10.64
CA LEU A 68 -3.38 9.80 9.80
C LEU A 68 -4.01 10.38 8.54
N SER A 69 -3.38 11.41 7.98
CA SER A 69 -3.89 12.05 6.77
C SER A 69 -2.92 11.84 5.61
N CYS A 70 -3.47 11.69 4.40
CA CYS A 70 -2.67 11.50 3.21
C CYS A 70 -2.35 12.82 2.54
N LYS A 71 -1.09 13.22 2.57
CA LYS A 71 -0.66 14.48 1.96
C LYS A 71 0.36 14.22 0.86
N VAL A 72 0.20 14.93 -0.26
CA VAL A 72 1.11 14.79 -1.39
C VAL A 72 2.54 15.13 -0.99
N TRP A 73 3.49 14.36 -1.53
CA TRP A 73 4.90 14.59 -1.23
C TRP A 73 5.74 14.60 -2.50
N LYS A 74 6.30 15.75 -2.83
CA LYS A 74 7.12 15.89 -4.03
C LYS A 74 8.53 15.32 -3.79
N ASP A 75 8.79 14.18 -4.41
CA ASP A 75 10.09 13.52 -4.26
C ASP A 75 10.52 12.88 -5.58
N ALA A 76 11.83 12.80 -5.81
CA ALA A 76 12.36 12.21 -7.02
C ALA A 76 12.04 10.72 -7.09
N THR A 77 10.81 10.40 -7.49
CA THR A 77 10.37 9.01 -7.59
C THR A 77 9.09 8.90 -8.42
N TYR A 78 8.20 9.87 -8.24
CA TYR A 78 6.93 9.89 -8.98
C TYR A 78 7.17 9.90 -10.48
N SER A 79 8.38 10.28 -10.88
CA SER A 79 8.74 10.34 -12.30
C SER A 79 8.39 9.03 -13.00
N SER A 80 8.37 7.94 -12.23
CA SER A 80 8.06 6.63 -12.77
C SER A 80 6.72 6.64 -13.50
N LYS A 81 5.67 7.05 -12.79
CA LYS A 81 4.34 7.11 -13.37
C LYS A 81 3.37 7.83 -12.42
N ALA A 82 3.05 7.17 -11.31
CA ALA A 82 2.14 7.74 -10.32
C ALA A 82 2.86 8.76 -9.44
N ARG A 83 2.08 9.51 -8.66
CA ARG A 83 2.64 10.52 -7.77
C ARG A 83 2.97 9.93 -6.40
N LEU A 84 3.94 10.51 -5.72
CA LEU A 84 4.35 10.04 -4.40
C LEU A 84 3.74 10.90 -3.30
N HIS A 85 3.26 10.27 -2.24
CA HIS A 85 2.65 10.97 -1.12
C HIS A 85 3.24 10.49 0.21
N VAL A 86 2.93 11.22 1.27
CA VAL A 86 3.43 10.86 2.60
C VAL A 86 2.30 10.87 3.62
N CYS A 87 2.52 10.18 4.74
CA CYS A 87 1.52 10.11 5.80
C CYS A 87 1.82 11.11 6.91
N GLN A 88 0.76 11.61 7.55
CA GLN A 88 0.92 12.58 8.63
C GLN A 88 -0.04 12.28 9.77
N LYS A 89 0.50 12.22 10.99
CA LYS A 89 -0.31 11.94 12.17
C LYS A 89 -1.25 13.10 12.47
N ILE A 90 -2.54 12.87 12.33
CA ILE A 90 -3.54 13.90 12.59
C ILE A 90 -3.58 14.26 14.08
N MET A 3 -8.48 -21.55 3.65
CA MET A 3 -9.34 -21.27 4.79
C MET A 3 -10.09 -19.96 4.59
N PRO A 4 -11.19 -19.79 5.34
CA PRO A 4 -12.02 -18.58 5.27
C PRO A 4 -11.31 -17.35 5.84
N HIS A 5 -11.23 -16.30 5.05
CA HIS A 5 -10.59 -15.06 5.48
C HIS A 5 -9.11 -15.30 5.77
N ILE A 6 -8.25 -14.88 4.83
CA ILE A 6 -6.81 -15.05 5.00
C ILE A 6 -6.19 -13.83 5.66
N LYS A 7 -5.55 -14.05 6.80
CA LYS A 7 -4.91 -12.97 7.55
C LYS A 7 -3.55 -12.63 6.93
N GLY A 8 -2.94 -11.54 7.41
CA GLY A 8 -1.65 -11.13 6.90
C GLY A 8 -0.50 -11.65 7.74
N HIS A 9 -0.31 -11.05 8.92
CA HIS A 9 0.76 -11.45 9.81
C HIS A 9 2.12 -11.15 9.22
N GLU A 10 2.14 -10.29 8.21
CA GLU A 10 3.38 -9.91 7.54
C GLU A 10 4.08 -11.14 6.97
N GLY A 11 3.65 -11.57 5.79
CA GLY A 11 4.24 -12.73 5.15
C GLY A 11 3.20 -13.75 4.71
N ASP A 12 2.05 -13.26 4.28
CA ASP A 12 0.97 -14.14 3.82
C ASP A 12 0.45 -13.68 2.46
N PRO A 13 0.16 -14.65 1.59
CA PRO A 13 -0.36 -14.39 0.24
C PRO A 13 -1.78 -13.85 0.26
N CYS A 14 -2.02 -12.78 -0.49
CA CYS A 14 -3.34 -12.16 -0.55
C CYS A 14 -3.76 -11.93 -2.00
N LEU A 15 -5.06 -11.81 -2.22
CA LEU A 15 -5.59 -11.59 -3.56
C LEU A 15 -6.89 -10.80 -3.50
N ARG A 16 -7.06 -10.03 -2.44
CA ARG A 16 -8.27 -9.23 -2.27
C ARG A 16 -7.92 -7.80 -1.87
N SER A 17 -8.93 -6.93 -1.85
CA SER A 17 -8.72 -5.53 -1.48
C SER A 17 -7.99 -5.41 -0.14
N SER A 18 -8.12 -6.45 0.68
CA SER A 18 -7.48 -6.46 1.99
C SER A 18 -6.91 -7.84 2.30
N ASP A 19 -7.78 -8.75 2.73
CA ASP A 19 -7.38 -10.11 3.07
C ASP A 19 -6.18 -10.10 4.00
N CYS A 20 -6.26 -9.27 5.06
CA CYS A 20 -5.19 -9.18 6.03
C CYS A 20 -5.75 -8.91 7.43
N ILE A 21 -4.87 -8.97 8.43
CA ILE A 21 -5.28 -8.73 9.81
C ILE A 21 -6.10 -7.45 9.93
N ASP A 22 -6.91 -7.38 10.98
CA ASP A 22 -7.75 -6.20 11.21
C ASP A 22 -6.93 -4.92 11.08
N GLY A 23 -5.65 -5.00 11.43
CA GLY A 23 -4.78 -3.84 11.34
C GLY A 23 -3.67 -4.02 10.34
N PHE A 24 -3.96 -4.72 9.25
CA PHE A 24 -2.97 -4.98 8.21
C PHE A 24 -3.55 -4.71 6.83
N CYS A 25 -2.67 -4.52 5.84
CA CYS A 25 -3.11 -4.26 4.47
C CYS A 25 -2.28 -5.08 3.48
N CYS A 26 -2.95 -5.59 2.45
CA CYS A 26 -2.27 -6.39 1.44
C CYS A 26 -1.51 -5.50 0.46
N ALA A 27 -0.27 -5.87 0.17
CA ALA A 27 0.57 -5.11 -0.75
C ALA A 27 0.99 -5.97 -1.94
N ARG A 28 1.58 -5.32 -2.95
CA ARG A 28 2.03 -6.02 -4.14
C ARG A 28 3.55 -6.11 -4.19
N HIS A 29 4.07 -7.31 -4.00
CA HIS A 29 5.52 -7.53 -4.02
C HIS A 29 5.97 -8.08 -5.38
N PHE A 30 7.21 -7.79 -5.75
CA PHE A 30 7.75 -8.27 -7.01
C PHE A 30 7.48 -9.75 -7.20
N TRP A 31 8.11 -10.57 -6.37
CA TRP A 31 7.94 -12.02 -6.46
C TRP A 31 6.46 -12.39 -6.51
N THR A 32 5.72 -11.97 -5.48
CA THR A 32 4.30 -12.26 -5.40
C THR A 32 3.59 -11.31 -4.44
N LYS A 33 2.26 -11.35 -4.43
CA LYS A 33 1.48 -10.49 -3.57
C LYS A 33 1.46 -11.03 -2.14
N ILE A 34 1.86 -10.19 -1.19
CA ILE A 34 1.90 -10.58 0.21
C ILE A 34 1.18 -9.55 1.08
N CYS A 35 1.03 -9.88 2.37
CA CYS A 35 0.36 -8.98 3.30
C CYS A 35 1.38 -8.18 4.11
N LYS A 36 1.14 -6.88 4.22
CA LYS A 36 2.04 -6.00 4.96
C LYS A 36 1.27 -5.20 6.01
N PRO A 37 1.98 -4.74 7.05
CA PRO A 37 1.38 -3.96 8.13
C PRO A 37 0.99 -2.56 7.68
N VAL A 38 0.36 -1.80 8.58
CA VAL A 38 -0.08 -0.46 8.27
C VAL A 38 1.08 0.53 8.31
N LEU A 39 0.90 1.69 7.70
CA LEU A 39 1.94 2.72 7.67
C LEU A 39 1.69 3.78 8.74
N HIS A 40 2.66 4.66 8.92
CA HIS A 40 2.53 5.73 9.90
C HIS A 40 3.13 7.04 9.36
N GLN A 41 2.92 8.12 10.10
CA GLN A 41 3.43 9.43 9.71
C GLN A 41 4.87 9.31 9.20
N GLY A 42 5.12 9.86 8.02
CA GLY A 42 6.45 9.81 7.45
C GLY A 42 6.63 8.69 6.45
N GLU A 43 5.58 7.89 6.28
CA GLU A 43 5.61 6.77 5.34
C GLU A 43 4.94 7.14 4.02
N VAL A 44 5.30 6.41 2.96
CA VAL A 44 4.74 6.66 1.64
C VAL A 44 3.24 6.38 1.62
N CYS A 45 2.49 7.31 1.01
CA CYS A 45 1.04 7.16 0.93
C CYS A 45 0.59 7.03 -0.53
N THR A 46 -0.58 6.45 -0.73
CA THR A 46 -1.12 6.26 -2.07
C THR A 46 -2.59 6.65 -2.13
N LYS A 47 -2.89 7.76 -2.80
CA LYS A 47 -4.26 8.23 -2.94
C LYS A 47 -4.73 8.13 -4.38
N GLN A 48 -3.84 7.71 -5.27
CA GLN A 48 -4.17 7.58 -6.68
C GLN A 48 -3.34 6.47 -7.33
N ARG A 49 -4.00 5.37 -7.67
CA ARG A 49 -3.33 4.23 -8.29
C ARG A 49 -4.18 3.66 -9.43
N LYS A 50 -3.66 3.78 -10.65
CA LYS A 50 -4.36 3.27 -11.82
C LYS A 50 -4.10 1.78 -12.02
N LYS A 51 -5.16 0.98 -11.97
CA LYS A 51 -5.04 -0.46 -12.14
C LYS A 51 -6.13 -0.98 -13.07
N GLY A 52 -5.72 -1.40 -14.27
CA GLY A 52 -6.67 -1.93 -15.24
C GLY A 52 -6.00 -2.74 -16.32
N SER A 53 -5.36 -2.05 -17.27
CA SER A 53 -4.68 -2.72 -18.38
C SER A 53 -3.33 -3.27 -17.93
N HIS A 54 -2.76 -4.15 -18.74
CA HIS A 54 -1.47 -4.75 -18.43
C HIS A 54 -0.33 -3.90 -18.97
N GLY A 55 0.80 -3.92 -18.28
CA GLY A 55 1.95 -3.15 -18.70
C GLY A 55 2.13 -1.89 -17.88
N LEU A 56 1.70 -1.93 -16.63
CA LEU A 56 1.82 -0.78 -15.74
C LEU A 56 2.82 -1.06 -14.61
N GLU A 57 3.19 -0.01 -13.89
CA GLU A 57 4.13 -0.15 -12.78
C GLU A 57 3.46 -0.77 -11.56
N ILE A 58 4.18 -1.66 -10.89
CA ILE A 58 3.64 -2.32 -9.70
C ILE A 58 3.56 -1.36 -8.52
N PHE A 59 2.53 -1.53 -7.70
CA PHE A 59 2.33 -0.68 -6.53
C PHE A 59 2.51 -1.47 -5.24
N GLN A 60 3.62 -1.23 -4.56
CA GLN A 60 3.90 -1.93 -3.30
C GLN A 60 3.82 -0.97 -2.12
N ARG A 61 2.60 -0.69 -1.67
CA ARG A 61 2.39 0.21 -0.55
C ARG A 61 1.01 -0.01 0.07
N CYS A 62 0.83 0.46 1.30
CA CYS A 62 -0.44 0.31 1.99
C CYS A 62 -0.90 1.64 2.58
N ASP A 63 -2.14 1.68 3.06
CA ASP A 63 -2.69 2.90 3.65
C ASP A 63 -2.06 3.19 5.01
N CYS A 64 -2.19 4.43 5.46
CA CYS A 64 -1.63 4.84 6.74
C CYS A 64 -2.51 4.37 7.90
N ALA A 65 -1.99 4.45 9.11
CA ALA A 65 -2.72 4.04 10.29
C ALA A 65 -3.87 4.99 10.58
N LYS A 66 -4.84 4.54 11.38
CA LYS A 66 -5.99 5.36 11.73
C LYS A 66 -5.54 6.65 12.43
N GLY A 67 -6.09 7.78 11.99
CA GLY A 67 -5.74 9.05 12.59
C GLY A 67 -4.66 9.78 11.81
N LEU A 68 -4.40 9.32 10.59
CA LEU A 68 -3.39 9.94 9.74
C LEU A 68 -4.02 10.55 8.50
N SER A 69 -3.35 11.56 7.94
CA SER A 69 -3.85 12.24 6.75
C SER A 69 -2.89 12.04 5.57
N CYS A 70 -3.43 11.58 4.44
CA CYS A 70 -2.62 11.36 3.25
C CYS A 70 -2.35 12.66 2.52
N LYS A 71 -1.11 13.12 2.57
CA LYS A 71 -0.72 14.35 1.91
C LYS A 71 0.31 14.09 0.80
N VAL A 72 0.29 14.93 -0.23
CA VAL A 72 1.22 14.77 -1.34
C VAL A 72 2.64 15.12 -0.93
N TRP A 73 3.60 14.36 -1.43
CA TRP A 73 5.01 14.59 -1.12
C TRP A 73 5.87 14.64 -2.38
N LYS A 74 6.39 15.81 -2.69
CA LYS A 74 7.22 15.99 -3.87
C LYS A 74 8.63 15.48 -3.62
N ASP A 75 8.96 14.33 -4.19
CA ASP A 75 10.29 13.74 -4.04
C ASP A 75 10.72 13.04 -5.31
N ALA A 76 12.03 13.00 -5.54
CA ALA A 76 12.57 12.35 -6.73
C ALA A 76 12.29 10.85 -6.72
N THR A 77 11.08 10.50 -7.15
CA THR A 77 10.67 9.09 -7.18
C THR A 77 9.42 8.91 -8.04
N TYR A 78 8.50 9.86 -7.93
CA TYR A 78 7.25 9.80 -8.70
C TYR A 78 7.53 9.81 -10.19
N SER A 79 8.75 10.20 -10.56
CA SER A 79 9.13 10.26 -11.97
C SER A 79 8.78 8.96 -12.68
N SER A 80 8.75 7.87 -11.92
CA SER A 80 8.43 6.56 -12.48
C SER A 80 7.12 6.61 -13.27
N LYS A 81 6.08 7.13 -12.64
CA LYS A 81 4.77 7.23 -13.27
C LYS A 81 3.75 7.88 -12.34
N ALA A 82 3.50 7.23 -11.21
CA ALA A 82 2.56 7.75 -10.22
C ALA A 82 3.19 8.84 -9.37
N ARG A 83 2.38 9.52 -8.57
CA ARG A 83 2.85 10.59 -7.71
C ARG A 83 3.29 10.04 -6.36
N LEU A 84 4.15 10.78 -5.67
CA LEU A 84 4.64 10.37 -4.35
C LEU A 84 3.92 11.12 -3.25
N HIS A 85 3.42 10.37 -2.26
CA HIS A 85 2.72 10.96 -1.13
C HIS A 85 3.28 10.47 0.19
N VAL A 86 2.98 11.18 1.27
CA VAL A 86 3.46 10.83 2.59
C VAL A 86 2.32 10.83 3.61
N CYS A 87 2.54 10.14 4.72
CA CYS A 87 1.54 10.06 5.78
C CYS A 87 1.84 11.08 6.88
N GLN A 88 0.78 11.65 7.46
CA GLN A 88 0.93 12.64 8.52
C GLN A 88 -0.01 12.32 9.68
N LYS A 89 0.56 12.20 10.88
CA LYS A 89 -0.22 11.91 12.07
C LYS A 89 -1.10 13.09 12.45
N ILE A 90 -2.41 12.96 12.24
CA ILE A 90 -3.35 14.02 12.56
C ILE A 90 -3.34 14.33 14.05
#